data_4MYH
#
_entry.id   4MYH
#
_cell.length_a   157.686
_cell.length_b   157.686
_cell.length_c   523.290
_cell.angle_alpha   90.00
_cell.angle_beta   90.00
_cell.angle_gamma   120.00
#
_symmetry.space_group_name_H-M   'P 65 2 2'
#
loop_
_entity.id
_entity.type
_entity.pdbx_description
1 polymer 'Iron-sulfur clusters transporter ATM1, mitochondrial'
2 non-polymer GLUTATHIONE
#
_entity_poly.entity_id   1
_entity_poly.type   'polypeptide(L)'
_entity_poly.pdbx_seq_one_letter_code
;YIWPKGNNKVRIRVLIALGLLISAKILNVQVPFFFKQTIDSMNIAWDDPTVALPAAIGLTILCYGVARFGSVLFGELRNA
VFAKVAQNAIRTVSLQTFQHLMKLDLGWHLSRQTGGLTRAMDRGTKGISQVLTAMVFHIIPISFEISVVCGILTYQFGAS
FAAITFSTMLLYSIFTIKTTAWRTHFRRDANKADNKAASVALDSLINFEAVKYFNNEKYLADKYNGSLMNYRDSQIKVSQ
SLAFLNSGQNLIFTTALTAMMYMGCTGVIGGNLTVGDLVLINQLVFQLSVPLNFLGSVYRDLKQSLIDMETLFKLRKNEV
KIKNAERPLMLPENVPYDITFENVTFGYHPDRKILKNASFTIPAGWKTAIVGSSGSGKSTILKLVFRFYDPESGRILING
RDIKEYDIDALRKVIGVVPQDTPLFNDTIWENVKFGRIDATDEEVITVVEKAQLAPLIKKLPQGFDTIVGERGLMISGGE
KQRLAIARVLLKNARIMFFDEATSALDTHTEQALLRTIRDNFTSGSRTSVYIAHRLRTIADADKIIVLDNGRVREEGKHL
ELLAMPGSLYRELWTIQEDLDHLENELKDQQELWSHPQ
;
_entity_poly.pdbx_strand_id   A,C,B
#
loop_
_chem_comp.id
_chem_comp.type
_chem_comp.name
_chem_comp.formula
GSH non-polymer GLUTATHIONE 'C10 H17 N3 O6 S'
#
# COMPACT_ATOMS: atom_id res chain seq x y z
N TYR A 1 35.35 -49.39 11.81
CA TYR A 1 34.28 -48.38 11.94
C TYR A 1 33.62 -48.47 13.31
N ILE A 2 32.74 -47.49 13.59
CA ILE A 2 31.90 -47.46 14.81
C ILE A 2 32.71 -47.67 16.11
N TRP A 3 32.38 -48.77 16.82
CA TRP A 3 33.04 -49.19 18.07
C TRP A 3 32.89 -48.09 19.12
N PRO A 4 31.65 -47.86 19.56
CA PRO A 4 31.33 -46.96 20.68
C PRO A 4 31.63 -47.65 22.05
N LYS A 5 31.63 -48.99 22.04
CA LYS A 5 31.86 -49.81 23.24
C LYS A 5 33.23 -50.52 23.19
N GLY A 6 33.90 -50.53 24.36
CA GLY A 6 35.22 -51.12 24.59
C GLY A 6 35.38 -51.92 25.90
N ASN A 7 35.44 -51.22 27.04
CA ASN A 7 35.46 -51.91 28.35
C ASN A 7 34.53 -51.29 29.44
N ASN A 8 33.24 -51.67 29.44
CA ASN A 8 32.22 -51.13 30.37
C ASN A 8 30.81 -51.84 30.42
N LYS A 9 29.95 -51.38 31.33
CA LYS A 9 28.60 -51.94 31.46
C LYS A 9 27.53 -51.07 30.78
N VAL A 10 27.93 -50.41 29.69
CA VAL A 10 26.98 -49.73 28.85
C VAL A 10 26.37 -50.78 27.91
N ARG A 11 27.11 -51.88 27.71
CA ARG A 11 26.68 -52.97 26.85
C ARG A 11 25.61 -53.79 27.57
N ILE A 12 25.55 -53.60 28.89
CA ILE A 12 24.50 -54.18 29.70
C ILE A 12 23.17 -53.64 29.21
N ARG A 13 23.14 -52.33 29.03
CA ARG A 13 21.95 -51.64 28.55
C ARG A 13 21.61 -52.10 27.13
N VAL A 14 22.65 -52.39 26.35
CA VAL A 14 22.46 -52.78 24.95
C VAL A 14 21.71 -54.12 24.84
N LEU A 15 22.05 -55.07 25.72
CA LEU A 15 21.39 -56.37 25.71
C LEU A 15 19.93 -56.19 26.09
N ILE A 16 19.71 -55.41 27.16
CA ILE A 16 18.38 -55.04 27.62
C ILE A 16 17.47 -54.52 26.51
N ALA A 17 17.99 -53.63 25.67
CA ALA A 17 17.22 -53.12 24.55
C ALA A 17 16.76 -54.29 23.69
N LEU A 18 17.71 -55.16 23.33
CA LEU A 18 17.46 -56.34 22.53
C LEU A 18 16.45 -57.29 23.18
N GLY A 19 16.54 -57.46 24.50
CA GLY A 19 15.61 -58.31 25.20
C GLY A 19 14.22 -57.71 25.05
N LEU A 20 14.13 -56.41 25.34
CA LEU A 20 12.89 -55.63 25.25
C LEU A 20 12.39 -55.55 23.84
N LEU A 21 13.32 -55.68 22.89
CA LEU A 21 12.98 -55.71 21.49
C LEU A 21 12.33 -57.05 21.11
N ILE A 22 13.06 -58.14 21.34
CA ILE A 22 12.57 -59.50 21.10
C ILE A 22 11.23 -59.71 21.80
N SER A 23 11.20 -59.35 23.09
CA SER A 23 10.04 -59.56 23.94
C SER A 23 8.88 -58.59 23.68
N ALA A 24 9.01 -57.74 22.67
CA ALA A 24 7.94 -56.80 22.37
C ALA A 24 7.23 -57.31 21.16
N LYS A 25 8.00 -58.03 20.34
CA LYS A 25 7.47 -58.62 19.12
C LYS A 25 6.78 -59.97 19.40
N ILE A 26 7.30 -60.70 20.39
CA ILE A 26 6.68 -61.94 20.85
C ILE A 26 5.29 -61.59 21.33
N LEU A 27 5.20 -60.58 22.18
CA LEU A 27 3.92 -60.07 22.68
C LEU A 27 2.97 -59.58 21.59
N ASN A 28 3.55 -59.17 20.44
CA ASN A 28 2.78 -58.68 19.30
C ASN A 28 2.15 -59.82 18.51
N VAL A 29 2.96 -60.83 18.16
CA VAL A 29 2.42 -61.96 17.40
C VAL A 29 1.45 -62.72 18.28
N GLN A 30 1.61 -62.57 19.59
CA GLN A 30 0.72 -63.27 20.47
C GLN A 30 -0.67 -62.66 20.48
N VAL A 31 -0.81 -61.42 20.06
CA VAL A 31 -2.12 -60.77 20.12
C VAL A 31 -3.23 -61.41 19.26
N PRO A 32 -2.92 -61.78 17.99
CA PRO A 32 -4.05 -62.30 17.23
C PRO A 32 -4.52 -63.70 17.67
N PHE A 33 -3.64 -64.46 18.32
CA PHE A 33 -4.02 -65.76 18.85
C PHE A 33 -5.15 -65.54 19.83
N PHE A 34 -4.96 -64.56 20.71
CA PHE A 34 -5.97 -64.26 21.72
C PHE A 34 -7.25 -63.75 21.10
N PHE A 35 -7.16 -63.15 19.92
CA PHE A 35 -8.36 -62.73 19.20
C PHE A 35 -9.07 -63.93 18.57
N LYS A 36 -8.30 -64.85 17.98
CA LYS A 36 -8.84 -66.05 17.33
C LYS A 36 -9.46 -67.00 18.35
N GLN A 37 -8.72 -67.26 19.41
CA GLN A 37 -9.18 -68.15 20.46
C GLN A 37 -10.44 -67.59 21.07
N THR A 38 -10.48 -66.28 21.32
CA THR A 38 -11.66 -65.68 21.94
C THR A 38 -12.87 -65.75 20.99
N ILE A 39 -12.63 -65.62 19.69
CA ILE A 39 -13.69 -65.79 18.69
C ILE A 39 -14.24 -67.22 18.75
N ASP A 40 -13.36 -68.22 18.69
CA ASP A 40 -13.78 -69.61 18.72
C ASP A 40 -14.47 -69.92 20.06
N SER A 41 -13.90 -69.40 21.16
CA SER A 41 -14.42 -69.65 22.51
C SER A 41 -15.75 -68.97 22.74
N MET A 42 -16.36 -68.45 21.68
CA MET A 42 -17.69 -67.91 21.79
C MET A 42 -18.64 -68.57 20.77
N ASN A 43 -18.10 -69.41 19.90
CA ASN A 43 -18.88 -70.12 18.87
C ASN A 43 -19.57 -71.39 19.42
N ILE A 44 -20.41 -71.23 20.46
CA ILE A 44 -21.05 -72.37 21.14
C ILE A 44 -22.55 -72.14 21.49
N ALA A 45 -23.09 -72.96 22.41
CA ALA A 45 -24.54 -73.05 22.69
C ALA A 45 -25.28 -71.78 23.12
N TRP A 46 -25.11 -71.41 24.37
CA TRP A 46 -25.73 -70.21 24.99
C TRP A 46 -27.28 -70.15 25.04
N ASP A 47 -27.94 -71.31 25.11
CA ASP A 47 -29.40 -71.38 25.14
C ASP A 47 -29.98 -70.86 26.46
N ASP A 48 -29.09 -70.67 27.45
CA ASP A 48 -29.40 -69.91 28.64
C ASP A 48 -28.68 -68.57 28.45
N PRO A 49 -29.43 -67.56 27.96
CA PRO A 49 -28.86 -66.27 27.57
C PRO A 49 -28.68 -65.35 28.77
N THR A 50 -28.75 -65.91 29.97
CA THR A 50 -28.59 -65.12 31.17
C THR A 50 -27.33 -65.52 31.96
N VAL A 51 -26.62 -66.54 31.46
CA VAL A 51 -25.36 -66.99 32.06
C VAL A 51 -24.29 -65.88 32.00
N ALA A 52 -23.51 -65.75 33.06
CA ALA A 52 -22.38 -64.83 33.03
C ALA A 52 -21.28 -65.41 32.12
N LEU A 53 -20.32 -64.58 31.76
CA LEU A 53 -19.21 -65.02 30.91
C LEU A 53 -18.27 -65.92 31.68
N PRO A 54 -17.97 -67.11 31.12
CA PRO A 54 -16.93 -67.95 31.73
C PRO A 54 -15.65 -67.13 31.98
N ALA A 55 -15.04 -67.26 33.16
CA ALA A 55 -13.80 -66.56 33.45
C ALA A 55 -12.66 -67.17 32.65
N ALA A 56 -12.90 -68.39 32.16
CA ALA A 56 -11.95 -69.14 31.37
C ALA A 56 -11.62 -68.39 30.11
N ILE A 57 -12.60 -67.62 29.65
CA ILE A 57 -12.47 -66.78 28.45
C ILE A 57 -12.37 -65.32 28.82
N GLY A 58 -12.94 -64.93 29.96
CA GLY A 58 -12.76 -63.59 30.49
C GLY A 58 -11.27 -63.31 30.63
N LEU A 59 -10.53 -64.33 31.07
CA LEU A 59 -9.08 -64.30 31.13
C LEU A 59 -8.44 -64.15 29.74
N THR A 60 -8.97 -64.88 28.76
CA THR A 60 -8.36 -64.86 27.43
C THR A 60 -8.46 -63.49 26.73
N ILE A 61 -9.54 -62.77 27.02
CA ILE A 61 -9.73 -61.43 26.45
C ILE A 61 -8.97 -60.33 27.24
N LEU A 62 -8.63 -60.62 28.50
CA LEU A 62 -7.72 -59.76 29.23
C LEU A 62 -6.38 -59.96 28.56
N CYS A 63 -6.06 -61.23 28.30
CA CYS A 63 -4.83 -61.58 27.60
C CYS A 63 -4.63 -60.82 26.32
N TYR A 64 -5.71 -60.63 25.58
CA TYR A 64 -5.67 -59.85 24.36
C TYR A 64 -5.10 -58.46 24.64
N GLY A 65 -5.74 -57.74 25.55
CA GLY A 65 -5.32 -56.41 25.96
C GLY A 65 -3.92 -56.35 26.51
N VAL A 66 -3.66 -57.13 27.55
CA VAL A 66 -2.33 -57.21 28.15
C VAL A 66 -1.41 -58.03 27.27
N ALA A 67 -1.21 -57.57 26.04
CA ALA A 67 -0.32 -58.21 25.09
C ALA A 67 -0.27 -57.21 23.97
N ARG A 68 -1.44 -56.59 23.75
CA ARG A 68 -1.57 -55.45 22.86
C ARG A 68 -0.85 -54.27 23.51
N PHE A 69 -1.24 -53.97 24.74
CA PHE A 69 -0.57 -52.94 25.51
C PHE A 69 0.86 -53.36 25.80
N GLY A 70 1.08 -54.65 26.02
CA GLY A 70 2.41 -55.14 26.31
C GLY A 70 3.41 -54.91 25.18
N SER A 71 2.93 -55.07 23.95
CA SER A 71 3.78 -54.95 22.76
C SER A 71 4.34 -53.54 22.61
N VAL A 72 3.46 -52.55 22.74
CA VAL A 72 3.89 -51.17 22.67
C VAL A 72 4.80 -50.80 23.81
N LEU A 73 4.38 -51.07 25.05
CA LEU A 73 5.12 -50.60 26.22
C LEU A 73 6.57 -51.08 26.20
N PHE A 74 6.79 -52.27 25.68
CA PHE A 74 8.13 -52.84 25.59
C PHE A 74 8.91 -52.23 24.41
N GLY A 75 8.17 -51.74 23.41
CA GLY A 75 8.77 -51.07 22.26
C GLY A 75 9.19 -49.66 22.65
N GLU A 76 8.36 -49.01 23.45
CA GLU A 76 8.73 -47.72 24.00
C GLU A 76 9.90 -47.89 24.95
N LEU A 77 9.88 -48.95 25.75
CA LEU A 77 10.92 -49.14 26.74
C LEU A 77 12.23 -49.56 26.05
N ARG A 78 12.11 -50.23 24.91
CA ARG A 78 13.28 -50.56 24.10
C ARG A 78 13.98 -49.27 23.66
N ASN A 79 13.15 -48.33 23.19
CA ASN A 79 13.61 -47.05 22.69
C ASN A 79 14.23 -46.17 23.76
N ALA A 80 13.56 -46.11 24.90
CA ALA A 80 13.97 -45.21 25.97
C ALA A 80 15.30 -45.66 26.56
N VAL A 81 15.58 -46.96 26.50
CA VAL A 81 16.86 -47.45 26.94
C VAL A 81 17.94 -47.07 25.93
N PHE A 82 17.73 -47.39 24.65
CA PHE A 82 18.79 -47.23 23.66
C PHE A 82 19.17 -45.77 23.41
N ALA A 83 18.26 -44.85 23.71
CA ALA A 83 18.57 -43.42 23.63
C ALA A 83 19.69 -43.06 24.62
N LYS A 84 19.65 -43.70 25.80
CA LYS A 84 20.66 -43.59 26.85
C LYS A 84 21.99 -44.18 26.35
N VAL A 85 21.93 -44.89 25.21
CA VAL A 85 23.13 -45.38 24.56
C VAL A 85 23.54 -44.37 23.51
N ALA A 86 22.58 -44.01 22.66
CA ALA A 86 22.76 -43.08 21.54
C ALA A 86 23.28 -41.72 21.96
N GLN A 87 22.51 -41.05 22.81
CA GLN A 87 22.88 -39.73 23.33
C GLN A 87 24.24 -39.74 24.04
N ASN A 88 24.64 -40.91 24.53
CA ASN A 88 25.94 -41.06 25.16
C ASN A 88 27.05 -41.09 24.09
N ALA A 89 26.79 -41.75 22.97
CA ALA A 89 27.79 -41.84 21.93
C ALA A 89 28.04 -40.47 21.33
N ILE A 90 26.96 -39.77 21.00
CA ILE A 90 27.04 -38.41 20.44
C ILE A 90 27.80 -37.46 21.37
N ARG A 91 27.44 -37.41 22.66
CA ARG A 91 28.17 -36.57 23.60
C ARG A 91 29.66 -36.92 23.61
N THR A 92 29.99 -38.21 23.71
CA THR A 92 31.40 -38.59 23.73
C THR A 92 32.13 -38.23 22.40
N VAL A 93 31.50 -38.47 21.27
CA VAL A 93 32.16 -38.18 19.99
C VAL A 93 32.34 -36.66 19.78
N SER A 94 31.27 -35.90 20.04
CA SER A 94 31.29 -34.45 19.83
C SER A 94 32.39 -33.70 20.59
N LEU A 95 32.84 -34.31 21.67
CA LEU A 95 33.89 -33.77 22.54
C LEU A 95 35.26 -34.19 22.03
N GLN A 96 35.44 -35.47 21.78
CA GLN A 96 36.72 -35.97 21.33
C GLN A 96 37.12 -35.38 19.97
N THR A 97 36.13 -35.06 19.14
CA THR A 97 36.42 -34.36 17.88
C THR A 97 36.88 -32.94 18.19
N PHE A 98 36.11 -32.23 19.02
CA PHE A 98 36.45 -30.88 19.47
C PHE A 98 37.83 -30.84 20.10
N GLN A 99 38.09 -31.78 21.00
CA GLN A 99 39.36 -31.82 21.70
C GLN A 99 40.51 -32.04 20.71
N HIS A 100 40.35 -33.00 19.82
CA HIS A 100 41.37 -33.29 18.84
C HIS A 100 41.48 -32.13 17.86
N LEU A 101 40.40 -31.38 17.70
CA LEU A 101 40.40 -30.27 16.77
C LEU A 101 41.42 -29.20 17.20
N MET A 102 41.58 -28.99 18.50
CA MET A 102 42.46 -27.90 18.91
C MET A 102 43.91 -28.34 19.08
N LYS A 103 44.10 -29.66 19.08
CA LYS A 103 45.42 -30.25 19.12
C LYS A 103 46.00 -30.19 17.71
N LEU A 104 45.16 -29.77 16.78
CA LEU A 104 45.58 -29.67 15.39
C LEU A 104 46.47 -28.45 15.22
N ASP A 105 47.27 -28.48 14.16
CA ASP A 105 48.24 -27.43 13.86
C ASP A 105 47.59 -26.20 13.17
N LEU A 106 48.19 -25.03 13.38
CA LEU A 106 47.63 -23.75 12.92
C LEU A 106 47.54 -23.68 11.40
N GLY A 107 48.50 -24.30 10.71
CA GLY A 107 48.50 -24.28 9.27
C GLY A 107 47.25 -24.98 8.78
N TRP A 108 46.92 -26.08 9.47
CA TRP A 108 45.71 -26.85 9.18
C TRP A 108 44.43 -26.02 9.33
N HIS A 109 44.27 -25.38 10.48
CA HIS A 109 43.08 -24.58 10.78
C HIS A 109 42.83 -23.45 9.77
N LEU A 110 43.91 -22.99 9.14
CA LEU A 110 43.83 -21.87 8.23
C LEU A 110 43.37 -22.25 6.84
N SER A 111 43.70 -23.45 6.40
CA SER A 111 43.18 -23.90 5.12
C SER A 111 41.68 -24.21 5.29
N ARG A 112 41.35 -24.99 6.33
CA ARG A 112 39.99 -25.44 6.61
C ARG A 112 39.01 -24.30 6.84
N GLN A 113 37.91 -24.36 6.08
CA GLN A 113 36.78 -23.44 6.23
C GLN A 113 36.10 -23.80 7.56
N THR A 114 35.98 -22.82 8.47
CA THR A 114 35.49 -23.13 9.82
C THR A 114 34.04 -23.60 9.79
N GLY A 115 33.27 -23.10 8.82
CA GLY A 115 31.89 -23.51 8.60
C GLY A 115 31.79 -24.91 7.98
N GLY A 116 32.72 -25.22 7.09
CA GLY A 116 32.78 -26.55 6.50
C GLY A 116 33.02 -27.55 7.62
N LEU A 117 33.64 -27.07 8.71
CA LEU A 117 33.93 -27.90 9.89
C LEU A 117 32.78 -27.96 10.89
N THR A 118 32.09 -26.84 11.06
CA THR A 118 31.01 -26.78 12.02
C THR A 118 29.87 -27.66 11.51
N ARG A 119 29.67 -27.66 10.18
CA ARG A 119 28.66 -28.49 9.56
C ARG A 119 29.10 -29.93 9.66
N ALA A 120 30.32 -30.21 9.19
CA ALA A 120 30.82 -31.59 9.15
C ALA A 120 30.71 -32.30 10.51
N MET A 121 30.93 -31.53 11.59
CA MET A 121 30.94 -32.16 12.90
C MET A 121 29.54 -32.24 13.46
N ASP A 122 28.69 -31.30 13.10
CA ASP A 122 27.30 -31.38 13.52
C ASP A 122 26.48 -32.44 12.77
N ARG A 123 26.60 -32.42 11.44
CA ARG A 123 25.91 -33.35 10.57
C ARG A 123 26.53 -34.73 10.69
N GLY A 124 27.66 -34.79 11.41
CA GLY A 124 28.31 -36.06 11.70
C GLY A 124 27.53 -36.80 12.78
N THR A 125 27.11 -36.08 13.82
CA THR A 125 26.33 -36.68 14.90
C THR A 125 24.89 -37.02 14.50
N LYS A 126 24.30 -36.20 13.63
CA LYS A 126 22.96 -36.46 13.08
C LYS A 126 22.97 -37.81 12.35
N GLY A 127 24.09 -38.11 11.67
CA GLY A 127 24.23 -39.32 10.90
C GLY A 127 24.48 -40.56 11.77
N ILE A 128 24.33 -40.40 13.08
CA ILE A 128 24.49 -41.52 13.97
C ILE A 128 23.12 -41.89 14.57
N SER A 129 22.37 -40.85 14.93
CA SER A 129 20.99 -41.01 15.36
C SER A 129 20.14 -41.33 14.12
N GLN A 130 20.80 -41.40 12.96
CA GLN A 130 20.08 -41.74 11.76
C GLN A 130 20.33 -43.19 11.47
N VAL A 131 21.52 -43.68 11.86
CA VAL A 131 21.93 -45.03 11.46
C VAL A 131 21.73 -46.08 12.56
N LEU A 132 21.85 -45.64 13.82
CA LEU A 132 21.54 -46.52 14.94
C LEU A 132 20.01 -46.62 15.09
N THR A 133 19.31 -45.58 14.67
CA THR A 133 17.85 -45.62 14.66
C THR A 133 17.34 -46.55 13.57
N ALA A 134 17.97 -46.49 12.40
CA ALA A 134 17.58 -47.35 11.30
C ALA A 134 17.62 -48.84 11.68
N MET A 135 18.65 -49.22 12.42
CA MET A 135 18.80 -50.61 12.82
C MET A 135 17.82 -50.98 13.89
N VAL A 136 17.97 -50.35 15.04
CA VAL A 136 17.31 -50.80 16.25
C VAL A 136 15.82 -50.49 16.33
N PHE A 137 15.38 -49.43 15.66
CA PHE A 137 13.99 -49.06 15.78
C PHE A 137 13.20 -49.57 14.59
N HIS A 138 13.89 -50.02 13.56
CA HIS A 138 13.20 -50.40 12.35
C HIS A 138 13.62 -51.81 11.87
N ILE A 139 14.82 -51.91 11.29
CA ILE A 139 15.31 -53.14 10.63
C ILE A 139 15.26 -54.42 11.50
N ILE A 140 15.89 -54.39 12.67
CA ILE A 140 15.90 -55.53 13.60
C ILE A 140 14.48 -55.91 14.07
N PRO A 141 13.70 -54.92 14.54
CA PRO A 141 12.30 -55.27 14.86
C PRO A 141 11.52 -55.87 13.65
N ILE A 142 11.73 -55.32 12.45
CA ILE A 142 11.03 -55.78 11.25
C ILE A 142 11.66 -57.05 10.71
N SER A 143 12.88 -57.37 11.15
CA SER A 143 13.54 -58.59 10.72
C SER A 143 13.03 -59.76 11.53
N PHE A 144 13.02 -59.55 12.83
CA PHE A 144 12.58 -60.56 13.78
C PHE A 144 11.13 -60.90 13.54
N GLU A 145 10.30 -59.85 13.50
CA GLU A 145 8.86 -60.04 13.34
C GLU A 145 8.50 -60.74 12.03
N ILE A 146 9.14 -60.36 10.93
CA ILE A 146 8.90 -61.02 9.65
C ILE A 146 9.41 -62.47 9.66
N SER A 147 10.55 -62.69 10.31
CA SER A 147 11.07 -64.04 10.47
C SER A 147 10.05 -64.89 11.25
N VAL A 148 9.71 -64.42 12.44
CA VAL A 148 8.77 -65.13 13.29
C VAL A 148 7.47 -65.39 12.54
N VAL A 149 6.87 -64.34 11.96
CA VAL A 149 5.57 -64.49 11.30
C VAL A 149 5.58 -65.54 10.19
N CYS A 150 6.55 -65.49 9.28
CA CYS A 150 6.59 -66.51 8.23
C CYS A 150 6.93 -67.88 8.83
N GLY A 151 7.59 -67.87 9.98
CA GLY A 151 7.89 -69.12 10.63
C GLY A 151 6.60 -69.81 11.02
N ILE A 152 5.78 -69.09 11.77
CA ILE A 152 4.48 -69.57 12.24
C ILE A 152 3.57 -69.98 11.07
N LEU A 153 3.62 -69.18 10.00
CA LEU A 153 2.82 -69.47 8.80
C LEU A 153 3.19 -70.83 8.21
N THR A 154 4.49 -71.09 8.03
CA THR A 154 4.96 -72.41 7.60
C THR A 154 4.40 -73.46 8.54
N TYR A 155 4.60 -73.21 9.83
CA TYR A 155 4.19 -74.14 10.88
C TYR A 155 2.68 -74.34 10.97
N GLN A 156 1.91 -73.25 11.04
CA GLN A 156 0.50 -73.40 11.36
C GLN A 156 -0.50 -73.31 10.17
N PHE A 157 -0.06 -72.81 9.03
CA PHE A 157 -0.98 -72.67 7.90
C PHE A 157 -0.37 -73.17 6.61
N GLY A 158 0.93 -73.41 6.67
CA GLY A 158 1.65 -73.94 5.54
C GLY A 158 2.51 -72.92 4.81
N ALA A 159 3.58 -73.41 4.20
CA ALA A 159 4.50 -72.52 3.51
C ALA A 159 3.78 -71.86 2.32
N SER A 160 2.58 -72.35 2.00
CA SER A 160 1.75 -71.81 0.93
C SER A 160 1.48 -70.35 1.24
N PHE A 161 1.14 -70.10 2.49
CA PHE A 161 0.93 -68.75 3.01
C PHE A 161 2.25 -67.97 3.13
N ALA A 162 3.18 -68.55 3.89
CA ALA A 162 4.47 -67.92 4.17
C ALA A 162 5.14 -67.44 2.89
N ALA A 163 5.00 -68.22 1.82
CA ALA A 163 5.62 -67.89 0.55
C ALA A 163 5.16 -66.52 0.08
N ILE A 164 3.84 -66.31 0.12
CA ILE A 164 3.26 -65.10 -0.43
C ILE A 164 3.35 -63.89 0.51
N THR A 165 3.49 -64.15 1.81
CA THR A 165 3.71 -63.09 2.81
C THR A 165 5.07 -62.46 2.56
N PHE A 166 6.11 -63.27 2.71
CA PHE A 166 7.46 -62.82 2.48
C PHE A 166 7.65 -62.24 1.08
N SER A 167 6.94 -62.81 0.10
CA SER A 167 7.04 -62.32 -1.25
C SER A 167 6.49 -60.90 -1.31
N THR A 168 5.35 -60.71 -0.66
CA THR A 168 4.68 -59.41 -0.63
C THR A 168 5.54 -58.34 0.03
N MET A 169 6.20 -58.72 1.12
CA MET A 169 7.14 -57.84 1.80
C MET A 169 8.25 -57.37 0.87
N LEU A 170 8.77 -58.32 0.09
CA LEU A 170 9.84 -58.04 -0.87
C LEU A 170 9.35 -57.17 -2.04
N LEU A 171 8.15 -57.48 -2.56
CA LEU A 171 7.53 -56.65 -3.59
C LEU A 171 7.28 -55.23 -3.06
N TYR A 172 6.97 -55.14 -1.76
CA TYR A 172 6.70 -53.86 -1.11
C TYR A 172 7.94 -53.02 -1.08
N SER A 173 9.06 -53.65 -0.73
CA SER A 173 10.38 -52.98 -0.68
C SER A 173 10.81 -52.52 -2.07
N ILE A 174 10.89 -53.48 -2.97
CA ILE A 174 11.31 -53.19 -4.32
C ILE A 174 10.21 -52.52 -5.16
N PHE A 175 9.30 -51.83 -4.47
CA PHE A 175 8.37 -50.89 -5.10
C PHE A 175 8.52 -49.56 -4.40
N THR A 176 8.53 -49.64 -3.07
CA THR A 176 8.71 -48.45 -2.24
C THR A 176 10.01 -47.71 -2.63
N ILE A 177 11.14 -48.40 -2.55
CA ILE A 177 12.42 -47.79 -2.89
C ILE A 177 12.49 -47.34 -4.37
N LYS A 178 12.14 -48.24 -5.29
CA LYS A 178 12.18 -47.92 -6.73
C LYS A 178 11.19 -46.80 -7.11
N THR A 179 10.33 -46.45 -6.17
CA THR A 179 9.44 -45.31 -6.36
C THR A 179 10.02 -44.10 -5.60
N THR A 180 10.44 -44.34 -4.36
CA THR A 180 10.90 -43.27 -3.50
C THR A 180 12.16 -42.61 -4.02
N ALA A 181 13.08 -43.43 -4.53
CA ALA A 181 14.35 -42.87 -5.02
C ALA A 181 14.01 -42.10 -6.30
N TRP A 182 12.94 -42.53 -6.95
CA TRP A 182 12.49 -41.86 -8.16
C TRP A 182 11.90 -40.50 -7.82
N ARG A 183 11.17 -40.45 -6.72
CA ARG A 183 10.33 -39.29 -6.46
C ARG A 183 11.09 -38.11 -5.82
N THR A 184 12.40 -38.24 -5.60
CA THR A 184 13.17 -37.06 -5.17
C THR A 184 13.34 -36.07 -6.37
N HIS A 185 13.11 -36.58 -7.60
CA HIS A 185 13.22 -35.78 -8.82
C HIS A 185 12.19 -34.65 -8.80
N PHE A 186 11.57 -34.37 -7.65
CA PHE A 186 10.50 -33.36 -7.56
C PHE A 186 10.75 -32.39 -6.42
N ARG A 187 11.15 -32.91 -5.27
CA ARG A 187 11.43 -32.05 -4.14
C ARG A 187 12.70 -31.25 -4.43
N ARG A 188 13.65 -31.91 -5.08
CA ARG A 188 14.88 -31.27 -5.47
C ARG A 188 14.57 -30.25 -6.61
N ASP A 189 13.35 -30.34 -7.15
CA ASP A 189 12.91 -29.41 -8.18
C ASP A 189 11.96 -28.41 -7.59
N ALA A 190 11.27 -28.80 -6.52
CA ALA A 190 10.30 -27.88 -5.89
C ALA A 190 11.01 -26.78 -5.11
N ASN A 191 11.91 -27.17 -4.20
CA ASN A 191 12.65 -26.19 -3.42
C ASN A 191 13.68 -25.43 -4.30
N LYS A 192 13.85 -25.92 -5.54
CA LYS A 192 14.63 -25.21 -6.52
C LYS A 192 13.91 -23.93 -6.89
N ALA A 193 12.69 -24.10 -7.41
CA ALA A 193 11.84 -22.99 -7.81
C ALA A 193 11.51 -22.12 -6.62
N ASP A 194 11.40 -22.75 -5.46
CA ASP A 194 11.11 -22.02 -4.23
C ASP A 194 12.19 -20.97 -4.00
N ASN A 195 13.42 -21.37 -4.26
CA ASN A 195 14.56 -20.48 -4.15
C ASN A 195 14.62 -19.46 -5.28
N LYS A 196 14.23 -19.87 -6.49
CA LYS A 196 14.18 -18.93 -7.59
C LYS A 196 13.24 -17.79 -7.27
N ALA A 197 12.01 -18.12 -6.91
CA ALA A 197 11.02 -17.12 -6.47
C ALA A 197 11.44 -16.41 -5.18
N ALA A 198 12.20 -17.10 -4.35
CA ALA A 198 12.70 -16.49 -3.13
C ALA A 198 13.63 -15.33 -3.46
N SER A 199 14.51 -15.55 -4.45
CA SER A 199 15.52 -14.57 -4.84
C SER A 199 14.94 -13.38 -5.60
N VAL A 200 13.96 -13.64 -6.48
CA VAL A 200 13.26 -12.57 -7.18
C VAL A 200 12.61 -11.61 -6.21
N ALA A 201 11.86 -12.15 -5.26
CA ALA A 201 11.17 -11.30 -4.30
C ALA A 201 12.16 -10.51 -3.42
N LEU A 202 13.35 -11.07 -3.19
CA LEU A 202 14.35 -10.38 -2.36
C LEU A 202 15.01 -9.20 -3.07
N ASP A 203 15.46 -9.37 -4.31
CA ASP A 203 16.00 -8.24 -5.08
C ASP A 203 14.97 -7.14 -5.15
N SER A 204 13.73 -7.55 -5.32
CA SER A 204 12.60 -6.64 -5.46
C SER A 204 12.29 -5.90 -4.18
N LEU A 205 12.97 -6.28 -3.11
CA LEU A 205 12.74 -5.67 -1.81
C LEU A 205 13.94 -4.86 -1.38
N ILE A 206 15.14 -5.35 -1.74
CA ILE A 206 16.37 -4.63 -1.46
C ILE A 206 16.46 -3.52 -2.49
N ASN A 207 16.45 -3.91 -3.77
CA ASN A 207 16.55 -2.95 -4.85
C ASN A 207 15.21 -2.28 -5.13
N PHE A 208 14.48 -1.98 -4.07
CA PHE A 208 13.16 -1.36 -4.15
C PHE A 208 13.25 -0.05 -4.90
N GLU A 209 14.31 0.71 -4.64
CA GLU A 209 14.47 1.97 -5.33
C GLU A 209 14.71 1.72 -6.80
N ALA A 210 15.59 0.79 -7.12
CA ALA A 210 15.92 0.49 -8.51
C ALA A 210 14.72 0.13 -9.38
N VAL A 211 13.78 -0.63 -8.84
CA VAL A 211 12.58 -0.98 -9.60
C VAL A 211 11.63 0.21 -9.70
N LYS A 212 11.78 1.13 -8.76
CA LYS A 212 10.96 2.33 -8.72
C LYS A 212 11.46 3.33 -9.73
N TYR A 213 12.78 3.50 -9.80
CA TYR A 213 13.43 4.45 -10.72
C TYR A 213 13.14 4.09 -12.15
N PHE A 214 12.69 2.85 -12.35
CA PHE A 214 12.34 2.41 -13.68
C PHE A 214 10.87 2.05 -13.79
N ASN A 215 10.53 1.39 -14.89
CA ASN A 215 9.17 0.90 -15.12
C ASN A 215 8.85 -0.23 -14.13
N ASN A 216 8.81 -1.43 -14.69
CA ASN A 216 8.85 -2.69 -13.93
C ASN A 216 7.73 -2.85 -12.90
N GLU A 217 8.06 -3.29 -11.68
CA GLU A 217 7.01 -3.64 -10.70
C GLU A 217 6.16 -4.75 -11.28
N LYS A 218 5.43 -4.46 -12.36
CA LYS A 218 4.76 -5.52 -13.12
C LYS A 218 5.75 -6.50 -13.70
N TYR A 219 6.89 -6.01 -14.19
CA TYR A 219 7.90 -6.91 -14.73
C TYR A 219 8.31 -7.93 -13.69
N LEU A 220 8.68 -7.44 -12.51
CA LEU A 220 9.08 -8.33 -11.41
C LEU A 220 7.90 -9.14 -10.82
N ALA A 221 6.70 -8.57 -10.85
CA ALA A 221 5.53 -9.26 -10.34
C ALA A 221 5.25 -10.52 -11.14
N ASP A 222 5.15 -10.42 -12.47
CA ASP A 222 4.88 -11.64 -13.23
C ASP A 222 6.18 -12.31 -13.62
N LYS A 223 7.26 -11.88 -12.99
CA LYS A 223 8.48 -12.67 -13.01
C LYS A 223 8.48 -13.57 -11.78
N TYR A 224 7.82 -13.09 -10.72
CA TYR A 224 7.60 -13.82 -9.48
C TYR A 224 6.55 -14.86 -9.77
N ASN A 225 5.43 -14.40 -10.32
CA ASN A 225 4.33 -15.26 -10.69
C ASN A 225 4.79 -16.39 -11.60
N GLY A 226 5.80 -16.11 -12.41
CA GLY A 226 6.44 -17.12 -13.23
C GLY A 226 7.11 -18.19 -12.37
N SER A 227 7.99 -17.75 -11.48
CA SER A 227 8.68 -18.64 -10.57
C SER A 227 7.73 -19.29 -9.58
N LEU A 228 6.71 -18.54 -9.18
CA LEU A 228 5.68 -19.08 -8.30
C LEU A 228 4.89 -20.20 -8.98
N MET A 229 4.60 -20.02 -10.27
CA MET A 229 3.82 -21.02 -10.98
C MET A 229 4.65 -22.26 -11.29
N ASN A 230 5.94 -22.08 -11.50
CA ASN A 230 6.83 -23.22 -11.66
C ASN A 230 6.84 -24.07 -10.42
N TYR A 231 6.85 -23.42 -9.26
CA TYR A 231 6.91 -24.10 -7.97
C TYR A 231 5.59 -24.75 -7.60
N ARG A 232 4.48 -24.09 -7.89
CA ARG A 232 3.16 -24.65 -7.66
C ARG A 232 3.06 -25.95 -8.46
N ASP A 233 3.37 -25.88 -9.75
CA ASP A 233 3.32 -27.05 -10.61
C ASP A 233 4.20 -28.19 -10.09
N SER A 234 5.32 -27.82 -9.46
CA SER A 234 6.26 -28.81 -8.96
C SER A 234 5.78 -29.42 -7.67
N GLN A 235 5.24 -28.62 -6.78
CA GLN A 235 4.76 -29.18 -5.53
C GLN A 235 3.55 -30.05 -5.83
N ILE A 236 2.81 -29.69 -6.88
CA ILE A 236 1.64 -30.49 -7.30
C ILE A 236 2.07 -31.91 -7.73
N LYS A 237 3.21 -32.01 -8.40
CA LYS A 237 3.71 -33.30 -8.82
C LYS A 237 4.19 -34.14 -7.63
N VAL A 238 4.50 -33.49 -6.52
CA VAL A 238 4.93 -34.18 -5.31
C VAL A 238 3.74 -34.83 -4.63
N SER A 239 2.71 -34.02 -4.39
CA SER A 239 1.48 -34.48 -3.74
C SER A 239 0.87 -35.60 -4.57
N GLN A 240 0.90 -35.45 -5.88
CA GLN A 240 0.42 -36.48 -6.77
C GLN A 240 1.26 -37.75 -6.75
N SER A 241 2.58 -37.64 -6.74
CA SER A 241 3.39 -38.85 -6.73
C SER A 241 3.18 -39.55 -5.40
N LEU A 242 3.00 -38.78 -4.34
CA LEU A 242 2.80 -39.35 -3.02
C LEU A 242 1.54 -40.21 -3.02
N ALA A 243 0.48 -39.72 -3.64
CA ALA A 243 -0.75 -40.49 -3.71
C ALA A 243 -0.43 -41.82 -4.34
N PHE A 244 0.16 -41.77 -5.54
CA PHE A 244 0.56 -42.99 -6.23
C PHE A 244 1.37 -43.89 -5.33
N LEU A 245 2.32 -43.33 -4.58
CA LEU A 245 3.11 -44.17 -3.66
C LEU A 245 2.24 -44.87 -2.60
N ASN A 246 1.35 -44.12 -1.96
CA ASN A 246 0.55 -44.70 -0.90
C ASN A 246 -0.50 -45.67 -1.42
N SER A 247 -1.02 -45.41 -2.61
CA SER A 247 -2.00 -46.32 -3.19
C SER A 247 -1.34 -47.60 -3.66
N GLY A 248 -0.15 -47.50 -4.24
CA GLY A 248 0.59 -48.68 -4.67
C GLY A 248 0.92 -49.57 -3.49
N GLN A 249 1.22 -48.95 -2.36
CA GLN A 249 1.61 -49.66 -1.14
C GLN A 249 0.43 -50.38 -0.50
N ASN A 250 -0.73 -49.75 -0.57
CA ASN A 250 -1.96 -50.32 -0.02
C ASN A 250 -2.51 -51.45 -0.90
N LEU A 251 -2.48 -51.22 -2.21
CA LEU A 251 -2.91 -52.21 -3.20
C LEU A 251 -2.08 -53.49 -3.06
N ILE A 252 -0.81 -53.37 -2.72
CA ILE A 252 -0.01 -54.55 -2.45
C ILE A 252 -0.60 -55.34 -1.28
N PHE A 253 -0.80 -54.68 -0.15
CA PHE A 253 -1.30 -55.40 0.99
C PHE A 253 -2.74 -55.82 0.83
N THR A 254 -3.58 -54.92 0.31
CA THR A 254 -4.99 -55.24 0.18
C THR A 254 -5.23 -56.51 -0.63
N THR A 255 -4.54 -56.67 -1.75
CA THR A 255 -4.69 -57.91 -2.51
C THR A 255 -4.01 -59.05 -1.77
N ALA A 256 -2.82 -58.80 -1.24
CA ALA A 256 -2.10 -59.82 -0.47
C ALA A 256 -2.99 -60.41 0.63
N LEU A 257 -3.69 -59.51 1.30
CA LEU A 257 -4.62 -59.85 2.35
C LEU A 257 -5.90 -60.49 1.81
N THR A 258 -6.47 -59.88 0.78
CA THR A 258 -7.69 -60.38 0.18
C THR A 258 -7.50 -61.80 -0.36
N ALA A 259 -6.43 -62.02 -1.10
CA ALA A 259 -6.11 -63.34 -1.65
C ALA A 259 -5.84 -64.41 -0.56
N MET A 260 -5.35 -63.97 0.59
CA MET A 260 -5.10 -64.89 1.68
C MET A 260 -6.41 -65.31 2.33
N MET A 261 -7.35 -64.37 2.45
CA MET A 261 -8.63 -64.68 3.08
C MET A 261 -9.42 -65.63 2.23
N TYR A 262 -9.18 -65.57 0.92
CA TYR A 262 -9.66 -66.60 0.03
C TYR A 262 -9.04 -67.93 0.47
N MET A 263 -7.71 -68.00 0.40
CA MET A 263 -6.94 -69.17 0.84
C MET A 263 -7.34 -69.69 2.22
N GLY A 264 -7.84 -68.81 3.07
CA GLY A 264 -8.22 -69.22 4.40
C GLY A 264 -9.55 -69.92 4.38
N CYS A 265 -10.41 -69.49 3.46
CA CYS A 265 -11.77 -70.00 3.34
C CYS A 265 -11.86 -71.36 2.69
N THR A 266 -10.82 -71.72 1.95
CA THR A 266 -10.73 -73.06 1.44
C THR A 266 -10.42 -74.04 2.59
N GLY A 267 -9.63 -73.58 3.56
CA GLY A 267 -9.22 -74.37 4.71
C GLY A 267 -10.28 -74.47 5.78
N VAL A 268 -11.33 -73.68 5.63
CA VAL A 268 -12.53 -73.79 6.45
C VAL A 268 -13.50 -74.80 5.81
N ILE A 269 -13.54 -74.82 4.47
CA ILE A 269 -14.26 -75.87 3.75
C ILE A 269 -13.53 -77.20 3.86
N GLY A 270 -12.22 -77.19 3.65
CA GLY A 270 -11.41 -78.39 3.81
C GLY A 270 -11.30 -78.82 5.27
N GLY A 271 -12.02 -78.11 6.15
CA GLY A 271 -12.09 -78.44 7.57
C GLY A 271 -10.83 -78.24 8.38
N ASN A 272 -9.73 -77.90 7.71
CA ASN A 272 -8.40 -77.71 8.34
C ASN A 272 -8.30 -76.50 9.29
N LEU A 273 -9.00 -75.42 8.95
CA LEU A 273 -8.93 -74.16 9.68
C LEU A 273 -10.23 -73.77 10.37
N THR A 274 -10.11 -73.28 11.60
CA THR A 274 -11.27 -72.72 12.29
C THR A 274 -11.62 -71.37 11.64
N VAL A 275 -12.63 -70.70 12.18
CA VAL A 275 -13.05 -69.41 11.66
C VAL A 275 -12.16 -68.32 12.23
N GLY A 276 -11.68 -68.56 13.45
CA GLY A 276 -10.71 -67.67 14.07
C GLY A 276 -9.46 -67.65 13.22
N ASP A 277 -9.15 -68.81 12.63
CA ASP A 277 -8.00 -68.93 11.75
C ASP A 277 -8.01 -67.92 10.60
N LEU A 278 -9.19 -67.42 10.27
CA LEU A 278 -9.32 -66.42 9.22
C LEU A 278 -8.86 -65.08 9.76
N VAL A 279 -9.37 -64.72 10.93
CA VAL A 279 -8.92 -63.52 11.61
C VAL A 279 -7.42 -63.59 11.85
N LEU A 280 -6.94 -64.77 12.23
CA LEU A 280 -5.53 -64.92 12.57
C LEU A 280 -4.61 -64.56 11.43
N ILE A 281 -4.79 -65.21 10.27
CA ILE A 281 -3.87 -64.93 9.15
C ILE A 281 -4.01 -63.48 8.65
N ASN A 282 -5.18 -62.89 8.85
CA ASN A 282 -5.41 -61.49 8.46
C ASN A 282 -4.65 -60.49 9.36
N GLN A 283 -4.99 -60.51 10.64
CA GLN A 283 -4.41 -59.62 11.64
C GLN A 283 -2.92 -59.88 11.88
N LEU A 284 -2.48 -61.13 11.65
CA LEU A 284 -1.06 -61.48 11.79
C LEU A 284 -0.23 -60.78 10.74
N VAL A 285 -0.66 -60.93 9.49
CA VAL A 285 0.04 -60.34 8.36
C VAL A 285 -0.10 -58.79 8.32
N PHE A 286 -1.24 -58.28 8.75
CA PHE A 286 -1.46 -56.83 8.82
C PHE A 286 -0.52 -56.11 9.78
N GLN A 287 -0.27 -56.72 10.93
CA GLN A 287 0.62 -56.13 11.92
C GLN A 287 2.06 -55.89 11.42
N LEU A 288 2.38 -56.39 10.24
CA LEU A 288 3.69 -56.14 9.66
C LEU A 288 3.70 -54.90 8.76
N SER A 289 2.52 -54.47 8.35
CA SER A 289 2.44 -53.37 7.41
C SER A 289 2.75 -52.04 8.10
N VAL A 290 2.47 -51.94 9.40
CA VAL A 290 2.60 -50.68 10.12
C VAL A 290 4.02 -50.08 10.12
N PRO A 291 5.03 -50.87 10.55
CA PRO A 291 6.37 -50.25 10.57
C PRO A 291 7.01 -50.25 9.17
N LEU A 292 6.41 -50.97 8.23
CA LEU A 292 6.92 -51.05 6.88
C LEU A 292 6.78 -49.70 6.18
N ASN A 293 5.90 -48.84 6.70
CA ASN A 293 5.66 -47.53 6.09
C ASN A 293 6.82 -46.57 6.33
N PHE A 294 7.46 -46.69 7.48
CA PHE A 294 8.61 -45.86 7.79
C PHE A 294 9.76 -46.14 6.83
N LEU A 295 10.31 -47.35 7.00
CA LEU A 295 11.44 -47.88 6.24
C LEU A 295 11.24 -47.72 4.69
N GLY A 296 11.11 -46.46 4.26
CA GLY A 296 10.96 -46.09 2.86
C GLY A 296 11.32 -44.63 2.76
N SER A 297 11.30 -43.97 3.92
CA SER A 297 11.81 -42.60 4.06
C SER A 297 13.34 -42.64 3.96
N VAL A 298 13.88 -43.74 4.51
CA VAL A 298 15.32 -44.02 4.62
C VAL A 298 15.94 -44.27 3.24
N TYR A 299 16.60 -45.43 3.09
CA TYR A 299 17.41 -45.77 1.90
C TYR A 299 18.49 -44.74 1.49
N ARG A 300 18.05 -43.54 1.12
CA ARG A 300 18.92 -42.42 0.78
C ARG A 300 19.55 -41.92 2.08
N ASP A 301 18.70 -41.85 3.12
CA ASP A 301 19.14 -41.37 4.42
C ASP A 301 20.32 -42.23 4.85
N LEU A 302 20.16 -43.54 4.73
CA LEU A 302 21.26 -44.43 5.09
C LEU A 302 22.50 -44.20 4.21
N LYS A 303 22.28 -43.71 2.98
CA LYS A 303 23.41 -43.47 2.06
C LYS A 303 24.16 -42.19 2.48
N GLN A 304 23.40 -41.11 2.66
CA GLN A 304 23.96 -39.82 3.05
C GLN A 304 24.59 -39.87 4.47
N SER A 305 23.92 -40.56 5.38
CA SER A 305 24.44 -40.67 6.73
C SER A 305 25.64 -41.60 6.83
N LEU A 306 25.85 -42.42 5.81
CA LEU A 306 26.97 -43.35 5.89
C LEU A 306 28.29 -42.58 5.72
N ILE A 307 28.23 -41.54 4.89
CA ILE A 307 29.41 -40.73 4.62
C ILE A 307 29.54 -39.55 5.59
N ASP A 308 28.42 -38.93 5.92
CA ASP A 308 28.41 -37.77 6.79
C ASP A 308 28.94 -38.13 8.18
N MET A 309 28.93 -39.43 8.48
CA MET A 309 29.40 -39.91 9.76
C MET A 309 30.90 -40.23 9.60
N GLU A 310 31.31 -40.55 8.37
CA GLU A 310 32.71 -40.87 8.16
C GLU A 310 33.53 -39.61 8.07
N THR A 311 32.96 -38.60 7.42
CA THR A 311 33.62 -37.31 7.29
C THR A 311 33.96 -36.80 8.69
N LEU A 312 33.03 -37.04 9.62
CA LEU A 312 33.26 -36.71 11.03
C LEU A 312 34.31 -37.64 11.64
N PHE A 313 34.48 -38.83 11.06
CA PHE A 313 35.50 -39.73 11.57
C PHE A 313 36.84 -39.35 10.95
N LYS A 314 36.78 -38.97 9.67
CA LYS A 314 37.95 -38.62 8.86
C LYS A 314 38.76 -37.45 9.48
N LEU A 315 38.08 -36.62 10.27
CA LEU A 315 38.71 -35.46 10.88
C LEU A 315 39.84 -35.90 11.79
N ARG A 316 39.53 -36.85 12.65
CA ARG A 316 40.54 -37.31 13.61
C ARG A 316 41.68 -38.13 12.96
N LYS A 317 41.54 -38.43 11.66
CA LYS A 317 42.63 -39.03 10.90
C LYS A 317 43.82 -38.05 10.84
N ASN A 318 43.51 -36.74 10.83
CA ASN A 318 44.53 -35.71 10.65
C ASN A 318 45.68 -35.69 11.69
N GLU A 319 46.91 -35.74 11.16
CA GLU A 319 48.17 -35.87 11.90
C GLU A 319 48.68 -34.52 12.50
N VAL A 320 49.23 -34.56 13.71
CA VAL A 320 49.83 -33.37 14.33
C VAL A 320 51.31 -33.12 13.96
N LYS A 321 51.58 -31.98 13.33
CA LYS A 321 52.94 -31.70 12.82
C LYS A 321 53.90 -31.17 13.89
N ILE A 322 53.43 -30.23 14.71
CA ILE A 322 54.24 -29.62 15.77
C ILE A 322 54.12 -30.33 17.14
N LYS A 323 55.05 -31.25 17.41
CA LYS A 323 55.05 -31.97 18.68
C LYS A 323 56.41 -31.84 19.37
N ASN A 324 56.36 -31.84 20.70
CA ASN A 324 57.56 -31.83 21.54
C ASN A 324 58.26 -33.18 21.46
N ALA A 325 59.59 -33.20 21.46
CA ALA A 325 60.31 -34.48 21.36
C ALA A 325 60.37 -35.23 22.70
N GLU A 326 60.95 -36.43 22.68
CA GLU A 326 61.02 -37.29 23.87
C GLU A 326 62.01 -36.72 24.89
N ARG A 327 61.68 -36.85 26.17
CA ARG A 327 62.38 -36.15 27.27
C ARG A 327 62.33 -34.64 27.00
N PRO A 328 61.12 -34.05 27.07
CA PRO A 328 60.97 -32.62 26.78
C PRO A 328 61.24 -31.74 28.02
N LEU A 329 61.94 -30.62 27.84
CA LEU A 329 62.30 -29.77 28.97
C LEU A 329 61.17 -28.80 29.34
N MET A 330 61.09 -28.52 30.64
CA MET A 330 60.25 -27.45 31.21
C MET A 330 61.15 -26.21 31.24
N LEU A 331 61.90 -26.14 32.32
CA LEU A 331 63.08 -25.29 32.35
C LEU A 331 62.77 -23.78 32.43
N PRO A 332 63.85 -22.97 32.56
CA PRO A 332 64.09 -22.21 33.81
C PRO A 332 62.86 -21.71 34.55
N GLU A 333 63.00 -21.64 35.87
CA GLU A 333 61.86 -21.36 36.72
C GLU A 333 61.85 -19.88 37.03
N ASN A 334 62.86 -19.46 37.79
CA ASN A 334 62.96 -18.08 38.27
C ASN A 334 64.20 -17.34 37.76
N VAL A 335 64.31 -17.23 36.43
CA VAL A 335 65.23 -16.30 35.79
C VAL A 335 64.42 -15.55 34.73
N PRO A 336 64.86 -14.33 34.38
CA PRO A 336 64.20 -13.70 33.23
C PRO A 336 64.67 -14.34 31.90
N TYR A 337 63.77 -14.49 30.93
CA TYR A 337 64.13 -15.20 29.70
C TYR A 337 64.60 -14.22 28.65
N ASP A 338 65.59 -14.62 27.88
CA ASP A 338 65.97 -13.84 26.72
C ASP A 338 65.63 -14.69 25.50
N ILE A 339 65.65 -14.09 24.32
CA ILE A 339 65.30 -14.77 23.07
C ILE A 339 66.38 -14.51 22.03
N THR A 340 66.84 -15.54 21.33
CA THR A 340 67.83 -15.32 20.29
C THR A 340 67.45 -16.11 19.04
N PHE A 341 67.72 -15.54 17.86
CA PHE A 341 67.43 -16.19 16.59
C PHE A 341 68.73 -16.54 15.89
N GLU A 342 68.93 -17.83 15.63
CA GLU A 342 70.13 -18.27 14.91
C GLU A 342 69.81 -18.65 13.47
N ASN A 343 70.13 -17.77 12.53
CA ASN A 343 70.01 -18.04 11.09
C ASN A 343 68.66 -18.58 10.64
N VAL A 344 67.61 -18.07 11.26
CA VAL A 344 66.27 -18.53 10.96
C VAL A 344 65.82 -18.14 9.57
N THR A 345 65.55 -19.15 8.75
CA THR A 345 64.93 -18.92 7.45
C THR A 345 63.57 -19.57 7.53
N PHE A 346 62.55 -18.81 7.22
CA PHE A 346 61.21 -19.32 7.37
C PHE A 346 60.19 -18.55 6.53
N GLY A 347 59.20 -19.27 6.04
CA GLY A 347 58.07 -18.73 5.30
C GLY A 347 57.03 -19.84 5.24
N TYR A 348 55.85 -19.52 4.70
CA TYR A 348 54.85 -20.54 4.40
C TYR A 348 54.96 -20.87 2.90
N HIS A 349 55.20 -22.14 2.55
CA HIS A 349 55.48 -22.53 1.14
C HIS A 349 56.85 -22.03 0.64
N PRO A 350 57.72 -22.98 0.25
CA PRO A 350 59.11 -22.67 -0.15
C PRO A 350 59.24 -21.56 -1.23
N ASP A 351 58.16 -21.25 -1.94
CA ASP A 351 58.18 -20.16 -2.94
C ASP A 351 58.33 -18.78 -2.24
N ARG A 352 57.70 -18.66 -1.07
CA ARG A 352 57.74 -17.43 -0.30
C ARG A 352 58.68 -17.59 0.89
N LYS A 353 59.91 -17.12 0.74
CA LYS A 353 60.78 -16.97 1.92
C LYS A 353 60.49 -15.59 2.53
N ILE A 354 59.94 -15.58 3.75
CA ILE A 354 59.58 -14.32 4.40
C ILE A 354 60.70 -13.85 5.32
N LEU A 355 61.20 -14.77 6.14
CA LEU A 355 62.31 -14.49 7.02
C LEU A 355 63.53 -15.12 6.40
N LYS A 356 64.44 -14.30 5.92
CA LYS A 356 65.59 -14.81 5.20
C LYS A 356 66.85 -14.75 6.04
N ASN A 357 67.12 -15.86 6.71
CA ASN A 357 68.37 -16.02 7.45
C ASN A 357 68.48 -14.99 8.57
N ALA A 358 67.38 -14.77 9.28
CA ALA A 358 67.35 -13.76 10.33
C ALA A 358 68.11 -14.17 11.57
N SER A 359 68.92 -13.25 12.10
CA SER A 359 69.60 -13.48 13.36
C SER A 359 69.55 -12.20 14.21
N PHE A 360 69.22 -12.33 15.50
CA PHE A 360 69.21 -11.21 16.42
C PHE A 360 69.00 -11.69 17.85
N THR A 361 69.13 -10.81 18.83
CA THR A 361 68.86 -11.20 20.22
C THR A 361 67.74 -10.34 20.78
N ILE A 362 66.85 -10.92 21.58
CA ILE A 362 65.86 -10.13 22.33
C ILE A 362 66.13 -10.29 23.82
N PRO A 363 66.91 -9.38 24.40
CA PRO A 363 67.42 -9.51 25.77
C PRO A 363 66.37 -9.45 26.87
N ALA A 364 66.72 -9.95 28.04
CA ALA A 364 65.77 -10.10 29.15
C ALA A 364 65.54 -8.78 29.88
N GLY A 365 64.30 -8.56 30.28
CA GLY A 365 63.94 -7.34 31.00
C GLY A 365 63.68 -6.17 30.08
N TRP A 366 64.24 -6.21 28.87
CA TRP A 366 64.15 -5.08 27.94
C TRP A 366 62.84 -4.98 27.15
N LYS A 367 62.61 -3.76 26.65
CA LYS A 367 61.59 -3.51 25.65
C LYS A 367 62.28 -3.48 24.33
N THR A 368 62.00 -4.46 23.50
CA THR A 368 62.59 -4.56 22.18
C THR A 368 61.47 -4.33 21.18
N ALA A 369 61.71 -3.52 20.18
CA ALA A 369 60.71 -3.27 19.16
C ALA A 369 61.22 -3.92 17.91
N ILE A 370 60.35 -4.33 17.01
CA ILE A 370 60.78 -4.89 15.75
C ILE A 370 59.99 -4.17 14.67
N VAL A 371 60.66 -3.38 13.85
CA VAL A 371 59.96 -2.56 12.89
C VAL A 371 60.44 -2.89 11.50
N GLY A 372 59.70 -2.41 10.50
CA GLY A 372 60.03 -2.57 9.10
C GLY A 372 58.80 -2.18 8.31
N SER A 373 58.98 -1.74 7.07
CA SER A 373 57.84 -1.39 6.21
C SER A 373 57.04 -2.62 5.77
N SER A 374 56.25 -2.49 4.70
CA SER A 374 55.47 -3.62 4.21
C SER A 374 56.40 -4.69 3.62
N GLY A 375 56.21 -5.97 3.97
CA GLY A 375 57.05 -7.02 3.41
C GLY A 375 58.25 -7.46 4.25
N SER A 376 58.52 -6.70 5.31
CA SER A 376 59.61 -6.96 6.28
C SER A 376 59.72 -8.39 6.89
N GLY A 377 58.62 -8.94 7.38
CA GLY A 377 58.70 -10.26 7.99
C GLY A 377 58.67 -10.25 9.51
N LYS A 378 58.56 -9.05 10.08
CA LYS A 378 58.30 -8.86 11.52
C LYS A 378 56.97 -9.50 11.82
N SER A 379 56.20 -9.54 10.75
CA SER A 379 54.86 -10.07 10.65
C SER A 379 54.78 -11.58 11.09
N THR A 380 55.93 -12.21 11.34
CA THR A 380 56.01 -13.66 11.59
C THR A 380 56.90 -14.05 12.78
N ILE A 381 57.26 -13.08 13.61
CA ILE A 381 58.15 -13.36 14.74
C ILE A 381 57.42 -14.22 15.78
N LEU A 382 56.43 -13.62 16.44
CA LEU A 382 55.63 -14.26 17.48
C LEU A 382 55.26 -15.70 17.15
N LYS A 383 54.73 -15.91 15.95
CA LYS A 383 54.28 -17.22 15.52
C LYS A 383 55.36 -18.28 15.65
N LEU A 384 56.60 -17.89 15.38
CA LEU A 384 57.77 -18.77 15.51
C LEU A 384 58.20 -18.98 16.98
N VAL A 385 57.99 -17.94 17.80
CA VAL A 385 58.36 -18.00 19.20
C VAL A 385 57.36 -18.88 19.90
N PHE A 386 56.13 -18.84 19.41
CA PHE A 386 55.04 -19.62 19.98
C PHE A 386 54.93 -20.99 19.31
N ARG A 387 55.92 -21.28 18.47
CA ARG A 387 56.08 -22.58 17.84
C ARG A 387 54.79 -23.00 17.16
N PHE A 388 53.98 -22.02 16.78
CA PHE A 388 52.81 -22.27 15.95
C PHE A 388 53.35 -22.94 14.71
N TYR A 389 54.43 -22.37 14.18
CA TYR A 389 55.16 -22.95 13.06
C TYR A 389 56.60 -23.24 13.51
N ASP A 390 57.34 -24.01 12.73
CA ASP A 390 58.77 -24.20 13.00
C ASP A 390 59.62 -23.76 11.81
N PRO A 391 60.80 -23.17 12.12
CA PRO A 391 61.63 -22.61 11.05
C PRO A 391 62.23 -23.68 10.15
N GLU A 392 62.23 -23.41 8.85
CA GLU A 392 62.77 -24.31 7.85
C GLU A 392 64.30 -24.49 7.95
N SER A 393 65.02 -23.40 8.21
CA SER A 393 66.49 -23.39 8.42
C SER A 393 66.72 -22.63 9.72
N GLY A 394 67.84 -22.87 10.38
CA GLY A 394 68.18 -22.16 11.62
C GLY A 394 67.23 -22.47 12.78
N ARG A 395 67.59 -22.04 13.98
CA ARG A 395 66.80 -22.39 15.16
C ARG A 395 66.48 -21.19 16.05
N ILE A 396 65.73 -21.43 17.13
CA ILE A 396 65.35 -20.37 18.07
C ILE A 396 65.54 -20.82 19.52
N LEU A 397 66.35 -20.06 20.25
CA LEU A 397 66.77 -20.43 21.59
C LEU A 397 66.18 -19.49 22.64
N ILE A 398 65.72 -20.07 23.75
CA ILE A 398 65.41 -19.32 24.96
C ILE A 398 66.37 -19.77 26.04
N ASN A 399 67.10 -18.82 26.61
CA ASN A 399 68.12 -19.11 27.62
C ASN A 399 69.12 -20.20 27.17
N GLY A 400 69.64 -20.07 25.94
CA GLY A 400 70.69 -20.94 25.46
C GLY A 400 70.18 -22.27 24.92
N ARG A 401 68.93 -22.60 25.27
CA ARG A 401 68.26 -23.83 24.81
C ARG A 401 67.29 -23.62 23.66
N ASP A 402 67.40 -24.50 22.67
CA ASP A 402 66.47 -24.53 21.55
C ASP A 402 65.06 -24.79 22.06
N ILE A 403 64.10 -24.00 21.58
CA ILE A 403 62.75 -24.13 22.07
C ILE A 403 62.08 -25.37 21.49
N LYS A 404 62.72 -25.97 20.48
CA LYS A 404 62.19 -27.23 19.97
C LYS A 404 62.23 -28.28 21.09
N GLU A 405 63.25 -28.19 21.94
CA GLU A 405 63.46 -29.17 23.00
C GLU A 405 62.61 -28.90 24.24
N TYR A 406 61.94 -27.75 24.24
CA TYR A 406 61.08 -27.38 25.34
C TYR A 406 59.73 -28.06 25.17
N ASP A 407 59.04 -28.23 26.29
CA ASP A 407 57.68 -28.75 26.32
C ASP A 407 56.72 -27.71 25.71
N ILE A 408 56.20 -28.01 24.52
CA ILE A 408 55.42 -27.06 23.73
C ILE A 408 54.26 -26.40 24.50
N ASP A 409 53.75 -27.08 25.52
CA ASP A 409 52.71 -26.50 26.35
C ASP A 409 53.32 -25.62 27.43
N ALA A 410 54.45 -26.07 27.97
CA ALA A 410 55.22 -25.30 28.98
C ALA A 410 55.66 -23.93 28.46
N LEU A 411 56.22 -23.94 27.25
CA LEU A 411 56.72 -22.74 26.60
C LEU A 411 55.65 -21.70 26.50
N ARG A 412 54.52 -22.11 25.94
CA ARG A 412 53.45 -21.19 25.56
C ARG A 412 52.82 -20.57 26.80
N LYS A 413 53.19 -21.09 27.96
CA LYS A 413 52.56 -20.65 29.20
C LYS A 413 53.13 -19.31 29.67
N VAL A 414 54.42 -19.07 29.37
CA VAL A 414 55.13 -17.89 29.85
C VAL A 414 55.07 -16.68 28.90
N ILE A 415 54.31 -16.83 27.82
CA ILE A 415 54.22 -15.83 26.77
C ILE A 415 52.80 -15.27 26.74
N GLY A 416 52.69 -13.96 26.85
CA GLY A 416 51.41 -13.28 26.82
C GLY A 416 51.35 -12.49 25.54
N VAL A 417 50.16 -12.37 24.96
CA VAL A 417 50.01 -11.69 23.69
C VAL A 417 48.88 -10.66 23.72
N VAL A 418 49.17 -9.42 23.37
CA VAL A 418 48.12 -8.45 23.04
C VAL A 418 48.09 -8.35 21.54
N PRO A 419 47.06 -8.96 20.90
CA PRO A 419 47.03 -9.09 19.44
C PRO A 419 46.49 -7.84 18.75
N GLN A 420 46.69 -7.74 17.44
CA GLN A 420 46.29 -6.52 16.76
C GLN A 420 44.80 -6.37 16.80
N ASP A 421 44.09 -7.45 16.49
CA ASP A 421 42.65 -7.43 16.60
C ASP A 421 42.22 -8.51 17.60
N THR A 422 41.72 -8.05 18.74
CA THR A 422 41.31 -8.92 19.83
C THR A 422 40.02 -9.66 19.50
N PRO A 423 39.94 -10.94 19.89
CA PRO A 423 38.67 -11.63 19.68
C PRO A 423 37.76 -11.49 20.90
N LEU A 424 36.47 -11.33 20.66
CA LEU A 424 35.50 -11.37 21.74
C LEU A 424 34.82 -12.74 21.71
N PHE A 425 34.31 -13.14 22.85
CA PHE A 425 33.52 -14.35 22.91
C PHE A 425 32.03 -13.98 23.20
N ASN A 426 31.10 -14.66 22.52
CA ASN A 426 29.68 -14.51 22.80
C ASN A 426 29.45 -14.97 24.23
N ASP A 427 29.49 -14.00 25.14
CA ASP A 427 29.50 -14.28 26.56
C ASP A 427 29.40 -12.94 27.26
N THR A 428 29.49 -12.94 28.59
CA THR A 428 29.63 -11.67 29.32
C THR A 428 31.06 -11.10 29.16
N ILE A 429 31.20 -9.78 29.33
CA ILE A 429 32.51 -9.14 29.37
C ILE A 429 33.30 -9.68 30.55
N TRP A 430 32.63 -9.80 31.68
CA TRP A 430 33.26 -10.33 32.89
C TRP A 430 33.77 -11.75 32.63
N GLU A 431 33.09 -12.49 31.76
CA GLU A 431 33.63 -13.77 31.33
C GLU A 431 34.72 -13.67 30.26
N ASN A 432 34.68 -12.58 29.48
CA ASN A 432 35.73 -12.31 28.50
C ASN A 432 37.05 -11.85 29.15
N VAL A 433 36.96 -11.06 30.22
CA VAL A 433 38.16 -10.64 30.91
C VAL A 433 38.72 -11.83 31.67
N LYS A 434 37.86 -12.56 32.34
CA LYS A 434 38.30 -13.71 33.12
C LYS A 434 38.99 -14.76 32.23
N PHE A 435 38.82 -14.64 30.91
CA PHE A 435 39.40 -15.57 29.94
C PHE A 435 40.93 -15.56 30.02
N GLY A 436 41.48 -14.46 30.54
CA GLY A 436 42.92 -14.34 30.72
C GLY A 436 43.49 -15.44 31.58
N ARG A 437 42.88 -15.61 32.74
CA ARG A 437 43.18 -16.74 33.64
C ARG A 437 41.92 -17.14 34.41
N ILE A 438 41.52 -18.41 34.22
CA ILE A 438 40.26 -18.98 34.74
C ILE A 438 40.10 -18.90 36.29
N ASP A 439 41.16 -19.26 37.02
CA ASP A 439 41.13 -19.36 38.47
C ASP A 439 41.22 -18.01 39.14
N ALA A 440 40.90 -16.95 38.40
CA ALA A 440 41.01 -15.63 38.99
C ALA A 440 39.90 -15.33 40.02
N THR A 441 40.29 -14.74 41.15
CA THR A 441 39.35 -14.26 42.16
C THR A 441 38.55 -13.09 41.57
N ASP A 442 37.34 -12.84 42.08
CA ASP A 442 36.53 -11.73 41.53
C ASP A 442 37.28 -10.39 41.69
N GLU A 443 38.07 -10.31 42.77
CA GLU A 443 38.83 -9.12 43.11
C GLU A 443 39.91 -8.84 42.06
N GLU A 444 40.66 -9.89 41.71
CA GLU A 444 41.71 -9.82 40.70
C GLU A 444 41.13 -9.25 39.42
N VAL A 445 39.93 -9.74 39.08
CA VAL A 445 39.29 -9.36 37.83
C VAL A 445 38.88 -7.89 37.81
N ILE A 446 38.50 -7.34 38.96
CA ILE A 446 38.07 -5.93 38.99
C ILE A 446 39.28 -5.03 38.81
N THR A 447 40.35 -5.33 39.57
CA THR A 447 41.60 -4.56 39.54
C THR A 447 42.15 -4.48 38.12
N VAL A 448 42.08 -5.62 37.43
CA VAL A 448 42.62 -5.73 36.10
C VAL A 448 41.77 -4.89 35.14
N VAL A 449 40.47 -4.88 35.36
CA VAL A 449 39.57 -4.05 34.56
C VAL A 449 39.78 -2.57 34.95
N GLU A 450 40.07 -2.36 36.23
CA GLU A 450 40.42 -1.02 36.76
C GLU A 450 41.76 -0.54 36.18
N LYS A 451 42.79 -1.37 36.30
CA LYS A 451 44.14 -1.04 35.81
C LYS A 451 44.12 -0.69 34.32
N ALA A 452 43.30 -1.42 33.57
CA ALA A 452 43.21 -1.19 32.13
C ALA A 452 42.40 0.06 31.78
N GLN A 453 41.73 0.63 32.79
CA GLN A 453 40.76 1.71 32.59
C GLN A 453 39.64 1.31 31.63
N LEU A 454 39.00 0.18 31.96
CA LEU A 454 37.84 -0.38 31.26
C LEU A 454 36.54 -0.03 32.02
N ALA A 455 36.69 0.50 33.23
CA ALA A 455 35.54 0.88 34.06
C ALA A 455 34.49 1.72 33.34
N PRO A 456 34.90 2.86 32.70
CA PRO A 456 33.92 3.70 31.98
C PRO A 456 33.01 2.94 31.01
N LEU A 457 33.44 1.78 30.54
CA LEU A 457 32.63 1.00 29.61
C LEU A 457 31.49 0.32 30.38
N ILE A 458 31.84 -0.29 31.50
CA ILE A 458 30.83 -1.06 32.22
C ILE A 458 29.81 -0.10 32.85
N LYS A 459 30.26 1.13 33.14
CA LYS A 459 29.39 2.14 33.71
C LYS A 459 28.41 2.63 32.63
N LYS A 460 28.94 2.96 31.45
CA LYS A 460 28.14 3.37 30.29
C LYS A 460 27.19 2.26 29.79
N LEU A 461 27.54 1.01 30.10
CA LEU A 461 26.76 -0.17 29.73
C LEU A 461 25.67 -0.50 30.77
N PRO A 462 24.40 -0.37 30.37
CA PRO A 462 23.21 -0.63 31.20
C PRO A 462 23.24 -2.02 31.88
N GLN A 463 23.55 -3.05 31.10
CA GLN A 463 23.58 -4.40 31.65
C GLN A 463 24.96 -4.76 32.23
N GLY A 464 25.80 -3.74 32.44
CA GLY A 464 27.07 -3.89 33.12
C GLY A 464 27.96 -5.04 32.67
N PHE A 465 28.52 -5.77 33.62
CA PHE A 465 29.44 -6.84 33.30
C PHE A 465 28.75 -7.96 32.55
N ASP A 466 27.45 -8.05 32.72
CA ASP A 466 26.76 -9.18 32.13
C ASP A 466 26.33 -8.94 30.67
N THR A 467 26.66 -7.77 30.13
CA THR A 467 26.31 -7.47 28.74
C THR A 467 26.95 -8.49 27.81
N ILE A 468 26.22 -8.80 26.74
CA ILE A 468 26.68 -9.77 25.76
C ILE A 468 27.39 -9.10 24.59
N VAL A 469 28.67 -9.44 24.47
CA VAL A 469 29.49 -9.06 23.35
C VAL A 469 29.63 -10.30 22.44
N GLY A 470 30.37 -10.14 21.36
CA GLY A 470 30.54 -11.20 20.37
C GLY A 470 29.86 -10.74 19.09
N GLU A 471 30.00 -11.52 18.02
CA GLU A 471 29.36 -11.16 16.75
C GLU A 471 27.85 -11.12 16.95
N ARG A 472 27.37 -12.08 17.75
CA ARG A 472 25.99 -12.16 18.16
C ARG A 472 25.82 -11.48 19.52
N GLY A 473 26.09 -10.19 19.57
CA GLY A 473 25.86 -9.45 20.80
C GLY A 473 25.95 -7.94 20.65
N LEU A 474 26.53 -7.28 21.65
CA LEU A 474 26.81 -5.85 21.57
C LEU A 474 28.27 -5.65 21.17
N MET A 475 28.47 -4.95 20.05
CA MET A 475 29.80 -4.56 19.59
C MET A 475 30.32 -3.33 20.35
N ILE A 476 31.59 -3.40 20.75
CA ILE A 476 32.26 -2.29 21.42
C ILE A 476 33.37 -1.66 20.56
N SER A 477 33.84 -0.48 20.95
CA SER A 477 34.86 0.24 20.19
C SER A 477 36.14 -0.57 20.13
N GLY A 478 37.00 -0.26 19.15
CA GLY A 478 38.29 -0.91 19.06
C GLY A 478 39.06 -0.66 20.35
N GLY A 479 39.03 0.60 20.79
CA GLY A 479 39.72 1.02 22.00
C GLY A 479 39.31 0.26 23.24
N GLU A 480 38.01 0.07 23.40
CA GLU A 480 37.53 -0.67 24.53
C GLU A 480 37.93 -2.14 24.36
N LYS A 481 37.97 -2.60 23.12
CA LYS A 481 38.36 -3.98 22.80
C LYS A 481 39.83 -4.27 23.13
N GLN A 482 40.71 -3.38 22.69
CA GLN A 482 42.15 -3.52 22.92
C GLN A 482 42.46 -3.34 24.38
N ARG A 483 41.65 -2.53 25.04
CA ARG A 483 41.74 -2.31 26.48
C ARG A 483 41.45 -3.60 27.23
N LEU A 484 40.53 -4.41 26.68
CA LEU A 484 40.13 -5.66 27.30
C LEU A 484 41.26 -6.66 27.17
N ALA A 485 41.97 -6.56 26.05
CA ALA A 485 43.07 -7.48 25.76
C ALA A 485 44.23 -7.24 26.69
N ILE A 486 44.45 -5.96 27.02
CA ILE A 486 45.46 -5.57 27.99
C ILE A 486 45.05 -6.17 29.32
N ALA A 487 43.74 -6.14 29.56
CA ALA A 487 43.20 -6.70 30.79
C ALA A 487 43.54 -8.19 30.85
N ARG A 488 43.22 -8.92 29.79
CA ARG A 488 43.48 -10.35 29.77
C ARG A 488 44.93 -10.67 30.07
N VAL A 489 45.84 -9.97 29.41
CA VAL A 489 47.27 -10.30 29.53
C VAL A 489 47.81 -9.94 30.90
N LEU A 490 47.08 -9.07 31.61
CA LEU A 490 47.45 -8.76 32.98
C LEU A 490 47.14 -9.93 33.91
N LEU A 491 45.98 -10.57 33.71
CA LEU A 491 45.57 -11.75 34.48
C LEU A 491 46.52 -12.91 34.23
N LYS A 492 46.88 -13.12 32.97
CA LYS A 492 47.74 -14.24 32.62
C LYS A 492 49.12 -14.06 33.23
N ASN A 493 49.56 -12.81 33.38
CA ASN A 493 50.83 -12.54 34.06
C ASN A 493 52.05 -13.33 33.52
N ALA A 494 52.25 -13.26 32.21
CA ALA A 494 53.32 -14.00 31.53
C ALA A 494 54.69 -13.37 31.82
N ARG A 495 55.78 -14.13 31.64
CA ARG A 495 57.12 -13.53 31.80
C ARG A 495 57.55 -12.73 30.54
N ILE A 496 57.22 -13.29 29.37
CA ILE A 496 57.49 -12.70 28.06
C ILE A 496 56.20 -12.11 27.56
N MET A 497 56.24 -10.93 26.97
CA MET A 497 55.02 -10.27 26.54
C MET A 497 55.17 -9.77 25.10
N PHE A 498 54.19 -10.06 24.25
CA PHE A 498 54.19 -9.57 22.86
C PHE A 498 53.09 -8.56 22.67
N PHE A 499 53.36 -7.49 21.94
CA PHE A 499 52.31 -6.54 21.56
C PHE A 499 52.31 -6.48 20.05
N ASP A 500 51.61 -7.42 19.43
CA ASP A 500 51.63 -7.54 17.97
C ASP A 500 50.73 -6.48 17.36
N GLU A 501 51.33 -5.36 16.98
CA GLU A 501 50.63 -4.24 16.34
C GLU A 501 49.41 -3.73 17.11
N ALA A 502 49.54 -3.72 18.44
CA ALA A 502 48.44 -3.47 19.36
C ALA A 502 47.59 -2.25 19.06
N THR A 503 48.16 -1.19 18.51
CA THR A 503 47.38 0.04 18.35
C THR A 503 47.18 0.50 16.86
N SER A 504 46.61 -0.40 16.04
CA SER A 504 46.04 -0.02 14.74
C SER A 504 44.52 0.19 14.86
N ALA A 505 44.15 0.74 16.03
CA ALA A 505 42.86 1.35 16.30
C ALA A 505 42.81 2.61 15.42
N LEU A 506 42.08 2.53 14.29
CA LEU A 506 42.03 3.59 13.26
C LEU A 506 41.37 4.92 13.74
N ASP A 507 42.01 5.49 14.76
CA ASP A 507 41.67 6.78 15.37
C ASP A 507 42.90 7.11 16.21
N THR A 508 43.61 8.18 15.85
CA THR A 508 44.86 8.58 16.49
C THR A 508 44.59 8.98 17.94
N HIS A 509 43.47 9.68 18.11
CA HIS A 509 43.03 10.14 19.41
C HIS A 509 42.93 9.01 20.44
N THR A 510 42.49 7.85 19.96
CA THR A 510 42.33 6.66 20.79
C THR A 510 43.65 5.90 21.04
N GLU A 511 44.54 5.91 20.04
CA GLU A 511 45.85 5.28 20.11
C GLU A 511 46.67 5.93 21.25
N GLN A 512 46.64 7.27 21.31
CA GLN A 512 47.29 8.03 22.37
C GLN A 512 46.94 7.49 23.73
N ALA A 513 45.64 7.34 23.95
CA ALA A 513 45.15 6.91 25.25
C ALA A 513 45.60 5.51 25.62
N LEU A 514 45.63 4.62 24.63
CA LEU A 514 45.99 3.22 24.85
C LEU A 514 47.47 3.07 25.14
N LEU A 515 48.29 3.79 24.39
CA LEU A 515 49.73 3.73 24.58
C LEU A 515 50.14 4.19 25.98
N ARG A 516 49.37 5.09 26.57
CA ARG A 516 49.66 5.51 27.94
C ARG A 516 49.29 4.43 28.92
N THR A 517 48.09 3.88 28.79
CA THR A 517 47.67 2.85 29.75
C THR A 517 48.62 1.63 29.71
N ILE A 518 49.28 1.42 28.57
CA ILE A 518 50.27 0.35 28.41
C ILE A 518 51.58 0.72 29.11
N ARG A 519 52.01 1.98 28.98
CA ARG A 519 53.30 2.36 29.54
C ARG A 519 53.26 2.36 31.07
N ASP A 520 52.04 2.29 31.61
CA ASP A 520 51.83 2.24 33.05
C ASP A 520 52.00 0.81 33.56
N ASN A 521 51.40 -0.14 32.85
CA ASN A 521 51.31 -1.51 33.33
C ASN A 521 52.52 -2.40 33.09
N PHE A 522 53.31 -2.08 32.05
CA PHE A 522 54.37 -3.00 31.60
C PHE A 522 55.80 -2.44 31.60
N THR A 523 56.10 -1.62 32.62
CA THR A 523 57.38 -0.89 32.68
C THR A 523 58.53 -1.69 33.34
N SER A 524 59.35 -2.28 32.45
CA SER A 524 60.63 -2.96 32.72
C SER A 524 60.76 -3.92 33.94
N GLY A 525 59.63 -4.17 34.62
CA GLY A 525 59.57 -5.07 35.76
C GLY A 525 59.97 -6.51 35.43
N SER A 526 61.20 -6.68 34.94
CA SER A 526 61.77 -8.01 34.63
C SER A 526 60.85 -8.84 33.72
N ARG A 527 59.96 -8.14 33.01
CA ARG A 527 59.16 -8.72 31.94
C ARG A 527 59.95 -8.40 30.67
N THR A 528 60.12 -9.39 29.82
CA THR A 528 60.83 -9.14 28.58
C THR A 528 59.76 -8.87 27.51
N SER A 529 59.68 -7.63 27.05
CA SER A 529 58.58 -7.23 26.19
C SER A 529 59.02 -6.96 24.78
N VAL A 530 58.39 -7.64 23.82
CA VAL A 530 58.64 -7.39 22.42
C VAL A 530 57.48 -6.60 21.81
N TYR A 531 57.77 -5.45 21.20
CA TYR A 531 56.73 -4.65 20.53
C TYR A 531 56.91 -4.81 19.04
N ILE A 532 55.83 -5.10 18.32
CA ILE A 532 55.95 -5.24 16.87
C ILE A 532 55.09 -4.19 16.19
N ALA A 533 55.71 -3.10 15.75
CA ALA A 533 54.95 -1.99 15.18
C ALA A 533 55.42 -1.65 13.78
N HIS A 534 54.63 -0.85 13.10
CA HIS A 534 55.01 -0.30 11.81
C HIS A 534 54.94 1.21 11.89
N ARG A 535 54.34 1.73 12.97
CA ARG A 535 54.45 3.13 13.34
C ARG A 535 55.48 3.29 14.44
N LEU A 536 56.68 3.67 14.03
CA LEU A 536 57.84 3.66 14.89
C LEU A 536 57.67 4.61 16.06
N ARG A 537 56.89 5.66 15.84
CA ARG A 537 56.65 6.68 16.86
C ARG A 537 56.10 6.04 18.11
N THR A 538 55.37 4.93 17.97
CA THR A 538 54.76 4.26 19.12
C THR A 538 55.70 3.32 19.86
N ILE A 539 56.94 3.21 19.39
CA ILE A 539 57.92 2.34 20.01
C ILE A 539 59.26 3.03 20.14
N ALA A 540 59.23 4.35 20.26
CA ALA A 540 60.45 5.15 20.25
C ALA A 540 61.24 5.10 21.55
N ASP A 541 60.60 4.62 22.61
CA ASP A 541 61.23 4.60 23.91
C ASP A 541 61.75 3.21 24.24
N ALA A 542 62.05 2.45 23.20
CA ALA A 542 62.46 1.06 23.34
C ALA A 542 63.87 1.01 23.79
N ASP A 543 64.26 -0.13 24.35
CA ASP A 543 65.63 -0.33 24.77
C ASP A 543 66.46 -0.89 23.62
N LYS A 544 65.77 -1.46 22.65
CA LYS A 544 66.41 -1.99 21.46
C LYS A 544 65.40 -1.98 20.33
N ILE A 545 65.81 -1.51 19.17
CA ILE A 545 64.97 -1.56 17.99
C ILE A 545 65.65 -2.39 16.90
N ILE A 546 65.00 -3.45 16.42
CA ILE A 546 65.54 -4.30 15.37
C ILE A 546 64.80 -4.03 14.07
N VAL A 547 65.46 -3.43 13.10
CA VAL A 547 64.73 -3.08 11.89
C VAL A 547 64.99 -4.09 10.77
N LEU A 548 63.90 -4.64 10.25
CA LEU A 548 63.94 -5.67 9.22
C LEU A 548 63.58 -5.06 7.87
N ASP A 549 64.14 -5.64 6.83
CA ASP A 549 63.92 -5.20 5.48
C ASP A 549 63.96 -6.40 4.54
N ASN A 550 62.89 -6.51 3.76
CA ASN A 550 62.68 -7.61 2.86
C ASN A 550 63.10 -8.94 3.46
N GLY A 551 62.93 -9.07 4.77
CA GLY A 551 63.10 -10.32 5.44
C GLY A 551 64.42 -10.47 6.15
N ARG A 552 65.28 -9.46 6.07
CA ARG A 552 66.58 -9.55 6.74
C ARG A 552 66.85 -8.39 7.68
N VAL A 553 67.68 -8.64 8.70
CA VAL A 553 67.99 -7.64 9.70
C VAL A 553 68.93 -6.59 9.16
N ARG A 554 68.44 -5.39 8.90
CA ARG A 554 69.32 -4.35 8.38
C ARG A 554 70.08 -3.60 9.48
N GLU A 555 69.33 -2.87 10.31
CA GLU A 555 69.91 -2.09 11.41
C GLU A 555 69.46 -2.59 12.77
N GLU A 556 70.04 -2.03 13.81
CA GLU A 556 69.82 -2.53 15.15
C GLU A 556 70.39 -1.59 16.20
N GLY A 557 69.56 -0.77 16.81
CA GLY A 557 70.06 0.10 17.86
C GLY A 557 68.94 0.77 18.62
N LYS A 558 69.21 1.90 19.25
CA LYS A 558 68.14 2.65 19.90
C LYS A 558 67.54 3.62 18.90
N HIS A 559 66.53 4.34 19.33
CA HIS A 559 65.84 5.30 18.48
C HIS A 559 66.74 6.44 18.02
N LEU A 560 67.23 7.20 18.99
CA LEU A 560 68.05 8.39 18.77
C LEU A 560 69.37 8.09 18.08
N GLU A 561 69.88 6.88 18.29
CA GLU A 561 71.13 6.42 17.70
C GLU A 561 70.93 5.90 16.30
N LEU A 562 69.77 5.32 16.03
CA LEU A 562 69.45 4.83 14.70
C LEU A 562 69.12 5.98 13.77
N LEU A 563 68.48 7.00 14.31
CA LEU A 563 68.12 8.21 13.56
C LEU A 563 69.36 9.01 13.14
N ALA A 564 70.37 9.00 14.01
CA ALA A 564 71.56 9.80 13.80
C ALA A 564 72.54 9.11 12.89
N MET A 565 72.49 7.78 12.88
CA MET A 565 73.30 6.96 11.98
C MET A 565 73.06 7.40 10.56
N PRO A 566 74.14 7.82 9.87
CA PRO A 566 74.10 8.29 8.48
C PRO A 566 73.68 7.16 7.54
N GLY A 567 72.77 7.47 6.63
CA GLY A 567 72.31 6.48 5.68
C GLY A 567 71.53 5.35 6.33
N SER A 568 70.82 5.66 7.41
CA SER A 568 70.03 4.62 8.08
C SER A 568 68.73 4.43 7.33
N LEU A 569 68.15 3.24 7.45
CA LEU A 569 66.83 2.94 6.89
C LEU A 569 65.77 3.48 7.83
N TYR A 570 66.06 3.42 9.12
CA TYR A 570 65.15 3.89 10.15
C TYR A 570 64.75 5.32 9.86
N ARG A 571 65.71 6.16 9.47
CA ARG A 571 65.42 7.55 9.17
C ARG A 571 64.52 7.68 7.96
N GLU A 572 64.68 6.83 6.96
CA GLU A 572 63.78 6.84 5.82
C GLU A 572 62.37 6.54 6.27
N LEU A 573 62.23 5.51 7.10
CA LEU A 573 60.94 5.10 7.65
C LEU A 573 60.39 6.14 8.61
N TRP A 574 61.21 6.66 9.49
CA TRP A 574 60.74 7.69 10.39
C TRP A 574 60.22 8.90 9.63
N THR A 575 60.84 9.20 8.50
CA THR A 575 60.50 10.40 7.79
C THR A 575 59.21 10.26 7.01
N ILE A 576 59.09 9.21 6.21
CA ILE A 576 57.90 9.03 5.42
C ILE A 576 56.73 8.93 6.36
N GLN A 577 56.91 8.11 7.37
CA GLN A 577 55.86 7.78 8.34
C GLN A 577 55.34 9.05 8.97
N GLU A 578 56.27 9.94 9.31
CA GLU A 578 55.94 11.20 9.95
C GLU A 578 55.33 12.18 8.95
N ASP A 579 55.91 12.28 7.76
CA ASP A 579 55.32 13.11 6.69
C ASP A 579 53.86 12.66 6.51
N LEU A 580 53.65 11.36 6.52
CA LEU A 580 52.31 10.78 6.39
C LEU A 580 51.33 11.21 7.47
N ASP A 581 51.78 11.19 8.74
CA ASP A 581 50.94 11.55 9.88
C ASP A 581 50.49 13.00 9.80
N HIS A 582 51.34 13.84 9.26
CA HIS A 582 51.01 15.24 9.15
C HIS A 582 49.95 15.39 8.05
N LEU A 583 50.06 14.57 7.01
CA LEU A 583 49.16 14.63 5.86
C LEU A 583 47.75 14.16 6.19
N GLU A 584 47.64 12.91 6.64
CA GLU A 584 46.33 12.37 6.91
C GLU A 584 45.72 13.04 8.14
N ASN A 585 46.52 13.74 8.93
CA ASN A 585 45.95 14.57 9.98
C ASN A 585 45.42 15.85 9.38
N GLU A 586 46.14 16.36 8.38
CA GLU A 586 45.78 17.61 7.73
C GLU A 586 44.54 17.35 6.89
N LEU A 587 44.49 16.21 6.22
CA LEU A 587 43.33 15.84 5.39
C LEU A 587 42.09 15.63 6.24
N LYS A 588 42.26 15.06 7.43
CA LYS A 588 41.14 14.86 8.33
C LYS A 588 40.56 16.22 8.73
N ASP A 589 41.45 17.19 8.94
CA ASP A 589 41.04 18.53 9.34
C ASP A 589 40.11 19.21 8.32
N GLN A 590 40.42 19.06 7.03
CA GLN A 590 39.63 19.68 5.97
C GLN A 590 38.31 18.92 5.73
N GLN A 591 38.31 17.59 5.91
CA GLN A 591 37.09 16.81 5.77
C GLN A 591 36.09 17.35 6.77
N GLU A 592 36.61 17.78 7.91
CA GLU A 592 35.82 18.42 8.93
C GLU A 592 35.16 19.73 8.47
N LEU A 593 35.91 20.57 7.75
CA LEU A 593 35.38 21.87 7.27
C LEU A 593 34.21 21.65 6.32
N TRP A 594 34.34 20.59 5.52
CA TRP A 594 33.32 20.24 4.55
C TRP A 594 32.26 19.35 5.22
N SER A 595 32.54 18.90 6.44
CA SER A 595 31.64 18.02 7.18
C SER A 595 30.35 18.65 7.69
N HIS A 596 30.39 19.96 7.90
CA HIS A 596 29.27 20.69 8.48
C HIS A 596 28.91 21.83 7.53
N PRO A 597 27.69 22.40 7.67
CA PRO A 597 27.40 23.58 6.84
C PRO A 597 28.37 24.70 7.14
N GLN A 598 28.03 25.90 6.67
CA GLN A 598 28.90 27.05 6.85
C GLN A 598 28.21 28.13 7.70
N TYR B 1 -47.62 26.51 -6.27
CA TYR B 1 -48.36 26.88 -5.06
C TYR B 1 -47.73 28.11 -4.36
N ILE B 2 -48.59 29.09 -4.06
CA ILE B 2 -48.21 30.28 -3.28
C ILE B 2 -48.03 29.91 -1.81
N TRP B 3 -46.84 30.25 -1.30
CA TRP B 3 -46.49 30.10 0.10
C TRP B 3 -46.63 31.48 0.80
N PRO B 4 -47.88 31.90 1.08
CA PRO B 4 -48.10 33.10 1.89
C PRO B 4 -47.67 32.75 3.33
N LYS B 5 -47.66 31.44 3.63
CA LYS B 5 -47.04 30.85 4.84
C LYS B 5 -45.88 29.91 4.43
N GLY B 6 -44.71 30.11 5.06
CA GLY B 6 -43.53 29.27 4.86
C GLY B 6 -42.65 29.13 6.12
N ASN B 7 -41.91 30.21 6.38
CA ASN B 7 -41.10 30.41 7.59
C ASN B 7 -41.20 31.90 8.11
N ASN B 8 -40.62 32.17 9.28
CA ASN B 8 -40.67 33.50 9.94
C ASN B 8 -42.02 33.82 10.64
N LYS B 9 -42.11 35.06 11.13
CA LYS B 9 -43.34 35.57 11.72
C LYS B 9 -44.08 36.40 10.66
N VAL B 10 -44.02 35.94 9.43
CA VAL B 10 -44.84 36.49 8.35
C VAL B 10 -46.21 35.86 8.48
N ARG B 11 -46.25 34.68 9.11
CA ARG B 11 -47.51 33.99 9.30
C ARG B 11 -48.25 34.63 10.49
N ILE B 12 -47.50 35.34 11.34
CA ILE B 12 -48.12 36.09 12.43
C ILE B 12 -49.02 37.15 11.83
N ARG B 13 -48.47 37.90 10.87
CA ARG B 13 -49.21 38.98 10.22
C ARG B 13 -50.44 38.46 9.48
N VAL B 14 -50.34 37.27 8.90
CA VAL B 14 -51.46 36.71 8.15
C VAL B 14 -52.67 36.39 9.04
N LEU B 15 -52.44 35.93 10.28
CA LEU B 15 -53.56 35.65 11.17
C LEU B 15 -54.25 36.97 11.51
N ILE B 16 -53.44 37.98 11.82
CA ILE B 16 -53.91 39.34 12.11
C ILE B 16 -54.85 39.86 11.02
N ALA B 17 -54.43 39.75 9.77
CA ALA B 17 -55.28 40.15 8.65
C ALA B 17 -56.57 39.37 8.73
N LEU B 18 -56.45 38.06 8.90
CA LEU B 18 -57.61 37.18 9.07
C LEU B 18 -58.41 37.60 10.29
N GLY B 19 -57.73 37.98 11.36
CA GLY B 19 -58.38 38.45 12.57
C GLY B 19 -59.10 39.76 12.36
N LEU B 20 -58.40 40.72 11.76
CA LEU B 20 -58.96 42.03 11.47
C LEU B 20 -60.10 41.90 10.48
N LEU B 21 -60.05 40.84 9.68
CA LEU B 21 -61.11 40.53 8.72
C LEU B 21 -62.38 40.08 9.44
N ILE B 22 -62.23 39.07 10.30
CA ILE B 22 -63.33 38.55 11.11
C ILE B 22 -64.00 39.69 11.88
N SER B 23 -63.16 40.43 12.59
CA SER B 23 -63.62 41.49 13.48
C SER B 23 -64.10 42.73 12.75
N ALA B 24 -64.16 42.66 11.43
CA ALA B 24 -64.64 43.79 10.66
C ALA B 24 -66.04 43.49 10.16
N LYS B 25 -66.34 42.19 9.97
CA LYS B 25 -67.66 41.82 9.50
C LYS B 25 -68.62 41.71 10.66
N ILE B 26 -68.10 41.25 11.79
CA ILE B 26 -68.86 41.23 13.05
C ILE B 26 -69.21 42.65 13.46
N LEU B 27 -68.25 43.57 13.37
CA LEU B 27 -68.55 44.97 13.66
C LEU B 27 -69.59 45.56 12.71
N ASN B 28 -69.63 45.06 11.48
CA ASN B 28 -70.55 45.58 10.48
C ASN B 28 -71.98 45.12 10.74
N VAL B 29 -72.14 43.83 11.01
CA VAL B 29 -73.47 43.27 11.20
C VAL B 29 -74.09 43.86 12.47
N GLN B 30 -73.27 44.33 13.39
CA GLN B 30 -73.83 44.90 14.61
C GLN B 30 -74.47 46.25 14.33
N VAL B 31 -74.11 46.87 13.21
CA VAL B 31 -74.59 48.20 12.85
C VAL B 31 -76.10 48.29 12.62
N PRO B 32 -76.68 47.31 11.90
CA PRO B 32 -78.12 47.46 11.77
C PRO B 32 -78.92 47.18 13.06
N PHE B 33 -78.33 46.43 13.99
CA PHE B 33 -78.97 46.19 15.28
C PHE B 33 -79.13 47.48 16.06
N PHE B 34 -78.05 48.25 16.14
CA PHE B 34 -78.04 49.52 16.86
C PHE B 34 -78.89 50.57 16.18
N PHE B 35 -79.09 50.44 14.87
CA PHE B 35 -80.01 51.30 14.17
C PHE B 35 -81.43 50.84 14.53
N LYS B 36 -81.61 49.52 14.66
CA LYS B 36 -82.91 48.97 15.04
C LYS B 36 -83.23 49.36 16.46
N GLN B 37 -82.28 49.11 17.34
CA GLN B 37 -82.49 49.37 18.75
C GLN B 37 -82.77 50.83 18.99
N THR B 38 -82.10 51.72 18.28
CA THR B 38 -82.34 53.14 18.48
C THR B 38 -83.79 53.54 18.10
N ILE B 39 -84.31 52.96 17.02
CA ILE B 39 -85.68 53.17 16.58
C ILE B 39 -86.73 52.64 17.57
N ASP B 40 -86.57 51.41 17.99
CA ASP B 40 -87.51 50.82 18.92
C ASP B 40 -87.52 51.60 20.22
N SER B 41 -86.33 51.97 20.70
CA SER B 41 -86.21 52.67 21.97
C SER B 41 -86.74 54.11 21.89
N MET B 42 -87.31 54.50 20.76
CA MET B 42 -87.87 55.83 20.63
C MET B 42 -89.38 55.74 20.38
N ASN B 43 -89.87 54.52 20.20
CA ASN B 43 -91.29 54.33 19.96
C ASN B 43 -92.06 54.28 21.29
N ILE B 44 -91.97 55.37 22.07
CA ILE B 44 -92.61 55.44 23.40
C ILE B 44 -93.27 56.81 23.70
N ALA B 45 -93.55 57.10 24.97
CA ALA B 45 -94.39 58.24 25.41
C ALA B 45 -94.00 59.65 24.94
N TRP B 46 -93.02 60.23 25.61
CA TRP B 46 -92.50 61.57 25.30
C TRP B 46 -93.51 62.69 25.50
N ASP B 47 -94.49 62.47 26.38
CA ASP B 47 -95.54 63.46 26.64
C ASP B 47 -94.96 64.63 27.42
N ASP B 48 -93.75 64.45 27.94
CA ASP B 48 -92.98 65.55 28.47
C ASP B 48 -91.84 65.81 27.49
N PRO B 49 -92.05 66.80 26.58
CA PRO B 49 -91.10 67.06 25.49
C PRO B 49 -89.90 67.94 25.85
N THR B 50 -89.59 68.08 27.13
CA THR B 50 -88.41 68.84 27.48
C THR B 50 -87.44 67.88 28.14
N VAL B 51 -87.85 66.61 28.20
CA VAL B 51 -87.00 65.58 28.79
C VAL B 51 -85.69 65.53 27.97
N ALA B 52 -84.56 65.37 28.66
CA ALA B 52 -83.29 65.19 27.96
C ALA B 52 -83.25 63.79 27.38
N LEU B 53 -82.35 63.52 26.44
CA LEU B 53 -82.29 62.17 25.89
C LEU B 53 -81.66 61.23 26.90
N PRO B 54 -82.36 60.14 27.26
CA PRO B 54 -81.76 59.08 28.09
C PRO B 54 -80.38 58.62 27.56
N ALA B 55 -79.42 58.47 28.49
CA ALA B 55 -78.08 58.07 28.12
C ALA B 55 -78.09 56.62 27.68
N ALA B 56 -79.11 55.89 28.11
CA ALA B 56 -79.25 54.49 27.75
C ALA B 56 -79.42 54.35 26.25
N ILE B 57 -79.99 55.38 25.63
CA ILE B 57 -80.21 55.30 24.19
C ILE B 57 -79.18 56.15 23.46
N GLY B 58 -78.71 57.22 24.08
CA GLY B 58 -77.59 57.94 23.52
C GLY B 58 -76.40 57.00 23.33
N LEU B 59 -76.20 56.15 24.32
CA LEU B 59 -75.13 55.16 24.24
C LEU B 59 -75.38 54.26 23.03
N THR B 60 -76.63 53.88 22.81
CA THR B 60 -76.94 52.99 21.69
C THR B 60 -76.69 53.65 20.32
N ILE B 61 -76.86 54.97 20.24
CA ILE B 61 -76.56 55.67 18.99
C ILE B 61 -75.07 56.03 18.88
N LEU B 62 -74.38 56.04 20.02
CA LEU B 62 -72.92 56.17 20.00
C LEU B 62 -72.39 54.84 19.46
N CYS B 63 -72.91 53.75 20.01
CA CYS B 63 -72.61 52.38 19.59
C CYS B 63 -72.77 52.12 18.11
N TYR B 64 -73.77 52.76 17.52
CA TYR B 64 -74.03 52.73 16.08
C TYR B 64 -72.84 53.23 15.25
N GLY B 65 -72.40 54.46 15.52
CA GLY B 65 -71.26 55.03 14.83
C GLY B 65 -70.01 54.19 15.03
N VAL B 66 -69.62 54.00 16.29
CA VAL B 66 -68.47 53.20 16.64
C VAL B 66 -68.76 51.73 16.37
N ALA B 67 -69.06 51.43 15.11
CA ALA B 67 -69.31 50.08 14.67
C ALA B 67 -69.42 50.23 13.19
N ARG B 68 -69.95 51.38 12.79
CA ARG B 68 -69.95 51.79 11.40
C ARG B 68 -68.53 52.20 11.03
N PHE B 69 -67.97 53.12 11.78
CA PHE B 69 -66.61 53.57 11.54
C PHE B 69 -65.59 52.49 11.78
N GLY B 70 -65.78 51.72 12.85
CA GLY B 70 -64.87 50.64 13.20
C GLY B 70 -64.76 49.52 12.18
N SER B 71 -65.89 49.21 11.53
CA SER B 71 -65.99 48.14 10.54
C SER B 71 -65.09 48.46 9.35
N VAL B 72 -65.12 49.71 8.95
CA VAL B 72 -64.25 50.22 7.91
C VAL B 72 -62.80 50.18 8.36
N LEU B 73 -62.53 50.75 9.54
CA LEU B 73 -61.19 50.89 10.06
C LEU B 73 -60.47 49.53 10.17
N PHE B 74 -61.21 48.48 10.51
CA PHE B 74 -60.61 47.17 10.65
C PHE B 74 -60.35 46.57 9.28
N GLY B 75 -61.13 47.02 8.29
CA GLY B 75 -60.96 46.57 6.91
C GLY B 75 -59.78 47.27 6.27
N GLU B 76 -59.64 48.55 6.59
CA GLU B 76 -58.52 49.35 6.13
C GLU B 76 -57.25 48.81 6.74
N LEU B 77 -57.34 48.38 8.00
CA LEU B 77 -56.17 47.88 8.68
C LEU B 77 -55.79 46.50 8.15
N ARG B 78 -56.78 45.71 7.73
CA ARG B 78 -56.52 44.42 7.10
C ARG B 78 -55.69 44.60 5.81
N ASN B 79 -56.09 45.59 5.01
CA ASN B 79 -55.45 45.93 3.75
C ASN B 79 -54.02 46.41 3.89
N ALA B 80 -53.83 47.36 4.80
CA ALA B 80 -52.51 47.90 5.00
C ALA B 80 -51.62 46.88 5.71
N VAL B 81 -52.22 45.98 6.47
CA VAL B 81 -51.43 44.90 7.07
C VAL B 81 -51.09 43.87 6.02
N PHE B 82 -52.10 43.33 5.33
CA PHE B 82 -51.86 42.24 4.40
C PHE B 82 -51.04 42.66 3.19
N ALA B 83 -50.99 43.95 2.92
CA ALA B 83 -50.16 44.43 1.83
C ALA B 83 -48.72 44.09 2.17
N LYS B 84 -48.33 44.28 3.43
CA LYS B 84 -46.98 44.00 3.88
C LYS B 84 -46.62 42.53 3.68
N VAL B 85 -47.61 41.69 3.44
CA VAL B 85 -47.33 40.31 3.13
C VAL B 85 -47.25 40.15 1.63
N ALA B 86 -48.27 40.64 0.94
CA ALA B 86 -48.35 40.52 -0.52
C ALA B 86 -47.14 41.15 -1.18
N GLN B 87 -46.92 42.43 -0.89
CA GLN B 87 -45.76 43.14 -1.44
C GLN B 87 -44.45 42.43 -1.16
N ASN B 88 -44.43 41.64 -0.10
CA ASN B 88 -43.23 40.92 0.26
C ASN B 88 -42.96 39.64 -0.52
N ALA B 89 -44.01 38.89 -0.84
CA ALA B 89 -43.86 37.69 -1.64
C ALA B 89 -43.44 38.11 -3.05
N ILE B 90 -44.01 39.21 -3.52
CA ILE B 90 -43.63 39.73 -4.82
C ILE B 90 -42.12 39.99 -4.86
N ARG B 91 -41.60 40.71 -3.87
CA ARG B 91 -40.17 40.98 -3.80
C ARG B 91 -39.38 39.67 -3.90
N THR B 92 -39.78 38.71 -3.09
CA THR B 92 -39.06 37.44 -3.03
C THR B 92 -39.08 36.68 -4.35
N VAL B 93 -40.21 36.62 -5.02
CA VAL B 93 -40.31 35.91 -6.27
C VAL B 93 -39.55 36.67 -7.37
N SER B 94 -39.70 37.98 -7.43
CA SER B 94 -39.03 38.77 -8.45
C SER B 94 -37.51 38.64 -8.39
N LEU B 95 -37.00 38.30 -7.22
CA LEU B 95 -35.57 38.12 -7.03
C LEU B 95 -35.13 36.72 -7.39
N GLN B 96 -35.81 35.72 -6.84
CA GLN B 96 -35.46 34.32 -7.04
C GLN B 96 -35.59 33.92 -8.50
N THR B 97 -36.46 34.63 -9.22
CA THR B 97 -36.59 34.46 -10.64
C THR B 97 -35.38 35.07 -11.33
N PHE B 98 -35.09 36.32 -10.98
CA PHE B 98 -33.96 37.03 -11.54
C PHE B 98 -32.65 36.29 -11.34
N GLN B 99 -32.47 35.75 -10.15
CA GLN B 99 -31.26 35.01 -9.79
C GLN B 99 -31.04 33.72 -10.58
N HIS B 100 -32.10 32.94 -10.67
CA HIS B 100 -32.05 31.65 -11.32
C HIS B 100 -31.95 31.83 -12.80
N LEU B 101 -32.47 32.97 -13.29
CA LEU B 101 -32.42 33.24 -14.71
C LEU B 101 -30.99 33.37 -15.21
N MET B 102 -30.09 33.81 -14.34
CA MET B 102 -28.71 34.00 -14.76
C MET B 102 -27.87 32.74 -14.58
N LYS B 103 -28.46 31.75 -13.93
CA LYS B 103 -27.81 30.46 -13.79
C LYS B 103 -28.02 29.64 -15.05
N LEU B 104 -28.93 30.10 -15.90
CA LEU B 104 -29.28 29.33 -17.07
C LEU B 104 -28.18 29.50 -18.09
N ASP B 105 -28.07 28.53 -19.01
CA ASP B 105 -26.99 28.46 -19.99
C ASP B 105 -27.21 29.43 -21.15
N LEU B 106 -26.13 29.82 -21.80
CA LEU B 106 -26.18 30.86 -22.83
C LEU B 106 -27.08 30.51 -23.99
N GLY B 107 -27.18 29.22 -24.31
CA GLY B 107 -28.02 28.80 -25.42
C GLY B 107 -29.47 29.10 -25.16
N TRP B 108 -29.86 28.87 -23.92
CA TRP B 108 -31.21 29.18 -23.47
C TRP B 108 -31.50 30.67 -23.67
N HIS B 109 -30.66 31.53 -23.12
CA HIS B 109 -30.85 32.98 -23.25
C HIS B 109 -30.94 33.46 -24.68
N LEU B 110 -30.38 32.67 -25.58
CA LEU B 110 -30.36 33.05 -26.98
C LEU B 110 -31.68 32.70 -27.69
N SER B 111 -32.34 31.62 -27.26
CA SER B 111 -33.61 31.24 -27.88
C SER B 111 -34.70 32.21 -27.42
N ARG B 112 -34.77 32.40 -26.11
CA ARG B 112 -35.78 33.24 -25.45
C ARG B 112 -35.77 34.75 -25.81
N GLN B 113 -36.88 35.30 -26.29
CA GLN B 113 -36.94 36.75 -26.51
C GLN B 113 -36.97 37.42 -25.14
N THR B 114 -35.99 38.28 -24.89
CA THR B 114 -35.75 38.84 -23.56
C THR B 114 -36.87 39.75 -23.05
N GLY B 115 -37.59 40.38 -23.97
CA GLY B 115 -38.75 41.18 -23.60
C GLY B 115 -39.89 40.29 -23.17
N GLY B 116 -40.05 39.14 -23.84
CA GLY B 116 -41.06 38.19 -23.45
C GLY B 116 -40.81 37.72 -22.05
N LEU B 117 -39.55 37.75 -21.62
CA LEU B 117 -39.18 37.32 -20.29
C LEU B 117 -39.45 38.41 -19.28
N THR B 118 -39.18 39.63 -19.72
CA THR B 118 -39.33 40.78 -18.89
C THR B 118 -40.83 40.99 -18.59
N ARG B 119 -41.67 40.75 -19.61
CA ARG B 119 -43.13 40.76 -19.47
C ARG B 119 -43.58 39.59 -18.63
N ALA B 120 -43.10 38.38 -18.98
CA ALA B 120 -43.52 37.17 -18.29
C ALA B 120 -43.32 37.28 -16.80
N MET B 121 -42.30 38.02 -16.39
CA MET B 121 -42.13 38.17 -14.96
C MET B 121 -42.86 39.40 -14.43
N ASP B 122 -43.03 40.42 -15.26
CA ASP B 122 -43.77 41.60 -14.82
C ASP B 122 -45.25 41.26 -14.65
N ARG B 123 -45.83 40.63 -15.70
CA ARG B 123 -47.21 40.20 -15.69
C ARG B 123 -47.42 39.03 -14.75
N GLY B 124 -46.31 38.45 -14.31
CA GLY B 124 -46.37 37.37 -13.34
C GLY B 124 -46.58 37.90 -11.95
N THR B 125 -45.86 38.96 -11.59
CA THR B 125 -45.98 39.54 -10.26
C THR B 125 -47.26 40.37 -10.10
N LYS B 126 -47.60 41.14 -11.15
CA LYS B 126 -48.84 41.92 -11.16
C LYS B 126 -50.00 40.90 -11.04
N GLY B 127 -49.80 39.70 -11.58
CA GLY B 127 -50.81 38.64 -11.50
C GLY B 127 -50.85 37.94 -10.15
N ILE B 128 -50.15 38.48 -9.17
CA ILE B 128 -50.21 37.91 -7.82
C ILE B 128 -51.00 38.85 -6.91
N SER B 129 -50.82 40.15 -7.11
CA SER B 129 -51.61 41.14 -6.40
C SER B 129 -53.06 41.09 -6.87
N GLN B 130 -53.32 40.20 -7.82
CA GLN B 130 -54.65 39.98 -8.36
C GLN B 130 -55.26 38.75 -7.72
N VAL B 131 -54.42 37.82 -7.28
CA VAL B 131 -54.93 36.55 -6.78
C VAL B 131 -54.92 36.51 -5.27
N LEU B 132 -53.98 37.20 -4.63
CA LEU B 132 -54.03 37.28 -3.18
C LEU B 132 -55.12 38.27 -2.75
N THR B 133 -55.36 39.26 -3.59
CA THR B 133 -56.40 40.25 -3.31
C THR B 133 -57.78 39.61 -3.45
N ALA B 134 -57.94 38.79 -4.48
CA ALA B 134 -59.22 38.09 -4.70
C ALA B 134 -59.63 37.32 -3.45
N MET B 135 -58.64 36.69 -2.83
CA MET B 135 -58.88 35.87 -1.65
C MET B 135 -59.13 36.74 -0.41
N VAL B 136 -58.12 37.53 -0.05
CA VAL B 136 -58.11 38.26 1.21
C VAL B 136 -58.89 39.58 1.19
N PHE B 137 -59.08 40.18 0.02
CA PHE B 137 -59.78 41.46 0.03
C PHE B 137 -61.25 41.35 -0.42
N HIS B 138 -61.59 40.24 -1.05
CA HIS B 138 -62.93 40.07 -1.65
C HIS B 138 -63.63 38.76 -1.28
N ILE B 139 -63.18 37.64 -1.85
CA ILE B 139 -63.88 36.37 -1.66
C ILE B 139 -64.11 35.97 -0.19
N ILE B 140 -63.06 35.93 0.62
CA ILE B 140 -63.23 35.54 2.02
C ILE B 140 -64.18 36.47 2.83
N PRO B 141 -63.94 37.81 2.82
CA PRO B 141 -64.85 38.72 3.54
C PRO B 141 -66.33 38.60 3.13
N ILE B 142 -66.58 38.41 1.84
CA ILE B 142 -67.94 38.31 1.31
C ILE B 142 -68.53 36.91 1.52
N SER B 143 -67.67 35.95 1.81
CA SER B 143 -68.15 34.62 2.10
C SER B 143 -68.57 34.60 3.56
N PHE B 144 -67.73 35.19 4.41
CA PHE B 144 -68.00 35.30 5.85
C PHE B 144 -69.29 36.08 6.12
N GLU B 145 -69.41 37.25 5.52
CA GLU B 145 -70.59 38.08 5.77
C GLU B 145 -71.88 37.40 5.32
N ILE B 146 -71.85 36.69 4.19
CA ILE B 146 -73.05 36.01 3.70
C ILE B 146 -73.48 34.88 4.63
N SER B 147 -72.52 34.10 5.09
CA SER B 147 -72.83 33.04 6.03
C SER B 147 -73.39 33.67 7.29
N VAL B 148 -72.63 34.59 7.87
CA VAL B 148 -73.09 35.25 9.09
C VAL B 148 -74.47 35.88 8.91
N VAL B 149 -74.66 36.70 7.86
CA VAL B 149 -75.97 37.31 7.64
C VAL B 149 -77.05 36.24 7.42
N CYS B 150 -76.77 35.23 6.63
CA CYS B 150 -77.78 34.18 6.47
C CYS B 150 -78.02 33.38 7.75
N GLY B 151 -77.02 33.31 8.61
CA GLY B 151 -77.16 32.64 9.90
C GLY B 151 -78.15 33.36 10.77
N ILE B 152 -77.91 34.67 10.91
CA ILE B 152 -78.76 35.56 11.67
C ILE B 152 -80.19 35.53 11.17
N LEU B 153 -80.36 35.58 9.86
CA LEU B 153 -81.70 35.57 9.30
C LEU B 153 -82.44 34.27 9.63
N THR B 154 -81.81 33.13 9.39
CA THR B 154 -82.41 31.86 9.77
C THR B 154 -82.76 31.85 11.25
N TYR B 155 -81.80 32.26 12.08
CA TYR B 155 -82.01 32.25 13.53
C TYR B 155 -83.10 33.24 13.99
N GLN B 156 -83.02 34.48 13.54
CA GLN B 156 -83.82 35.55 14.10
C GLN B 156 -85.10 35.92 13.33
N PHE B 157 -85.24 35.44 12.10
CA PHE B 157 -86.42 35.82 11.33
C PHE B 157 -87.09 34.68 10.59
N GLY B 158 -86.38 33.54 10.52
CA GLY B 158 -86.85 32.39 9.78
C GLY B 158 -86.09 32.13 8.50
N ALA B 159 -86.09 30.86 8.08
CA ALA B 159 -85.36 30.50 6.89
C ALA B 159 -85.99 31.05 5.61
N SER B 160 -87.24 31.52 5.66
CA SER B 160 -87.87 32.12 4.47
C SER B 160 -87.06 33.31 3.98
N PHE B 161 -86.60 34.12 4.95
CA PHE B 161 -85.77 35.28 4.64
C PHE B 161 -84.41 34.79 4.16
N ALA B 162 -83.73 33.99 4.98
CA ALA B 162 -82.40 33.51 4.62
C ALA B 162 -82.37 32.89 3.23
N ALA B 163 -83.44 32.17 2.90
CA ALA B 163 -83.55 31.50 1.61
C ALA B 163 -83.39 32.50 0.48
N ILE B 164 -84.21 33.54 0.51
CA ILE B 164 -84.23 34.49 -0.59
C ILE B 164 -83.05 35.44 -0.50
N THR B 165 -82.42 35.55 0.66
CA THR B 165 -81.16 36.28 0.73
C THR B 165 -80.12 35.50 -0.05
N PHE B 166 -79.81 34.30 0.41
CA PHE B 166 -78.81 33.47 -0.26
C PHE B 166 -79.17 33.20 -1.73
N SER B 167 -80.45 33.06 -2.02
CA SER B 167 -80.90 32.84 -3.40
C SER B 167 -80.60 34.08 -4.23
N THR B 168 -80.81 35.25 -3.63
CA THR B 168 -80.56 36.50 -4.33
C THR B 168 -79.12 36.57 -4.77
N MET B 169 -78.22 36.13 -3.88
CA MET B 169 -76.79 36.07 -4.17
C MET B 169 -76.45 35.25 -5.41
N LEU B 170 -77.06 34.07 -5.51
CA LEU B 170 -76.82 33.19 -6.64
C LEU B 170 -77.37 33.77 -7.94
N LEU B 171 -78.58 34.32 -7.91
CA LEU B 171 -79.10 34.97 -9.11
C LEU B 171 -78.18 36.15 -9.47
N TYR B 172 -77.58 36.77 -8.47
CA TYR B 172 -76.71 37.90 -8.72
C TYR B 172 -75.44 37.48 -9.44
N SER B 173 -74.82 36.39 -8.99
CA SER B 173 -73.60 35.89 -9.62
C SER B 173 -73.82 35.40 -11.03
N ILE B 174 -74.74 34.44 -11.18
CA ILE B 174 -74.99 33.82 -12.46
C ILE B 174 -75.76 34.72 -13.44
N PHE B 175 -75.73 36.02 -13.18
CA PHE B 175 -76.19 37.01 -14.13
C PHE B 175 -75.02 37.90 -14.39
N THR B 176 -74.37 38.33 -13.30
CA THR B 176 -73.20 39.18 -13.40
C THR B 176 -72.14 38.53 -14.29
N ILE B 177 -71.68 37.33 -13.91
CA ILE B 177 -70.64 36.65 -14.70
C ILE B 177 -71.16 36.34 -16.11
N LYS B 178 -72.33 35.71 -16.18
CA LYS B 178 -72.84 35.26 -17.47
C LYS B 178 -73.09 36.45 -18.43
N THR B 179 -73.17 37.67 -17.87
CA THR B 179 -73.32 38.89 -18.67
C THR B 179 -71.96 39.52 -18.87
N THR B 180 -71.17 39.54 -17.80
CA THR B 180 -69.86 40.16 -17.86
C THR B 180 -69.00 39.40 -18.88
N ALA B 181 -69.13 38.07 -18.90
CA ALA B 181 -68.35 37.25 -19.82
C ALA B 181 -68.90 37.47 -21.23
N TRP B 182 -70.18 37.78 -21.31
CA TRP B 182 -70.82 38.07 -22.59
C TRP B 182 -70.30 39.39 -23.15
N ARG B 183 -70.17 40.38 -22.27
CA ARG B 183 -69.91 41.75 -22.68
C ARG B 183 -68.43 42.04 -22.92
N THR B 184 -67.57 41.04 -22.72
CA THR B 184 -66.15 41.22 -23.04
C THR B 184 -65.94 41.23 -24.55
N HIS B 185 -66.88 40.57 -25.24
CA HIS B 185 -66.84 40.48 -26.70
C HIS B 185 -67.14 41.82 -27.39
N PHE B 186 -67.03 42.92 -26.66
CA PHE B 186 -67.28 44.26 -27.20
C PHE B 186 -66.04 45.07 -27.00
N ARG B 187 -65.45 44.95 -25.82
CA ARG B 187 -64.23 45.69 -25.56
C ARG B 187 -63.06 45.09 -26.37
N ARG B 188 -63.06 43.76 -26.55
CA ARG B 188 -61.99 43.10 -27.31
C ARG B 188 -62.07 43.49 -28.78
N ASP B 189 -63.16 44.16 -29.17
CA ASP B 189 -63.37 44.66 -30.53
C ASP B 189 -63.05 46.11 -30.56
N ALA B 190 -63.19 46.76 -29.42
CA ALA B 190 -63.01 48.20 -29.36
C ALA B 190 -61.54 48.52 -29.55
N ASN B 191 -60.69 47.96 -28.70
CA ASN B 191 -59.28 48.26 -28.78
C ASN B 191 -58.70 47.62 -30.03
N LYS B 192 -59.49 46.76 -30.68
CA LYS B 192 -59.09 46.27 -31.98
C LYS B 192 -59.08 47.41 -33.00
N ALA B 193 -60.26 48.02 -33.17
CA ALA B 193 -60.39 49.13 -34.11
C ALA B 193 -59.48 50.27 -33.72
N ASP B 194 -59.33 50.49 -32.42
CA ASP B 194 -58.49 51.57 -31.89
C ASP B 194 -57.05 51.38 -32.38
N ASN B 195 -56.64 50.11 -32.45
CA ASN B 195 -55.33 49.73 -32.97
C ASN B 195 -55.26 49.90 -34.48
N LYS B 196 -56.35 49.53 -35.15
CA LYS B 196 -56.44 49.70 -36.59
C LYS B 196 -56.27 51.16 -36.94
N ALA B 197 -57.09 52.00 -36.32
CA ALA B 197 -57.03 53.44 -36.54
C ALA B 197 -55.69 54.01 -36.10
N ALA B 198 -55.07 53.42 -35.08
CA ALA B 198 -53.78 53.90 -34.64
C ALA B 198 -52.71 53.71 -35.72
N SER B 199 -52.74 52.54 -36.38
CA SER B 199 -51.74 52.22 -37.39
C SER B 199 -52.02 53.00 -38.66
N VAL B 200 -53.30 53.12 -39.01
CA VAL B 200 -53.66 53.93 -40.16
C VAL B 200 -53.09 55.32 -39.90
N ALA B 201 -53.34 55.88 -38.73
CA ALA B 201 -52.82 57.21 -38.44
C ALA B 201 -51.28 57.28 -38.40
N LEU B 202 -50.63 56.19 -37.98
CA LEU B 202 -49.18 56.19 -37.87
C LEU B 202 -48.56 56.15 -39.25
N ASP B 203 -49.03 55.23 -40.07
CA ASP B 203 -48.56 55.11 -41.46
C ASP B 203 -48.70 56.44 -42.23
N SER B 204 -49.80 57.14 -41.99
CA SER B 204 -50.09 58.41 -42.62
C SER B 204 -49.19 59.53 -42.12
N LEU B 205 -48.34 59.24 -41.15
CA LEU B 205 -47.46 60.29 -40.63
C LEU B 205 -46.02 60.01 -41.00
N ILE B 206 -45.68 58.73 -41.03
CA ILE B 206 -44.35 58.29 -41.43
C ILE B 206 -44.27 58.30 -42.95
N ASN B 207 -45.18 57.59 -43.60
CA ASN B 207 -45.16 57.58 -45.05
C ASN B 207 -45.89 58.82 -45.56
N PHE B 208 -45.65 59.95 -44.89
CA PHE B 208 -46.32 61.21 -45.19
C PHE B 208 -46.04 61.67 -46.58
N GLU B 209 -44.79 61.54 -47.00
CA GLU B 209 -44.42 61.92 -48.35
C GLU B 209 -45.15 61.00 -49.33
N ALA B 210 -45.14 59.69 -49.05
CA ALA B 210 -45.80 58.72 -49.91
C ALA B 210 -47.25 59.08 -50.15
N VAL B 211 -47.93 59.51 -49.09
CA VAL B 211 -49.32 59.88 -49.25
C VAL B 211 -49.42 61.21 -49.97
N LYS B 212 -48.34 61.99 -49.94
CA LYS B 212 -48.30 63.24 -50.69
C LYS B 212 -47.90 62.95 -52.12
N TYR B 213 -46.92 62.06 -52.30
CA TYR B 213 -46.43 61.67 -53.62
C TYR B 213 -47.53 61.01 -54.41
N PHE B 214 -48.55 60.54 -53.71
CA PHE B 214 -49.69 60.00 -54.43
C PHE B 214 -50.94 60.80 -54.18
N ASN B 215 -52.04 60.33 -54.71
CA ASN B 215 -53.31 61.01 -54.55
C ASN B 215 -53.70 60.96 -53.08
N ASN B 216 -54.68 60.11 -52.79
CA ASN B 216 -55.02 59.64 -51.44
C ASN B 216 -55.31 60.79 -50.45
N GLU B 217 -54.74 60.77 -49.24
CA GLU B 217 -55.15 61.71 -48.17
C GLU B 217 -56.61 61.53 -47.78
N LYS B 218 -57.52 61.86 -48.69
CA LYS B 218 -58.92 61.53 -48.49
C LYS B 218 -59.08 60.02 -48.36
N TYR B 219 -58.36 59.26 -49.16
CA TYR B 219 -58.42 57.80 -49.09
C TYR B 219 -58.08 57.35 -47.68
N LEU B 220 -56.96 57.84 -47.16
CA LEU B 220 -56.55 57.50 -45.80
C LEU B 220 -57.46 58.15 -44.76
N ALA B 221 -57.99 59.32 -45.08
CA ALA B 221 -58.86 60.00 -44.14
C ALA B 221 -60.07 59.12 -43.88
N ASP B 222 -60.74 58.65 -44.91
CA ASP B 222 -61.90 57.84 -44.60
C ASP B 222 -61.54 56.38 -44.43
N LYS B 223 -60.25 56.09 -44.40
CA LYS B 223 -59.83 54.76 -43.99
C LYS B 223 -59.69 54.80 -42.49
N TYR B 224 -59.30 55.96 -41.99
CA TYR B 224 -59.18 56.21 -40.56
C TYR B 224 -60.59 56.25 -39.99
N ASN B 225 -61.40 57.16 -40.55
CA ASN B 225 -62.78 57.34 -40.15
C ASN B 225 -63.55 56.04 -40.16
N GLY B 226 -63.15 55.12 -41.03
CA GLY B 226 -63.75 53.81 -41.03
C GLY B 226 -63.57 53.15 -39.68
N SER B 227 -62.32 53.04 -39.22
CA SER B 227 -62.04 52.46 -37.92
C SER B 227 -62.57 53.32 -36.78
N LEU B 228 -62.51 54.63 -36.96
CA LEU B 228 -62.95 55.55 -35.92
C LEU B 228 -64.43 55.30 -35.64
N MET B 229 -65.21 55.03 -36.70
CA MET B 229 -66.62 54.73 -36.56
C MET B 229 -66.83 53.32 -36.04
N ASN B 230 -65.90 52.43 -36.34
CA ASN B 230 -65.91 51.11 -35.70
C ASN B 230 -65.63 51.21 -34.21
N TYR B 231 -64.69 52.06 -33.83
CA TYR B 231 -64.34 52.14 -32.42
C TYR B 231 -65.46 52.83 -31.64
N ARG B 232 -66.09 53.83 -32.25
CA ARG B 232 -67.28 54.48 -31.70
C ARG B 232 -68.42 53.49 -31.50
N ASP B 233 -68.78 52.78 -32.57
CA ASP B 233 -69.89 51.83 -32.53
C ASP B 233 -69.66 50.75 -31.49
N SER B 234 -68.40 50.36 -31.31
CA SER B 234 -68.06 49.31 -30.37
C SER B 234 -68.11 49.83 -28.93
N GLN B 235 -67.52 51.01 -28.73
CA GLN B 235 -67.43 51.64 -27.42
C GLN B 235 -68.84 51.99 -26.91
N ILE B 236 -69.73 52.28 -27.87
CA ILE B 236 -71.13 52.53 -27.56
C ILE B 236 -71.80 51.25 -27.05
N LYS B 237 -71.45 50.12 -27.65
CA LYS B 237 -72.02 48.85 -27.24
C LYS B 237 -71.42 48.40 -25.89
N VAL B 238 -70.31 49.01 -25.50
CA VAL B 238 -69.70 48.74 -24.20
C VAL B 238 -70.50 49.44 -23.12
N SER B 239 -70.67 50.76 -23.27
CA SER B 239 -71.44 51.53 -22.30
C SER B 239 -72.88 51.03 -22.23
N GLN B 240 -73.45 50.68 -23.38
CA GLN B 240 -74.81 50.13 -23.43
C GLN B 240 -74.91 48.80 -22.70
N SER B 241 -73.95 47.92 -22.92
CA SER B 241 -74.00 46.62 -22.28
C SER B 241 -73.78 46.81 -20.79
N LEU B 242 -73.01 47.83 -20.43
CA LEU B 242 -72.76 48.13 -19.03
C LEU B 242 -74.06 48.57 -18.35
N ALA B 243 -74.86 49.35 -19.05
CA ALA B 243 -76.13 49.78 -18.48
C ALA B 243 -76.91 48.54 -18.11
N PHE B 244 -77.09 47.66 -19.09
CA PHE B 244 -77.84 46.42 -18.87
C PHE B 244 -77.33 45.71 -17.63
N LEU B 245 -76.02 45.62 -17.49
CA LEU B 245 -75.40 44.93 -16.35
C LEU B 245 -75.76 45.57 -15.01
N ASN B 246 -75.68 46.88 -14.92
CA ASN B 246 -75.99 47.54 -13.66
C ASN B 246 -77.47 47.59 -13.31
N SER B 247 -78.29 47.64 -14.36
CA SER B 247 -79.72 47.66 -14.17
C SER B 247 -80.16 46.29 -13.72
N GLY B 248 -79.61 45.24 -14.32
CA GLY B 248 -79.95 43.90 -13.89
C GLY B 248 -79.51 43.64 -12.47
N GLN B 249 -78.38 44.22 -12.10
CA GLN B 249 -77.80 44.08 -10.77
C GLN B 249 -78.60 44.80 -9.70
N ASN B 250 -79.11 45.98 -10.03
CA ASN B 250 -79.91 46.70 -9.07
C ASN B 250 -81.32 46.11 -9.04
N LEU B 251 -81.83 45.67 -10.18
CA LEU B 251 -83.16 45.02 -10.23
C LEU B 251 -83.21 43.80 -9.31
N ILE B 252 -82.14 43.01 -9.29
CA ILE B 252 -82.06 41.82 -8.45
C ILE B 252 -82.19 42.15 -6.95
N PHE B 253 -81.41 43.10 -6.48
CA PHE B 253 -81.47 43.52 -5.09
C PHE B 253 -82.70 44.31 -4.78
N THR B 254 -83.07 45.20 -5.69
CA THR B 254 -84.22 46.05 -5.42
C THR B 254 -85.45 45.18 -5.12
N THR B 255 -85.73 44.18 -5.94
CA THR B 255 -86.89 43.34 -5.68
C THR B 255 -86.68 42.47 -4.44
N ALA B 256 -85.51 41.85 -4.31
CA ALA B 256 -85.20 41.05 -3.13
C ALA B 256 -85.43 41.85 -1.84
N LEU B 257 -85.09 43.14 -1.88
CA LEU B 257 -85.28 44.03 -0.74
C LEU B 257 -86.76 44.35 -0.55
N THR B 258 -87.42 44.68 -1.65
CA THR B 258 -88.82 44.98 -1.65
C THR B 258 -89.63 43.81 -1.15
N ALA B 259 -89.36 42.62 -1.67
CA ALA B 259 -90.08 41.44 -1.26
C ALA B 259 -89.91 41.18 0.23
N MET B 260 -88.73 41.51 0.74
CA MET B 260 -88.42 41.30 2.15
C MET B 260 -89.10 42.33 3.06
N MET B 261 -89.23 43.56 2.60
CA MET B 261 -89.93 44.58 3.38
C MET B 261 -91.40 44.23 3.45
N TYR B 262 -91.91 43.60 2.41
CA TYR B 262 -93.26 43.10 2.46
C TYR B 262 -93.32 42.07 3.59
N MET B 263 -92.63 40.94 3.39
CA MET B 263 -92.51 39.87 4.37
C MET B 263 -92.25 40.36 5.81
N GLY B 264 -91.62 41.53 5.92
CA GLY B 264 -91.32 42.08 7.23
C GLY B 264 -92.54 42.73 7.85
N CYS B 265 -93.38 43.29 7.01
CA CYS B 265 -94.59 43.96 7.49
C CYS B 265 -95.67 42.97 7.92
N THR B 266 -95.59 41.75 7.40
CA THR B 266 -96.47 40.71 7.83
C THR B 266 -96.07 40.32 9.25
N GLY B 267 -94.78 40.45 9.55
CA GLY B 267 -94.25 40.12 10.87
C GLY B 267 -94.49 41.21 11.90
N VAL B 268 -94.92 42.39 11.43
CA VAL B 268 -95.34 43.47 12.32
C VAL B 268 -96.84 43.28 12.66
N ILE B 269 -97.56 42.73 11.68
CA ILE B 269 -98.97 42.35 11.84
C ILE B 269 -99.15 41.15 12.80
N GLY B 270 -98.36 40.10 12.59
CA GLY B 270 -98.31 38.93 13.45
C GLY B 270 -97.60 39.23 14.76
N GLY B 271 -97.27 40.50 14.99
CA GLY B 271 -96.71 40.93 16.26
C GLY B 271 -95.31 40.41 16.57
N ASN B 272 -94.82 39.50 15.72
CA ASN B 272 -93.52 38.85 15.90
C ASN B 272 -92.33 39.80 15.76
N LEU B 273 -92.46 40.72 14.82
CA LEU B 273 -91.38 41.63 14.48
C LEU B 273 -91.79 43.05 14.84
N THR B 274 -90.85 43.78 15.43
CA THR B 274 -91.07 45.19 15.69
C THR B 274 -90.93 45.98 14.38
N VAL B 275 -91.13 47.28 14.47
CA VAL B 275 -91.10 48.12 13.28
C VAL B 275 -89.62 48.39 12.92
N GLY B 276 -88.75 48.39 13.93
CA GLY B 276 -87.31 48.49 13.73
C GLY B 276 -86.77 47.28 12.98
N ASP B 277 -87.39 46.12 13.19
CA ASP B 277 -87.02 44.89 12.47
C ASP B 277 -87.09 45.01 10.95
N LEU B 278 -87.79 46.03 10.47
CA LEU B 278 -87.86 46.31 9.04
C LEU B 278 -86.56 46.97 8.58
N VAL B 279 -86.12 47.96 9.35
CA VAL B 279 -84.84 48.59 9.11
C VAL B 279 -83.75 47.52 9.18
N LEU B 280 -83.88 46.61 10.13
CA LEU B 280 -82.91 45.55 10.38
C LEU B 280 -82.72 44.60 9.20
N ILE B 281 -83.79 44.05 8.67
CA ILE B 281 -83.64 43.11 7.56
C ILE B 281 -83.16 43.82 6.30
N ASN B 282 -83.59 45.07 6.15
CA ASN B 282 -83.20 45.86 4.99
C ASN B 282 -81.72 46.18 5.04
N GLN B 283 -81.31 46.92 6.06
CA GLN B 283 -79.94 47.36 6.15
C GLN B 283 -78.95 46.19 6.28
N LEU B 284 -79.33 45.10 6.94
CA LEU B 284 -78.43 43.94 7.04
C LEU B 284 -78.14 43.41 5.63
N VAL B 285 -79.21 43.15 4.89
CA VAL B 285 -79.14 42.61 3.53
C VAL B 285 -78.59 43.61 2.52
N PHE B 286 -78.86 44.90 2.74
CA PHE B 286 -78.31 45.89 1.83
C PHE B 286 -76.81 45.97 1.94
N GLN B 287 -76.30 45.91 3.16
CA GLN B 287 -74.86 45.98 3.36
C GLN B 287 -74.09 44.86 2.64
N LEU B 288 -74.81 43.90 2.06
CA LEU B 288 -74.18 42.85 1.29
C LEU B 288 -74.06 43.29 -0.16
N SER B 289 -74.81 44.32 -0.54
CA SER B 289 -74.78 44.75 -1.93
C SER B 289 -73.47 45.52 -2.21
N VAL B 290 -72.97 46.18 -1.17
CA VAL B 290 -71.85 47.09 -1.28
C VAL B 290 -70.57 46.49 -1.86
N PRO B 291 -70.01 45.46 -1.21
CA PRO B 291 -68.72 45.05 -1.76
C PRO B 291 -68.90 44.17 -2.99
N LEU B 292 -70.15 43.75 -3.22
CA LEU B 292 -70.49 42.83 -4.30
C LEU B 292 -70.35 43.47 -5.69
N ASN B 293 -70.27 44.80 -5.73
CA ASN B 293 -70.15 45.51 -6.99
C ASN B 293 -68.74 45.30 -7.58
N PHE B 294 -67.75 45.07 -6.70
CA PHE B 294 -66.36 44.78 -7.11
C PHE B 294 -66.30 43.42 -7.84
N LEU B 295 -66.57 42.37 -7.08
CA LEU B 295 -66.56 40.95 -7.52
C LEU B 295 -67.35 40.60 -8.83
N GLY B 296 -66.97 41.23 -9.94
CA GLY B 296 -67.60 40.99 -11.23
C GLY B 296 -66.57 41.32 -12.30
N SER B 297 -65.56 42.08 -11.87
CA SER B 297 -64.37 42.39 -12.68
C SER B 297 -63.49 41.15 -12.81
N VAL B 298 -63.51 40.36 -11.72
CA VAL B 298 -62.69 39.16 -11.54
C VAL B 298 -63.09 38.05 -12.51
N TYR B 299 -63.31 36.84 -11.96
CA TYR B 299 -63.52 35.60 -12.73
C TYR B 299 -62.54 35.41 -13.95
N ARG B 300 -62.61 36.35 -14.91
CA ARG B 300 -61.76 36.34 -16.09
C ARG B 300 -60.34 36.75 -15.73
N ASP B 301 -60.24 37.84 -14.95
CA ASP B 301 -58.95 38.35 -14.49
C ASP B 301 -58.29 37.22 -13.73
N LEU B 302 -59.09 36.58 -12.87
CA LEU B 302 -58.62 35.46 -12.08
C LEU B 302 -58.14 34.30 -12.97
N LYS B 303 -58.68 34.21 -14.17
CA LYS B 303 -58.28 33.14 -15.09
C LYS B 303 -56.93 33.47 -15.74
N GLN B 304 -56.83 34.68 -16.29
CA GLN B 304 -55.62 35.13 -16.93
C GLN B 304 -54.49 35.25 -15.90
N SER B 305 -54.83 35.77 -14.72
CA SER B 305 -53.80 35.93 -13.70
C SER B 305 -53.41 34.56 -13.16
N LEU B 306 -54.24 33.57 -13.40
CA LEU B 306 -53.93 32.22 -12.92
C LEU B 306 -52.81 31.60 -13.78
N ILE B 307 -52.86 31.89 -15.07
CA ILE B 307 -51.87 31.40 -16.00
C ILE B 307 -50.67 32.36 -16.07
N ASP B 308 -50.92 33.67 -16.06
CA ASP B 308 -49.80 34.65 -16.07
C ASP B 308 -48.90 34.52 -14.83
N MET B 309 -49.41 33.84 -13.81
CA MET B 309 -48.67 33.62 -12.57
C MET B 309 -47.94 32.30 -12.68
N GLU B 310 -48.48 31.43 -13.50
CA GLU B 310 -47.91 30.10 -13.63
C GLU B 310 -46.71 30.15 -14.55
N THR B 311 -46.81 30.94 -15.61
CA THR B 311 -45.70 31.08 -16.56
C THR B 311 -44.47 31.58 -15.81
N LEU B 312 -44.66 32.47 -14.84
CA LEU B 312 -43.55 32.99 -14.02
C LEU B 312 -43.00 31.90 -13.10
N PHE B 313 -43.82 30.92 -12.81
CA PHE B 313 -43.41 29.82 -11.97
C PHE B 313 -42.68 28.80 -12.85
N LYS B 314 -43.09 28.73 -14.12
CA LYS B 314 -42.44 27.90 -15.15
C LYS B 314 -40.96 28.30 -15.34
N LEU B 315 -40.61 29.54 -14.99
CA LEU B 315 -39.24 30.03 -15.12
C LEU B 315 -38.24 29.30 -14.26
N ARG B 316 -38.51 29.17 -12.96
CA ARG B 316 -37.55 28.49 -12.08
C ARG B 316 -37.56 26.98 -12.35
N LYS B 317 -38.53 26.54 -13.13
CA LYS B 317 -38.60 25.15 -13.55
C LYS B 317 -37.37 24.80 -14.41
N ASN B 318 -36.93 25.76 -15.22
CA ASN B 318 -35.88 25.49 -16.20
C ASN B 318 -34.60 24.99 -15.59
N GLU B 319 -34.11 23.88 -16.14
CA GLU B 319 -32.96 23.16 -15.61
C GLU B 319 -31.58 23.75 -15.98
N VAL B 320 -30.68 23.69 -14.99
CA VAL B 320 -29.30 24.11 -15.19
C VAL B 320 -28.45 22.99 -15.82
N LYS B 321 -28.02 23.22 -17.06
CA LYS B 321 -27.29 22.23 -17.86
C LYS B 321 -25.80 22.22 -17.56
N ILE B 322 -25.23 23.41 -17.47
CA ILE B 322 -23.83 23.59 -17.13
C ILE B 322 -23.68 23.72 -15.60
N LYS B 323 -23.47 22.58 -14.92
CA LYS B 323 -23.37 22.57 -13.46
C LYS B 323 -22.03 21.99 -13.07
N ASN B 324 -21.42 22.48 -11.99
CA ASN B 324 -20.17 21.87 -11.56
C ASN B 324 -20.53 20.51 -10.98
N ALA B 325 -19.66 19.52 -11.17
CA ALA B 325 -19.91 18.16 -10.69
C ALA B 325 -19.76 18.08 -9.16
N GLU B 326 -19.96 16.89 -8.61
CA GLU B 326 -19.90 16.75 -7.16
C GLU B 326 -18.46 16.87 -6.66
N ARG B 327 -18.29 17.62 -5.57
CA ARG B 327 -16.97 17.98 -5.07
C ARG B 327 -16.10 18.63 -6.16
N PRO B 328 -16.37 19.92 -6.46
CA PRO B 328 -15.60 20.64 -7.48
C PRO B 328 -14.34 21.26 -6.90
N LEU B 329 -13.25 21.23 -7.67
CA LEU B 329 -11.96 21.78 -7.23
C LEU B 329 -11.94 23.26 -7.48
N MET B 330 -11.23 24.00 -6.66
CA MET B 330 -11.02 25.39 -7.02
C MET B 330 -9.80 25.42 -7.90
N LEU B 331 -8.69 25.85 -7.33
CA LEU B 331 -7.37 25.65 -7.92
C LEU B 331 -7.09 26.53 -9.17
N PRO B 332 -5.81 26.53 -9.62
CA PRO B 332 -4.64 26.26 -8.77
C PRO B 332 -4.20 27.57 -8.16
N GLU B 333 -3.14 27.62 -7.37
CA GLU B 333 -2.93 28.82 -6.55
C GLU B 333 -2.10 29.92 -7.19
N ASN B 334 -0.79 29.77 -7.25
CA ASN B 334 0.03 30.86 -7.76
C ASN B 334 0.92 30.44 -8.91
N VAL B 335 0.29 29.92 -9.95
CA VAL B 335 0.99 29.55 -11.16
C VAL B 335 0.26 30.19 -12.31
N PRO B 336 0.98 30.44 -13.42
CA PRO B 336 0.33 30.86 -14.66
C PRO B 336 -0.47 29.71 -15.27
N TYR B 337 -1.55 30.04 -15.96
CA TYR B 337 -2.43 29.03 -16.53
C TYR B 337 -2.09 28.75 -17.98
N ASP B 338 -2.14 27.48 -18.35
CA ASP B 338 -2.06 27.12 -19.75
C ASP B 338 -3.40 26.49 -20.11
N ILE B 339 -3.67 26.35 -21.40
CA ILE B 339 -4.92 25.78 -21.86
C ILE B 339 -4.60 24.78 -22.96
N THR B 340 -5.23 23.63 -22.91
CA THR B 340 -5.02 22.62 -23.94
C THR B 340 -6.35 22.06 -24.42
N PHE B 341 -6.40 21.74 -25.71
CA PHE B 341 -7.56 21.16 -26.37
C PHE B 341 -7.22 19.72 -26.77
N GLU B 342 -8.01 18.76 -26.26
CA GLU B 342 -7.84 17.36 -26.59
C GLU B 342 -8.98 16.91 -27.48
N ASN B 343 -8.74 16.78 -28.78
CA ASN B 343 -9.74 16.25 -29.70
C ASN B 343 -11.12 16.87 -29.57
N VAL B 344 -11.15 18.17 -29.27
CA VAL B 344 -12.41 18.88 -29.04
C VAL B 344 -13.25 19.01 -30.29
N THR B 345 -14.45 18.45 -30.21
CA THR B 345 -15.44 18.57 -31.26
C THR B 345 -16.72 19.25 -30.74
N PHE B 346 -17.13 20.33 -31.39
CA PHE B 346 -18.26 21.12 -30.91
C PHE B 346 -19.01 21.87 -32.02
N GLY B 347 -20.30 22.09 -31.79
CA GLY B 347 -21.14 22.89 -32.64
C GLY B 347 -22.46 23.21 -31.94
N TYR B 348 -23.27 24.06 -32.54
CA TYR B 348 -24.66 24.22 -32.11
C TYR B 348 -25.58 23.46 -33.10
N HIS B 349 -26.42 22.55 -32.58
CA HIS B 349 -27.20 21.59 -33.40
C HIS B 349 -26.26 20.49 -33.97
N PRO B 350 -26.42 19.27 -33.47
CA PRO B 350 -25.54 18.13 -33.69
C PRO B 350 -25.27 17.80 -35.15
N ASP B 351 -26.11 18.30 -36.05
CA ASP B 351 -25.86 18.04 -37.45
C ASP B 351 -24.66 18.83 -37.99
N ARG B 352 -24.51 20.07 -37.54
CA ARG B 352 -23.49 21.02 -38.02
C ARG B 352 -22.35 21.17 -37.01
N LYS B 353 -21.23 20.47 -37.24
CA LYS B 353 -20.03 20.63 -36.40
C LYS B 353 -19.20 21.82 -36.85
N ILE B 354 -18.87 22.70 -35.92
CA ILE B 354 -18.08 23.88 -36.27
C ILE B 354 -16.61 23.57 -36.06
N LEU B 355 -16.31 22.99 -34.90
CA LEU B 355 -14.97 22.59 -34.54
C LEU B 355 -14.87 21.07 -34.66
N LYS B 356 -14.03 20.59 -35.58
CA LYS B 356 -13.97 19.18 -35.86
C LYS B 356 -12.70 18.54 -35.34
N ASN B 357 -12.76 18.00 -34.13
CA ASN B 357 -11.64 17.26 -33.58
C ASN B 357 -10.39 18.11 -33.41
N ALA B 358 -10.58 19.34 -32.90
CA ALA B 358 -9.49 20.30 -32.73
C ALA B 358 -8.65 19.97 -31.52
N SER B 359 -7.33 19.99 -31.71
CA SER B 359 -6.39 19.78 -30.63
C SER B 359 -5.27 20.81 -30.73
N PHE B 360 -4.91 21.43 -29.60
CA PHE B 360 -3.79 22.36 -29.56
C PHE B 360 -3.50 22.83 -28.14
N THR B 361 -2.37 23.48 -27.95
CA THR B 361 -2.03 24.01 -26.64
C THR B 361 -1.86 25.54 -26.73
N ILE B 362 -2.35 26.26 -25.71
CA ILE B 362 -2.16 27.72 -25.56
C ILE B 362 -1.28 27.93 -24.35
N PRO B 363 0.03 27.98 -24.57
CA PRO B 363 1.00 27.94 -23.47
C PRO B 363 0.98 29.20 -22.61
N ALA B 364 1.48 29.07 -21.38
CA ALA B 364 1.31 30.08 -20.37
C ALA B 364 2.23 31.27 -20.58
N GLY B 365 1.71 32.46 -20.30
CA GLY B 365 2.49 33.67 -20.41
C GLY B 365 2.55 34.23 -21.82
N TRP B 366 2.38 33.37 -22.82
CA TRP B 366 2.55 33.78 -24.22
C TRP B 366 1.34 34.50 -24.80
N LYS B 367 1.56 35.23 -25.88
CA LYS B 367 0.45 35.77 -26.66
C LYS B 367 0.16 34.83 -27.79
N THR B 368 -0.98 34.18 -27.72
CA THR B 368 -1.34 33.18 -28.69
C THR B 368 -2.44 33.73 -29.56
N ALA B 369 -2.28 33.64 -30.87
CA ALA B 369 -3.27 34.16 -31.80
C ALA B 369 -3.94 33.01 -32.46
N ILE B 370 -5.21 33.16 -32.77
CA ILE B 370 -5.97 32.11 -33.42
C ILE B 370 -6.62 32.77 -34.64
N VAL B 371 -6.22 32.38 -35.83
CA VAL B 371 -6.71 33.04 -37.02
C VAL B 371 -7.34 32.04 -37.90
N GLY B 372 -8.04 32.50 -38.93
CA GLY B 372 -8.67 31.63 -39.90
C GLY B 372 -9.64 32.43 -40.73
N SER B 373 -9.94 31.96 -41.94
CA SER B 373 -10.97 32.61 -42.75
C SER B 373 -12.31 32.24 -42.14
N SER B 374 -13.42 32.58 -42.79
CA SER B 374 -14.70 32.21 -42.19
C SER B 374 -14.84 30.71 -42.29
N GLY B 375 -15.34 30.10 -41.21
CA GLY B 375 -15.50 28.67 -41.11
C GLY B 375 -14.41 28.03 -40.27
N SER B 376 -13.39 28.83 -39.96
CA SER B 376 -12.29 28.41 -39.10
C SER B 376 -12.75 27.73 -37.80
N GLY B 377 -13.63 28.38 -37.06
CA GLY B 377 -14.07 27.85 -35.78
C GLY B 377 -13.40 28.54 -34.62
N LYS B 378 -12.48 29.48 -34.92
CA LYS B 378 -11.91 30.37 -33.90
C LYS B 378 -13.08 31.12 -33.33
N SER B 379 -14.09 31.16 -34.19
CA SER B 379 -15.34 31.83 -33.99
C SER B 379 -16.01 31.27 -32.72
N THR B 380 -15.46 30.21 -32.13
CA THR B 380 -16.07 29.51 -30.98
C THR B 380 -15.11 29.12 -29.85
N ILE B 381 -13.87 29.62 -29.84
CA ILE B 381 -12.93 29.20 -28.79
C ILE B 381 -13.30 29.77 -27.42
N LEU B 382 -13.32 31.10 -27.27
CA LEU B 382 -13.66 31.75 -25.99
C LEU B 382 -14.85 31.10 -25.25
N LYS B 383 -15.93 30.89 -26.00
CA LYS B 383 -17.16 30.32 -25.47
C LYS B 383 -16.95 28.98 -24.82
N LEU B 384 -16.08 28.16 -25.40
CA LEU B 384 -15.80 26.83 -24.85
C LEU B 384 -14.93 26.88 -23.60
N VAL B 385 -13.98 27.81 -23.57
CA VAL B 385 -13.01 28.00 -22.50
C VAL B 385 -13.66 28.62 -21.27
N PHE B 386 -14.71 29.40 -21.51
CA PHE B 386 -15.51 30.00 -20.43
C PHE B 386 -16.66 29.04 -20.02
N ARG B 387 -16.69 27.87 -20.65
CA ARG B 387 -17.69 26.83 -20.37
C ARG B 387 -19.14 27.29 -20.51
N PHE B 388 -19.36 28.26 -21.39
CA PHE B 388 -20.71 28.64 -21.79
C PHE B 388 -21.41 27.43 -22.40
N TYR B 389 -20.67 26.67 -23.21
CA TYR B 389 -21.10 25.40 -23.80
C TYR B 389 -20.15 24.28 -23.37
N ASP B 390 -20.50 23.04 -23.67
CA ASP B 390 -19.59 21.91 -23.46
C ASP B 390 -19.32 21.15 -24.75
N PRO B 391 -18.08 20.67 -24.92
CA PRO B 391 -17.75 20.03 -26.19
C PRO B 391 -18.51 18.72 -26.27
N GLU B 392 -19.00 18.42 -27.46
CA GLU B 392 -19.73 17.20 -27.73
C GLU B 392 -18.82 15.99 -27.56
N SER B 393 -17.60 16.12 -28.07
CA SER B 393 -16.57 15.08 -27.99
C SER B 393 -15.30 15.74 -27.49
N GLY B 394 -14.39 14.96 -26.89
CA GLY B 394 -13.12 15.50 -26.41
C GLY B 394 -13.28 16.46 -25.23
N ARG B 395 -12.19 16.86 -24.61
CA ARG B 395 -12.27 17.75 -23.45
C ARG B 395 -11.29 18.94 -23.54
N ILE B 396 -11.40 19.87 -22.59
CA ILE B 396 -10.58 21.08 -22.58
C ILE B 396 -9.99 21.28 -21.19
N LEU B 397 -8.68 21.41 -21.09
CA LEU B 397 -8.02 21.39 -19.79
C LEU B 397 -7.42 22.75 -19.45
N ILE B 398 -7.46 23.16 -18.18
CA ILE B 398 -6.61 24.25 -17.72
C ILE B 398 -5.65 23.69 -16.69
N ASN B 399 -4.36 23.80 -16.97
CA ASN B 399 -3.29 23.17 -16.20
C ASN B 399 -3.45 21.66 -16.09
N GLY B 400 -3.85 21.03 -17.18
CA GLY B 400 -3.95 19.58 -17.27
C GLY B 400 -5.24 18.96 -16.75
N ARG B 401 -5.98 19.74 -15.99
CA ARG B 401 -7.23 19.30 -15.39
C ARG B 401 -8.38 19.70 -16.29
N ASP B 402 -9.33 18.79 -16.49
CA ASP B 402 -10.53 19.09 -17.25
C ASP B 402 -11.25 20.26 -16.57
N ILE B 403 -11.68 21.27 -17.31
CA ILE B 403 -12.35 22.38 -16.63
C ILE B 403 -13.75 22.03 -16.16
N LYS B 404 -14.24 20.87 -16.54
CA LYS B 404 -15.48 20.39 -15.97
C LYS B 404 -15.31 20.16 -14.47
N GLU B 405 -14.13 19.74 -14.05
CA GLU B 405 -13.94 19.42 -12.64
C GLU B 405 -13.68 20.64 -11.77
N TYR B 406 -13.49 21.78 -12.41
CA TYR B 406 -13.25 23.02 -11.68
C TYR B 406 -14.60 23.60 -11.25
N ASP B 407 -14.61 24.41 -10.20
CA ASP B 407 -15.83 25.12 -9.80
C ASP B 407 -16.16 26.21 -10.83
N ILE B 408 -17.28 26.06 -11.54
CA ILE B 408 -17.58 26.91 -12.70
C ILE B 408 -17.46 28.42 -12.47
N ASP B 409 -17.69 28.86 -11.24
CA ASP B 409 -17.55 30.27 -10.95
C ASP B 409 -16.08 30.57 -10.76
N ALA B 410 -15.39 29.68 -10.07
CA ALA B 410 -13.96 29.85 -9.88
C ALA B 410 -13.26 29.97 -11.22
N LEU B 411 -13.59 29.08 -12.15
CA LEU B 411 -13.01 29.06 -13.50
C LEU B 411 -13.18 30.40 -14.20
N ARG B 412 -14.39 30.94 -14.15
CA ARG B 412 -14.71 32.15 -14.89
C ARG B 412 -14.07 33.39 -14.27
N LYS B 413 -13.51 33.25 -13.06
CA LYS B 413 -12.98 34.42 -12.36
C LYS B 413 -11.60 34.83 -12.88
N VAL B 414 -10.87 33.86 -13.43
CA VAL B 414 -9.51 34.09 -13.90
C VAL B 414 -9.44 34.42 -15.40
N ILE B 415 -10.60 34.56 -16.05
CA ILE B 415 -10.63 34.84 -17.48
C ILE B 415 -11.26 36.21 -17.68
N GLY B 416 -10.55 37.10 -18.36
CA GLY B 416 -11.04 38.45 -18.62
C GLY B 416 -11.29 38.62 -20.09
N VAL B 417 -12.29 39.40 -20.47
CA VAL B 417 -12.64 39.46 -21.88
C VAL B 417 -12.76 40.88 -22.42
N VAL B 418 -12.06 41.17 -23.52
CA VAL B 418 -12.35 42.37 -24.29
C VAL B 418 -13.16 41.82 -25.45
N PRO B 419 -14.47 42.05 -25.43
CA PRO B 419 -15.35 41.42 -26.41
C PRO B 419 -15.32 42.25 -27.67
N GLN B 420 -15.81 41.74 -28.79
CA GLN B 420 -15.73 42.46 -30.04
C GLN B 420 -16.55 43.75 -30.02
N ASP B 421 -17.76 43.67 -29.49
CA ASP B 421 -18.60 44.83 -29.26
C ASP B 421 -19.00 44.94 -27.81
N THR B 422 -18.52 45.99 -27.15
CA THR B 422 -18.76 46.20 -25.73
C THR B 422 -20.21 46.58 -25.42
N PRO B 423 -20.79 46.01 -24.35
CA PRO B 423 -22.12 46.47 -23.98
C PRO B 423 -22.03 47.56 -22.93
N LEU B 424 -22.93 48.53 -22.99
CA LEU B 424 -23.01 49.57 -21.96
C LEU B 424 -24.16 49.28 -20.99
N PHE B 425 -24.10 49.84 -19.79
CA PHE B 425 -25.25 49.74 -18.89
C PHE B 425 -25.88 51.10 -18.70
N ASN B 426 -27.20 51.18 -18.70
CA ASN B 426 -27.86 52.45 -18.41
C ASN B 426 -27.56 52.87 -16.97
N ASP B 427 -26.51 53.67 -16.85
CA ASP B 427 -25.91 54.03 -15.59
C ASP B 427 -24.84 55.10 -15.90
N THR B 428 -24.09 55.53 -14.89
CA THR B 428 -22.98 56.43 -15.15
C THR B 428 -21.83 55.67 -15.85
N ILE B 429 -20.96 56.38 -16.58
CA ILE B 429 -19.78 55.72 -17.14
C ILE B 429 -18.97 55.21 -16.00
N TRP B 430 -18.83 56.03 -14.97
CA TRP B 430 -18.06 55.63 -13.81
C TRP B 430 -18.61 54.33 -13.24
N GLU B 431 -19.92 54.10 -13.37
CA GLU B 431 -20.45 52.80 -12.96
C GLU B 431 -20.20 51.70 -13.98
N ASN B 432 -20.11 52.07 -15.25
CA ASN B 432 -19.79 51.13 -16.32
C ASN B 432 -18.34 50.66 -16.28
N VAL B 433 -17.42 51.56 -15.91
CA VAL B 433 -16.02 51.20 -15.80
C VAL B 433 -15.76 50.38 -14.55
N LYS B 434 -16.35 50.78 -13.43
CA LYS B 434 -16.18 50.05 -12.17
C LYS B 434 -16.82 48.68 -12.25
N PHE B 435 -17.67 48.47 -13.25
CA PHE B 435 -18.37 47.20 -13.42
C PHE B 435 -17.38 46.07 -13.50
N GLY B 436 -16.15 46.41 -13.87
CA GLY B 436 -15.09 45.44 -14.03
C GLY B 436 -14.82 44.66 -12.77
N ARG B 437 -14.56 45.35 -11.68
CA ARG B 437 -14.43 44.70 -10.39
C ARG B 437 -15.02 45.64 -9.34
N ILE B 438 -16.09 45.20 -8.69
CA ILE B 438 -16.92 46.08 -7.87
C ILE B 438 -16.22 46.78 -6.70
N ASP B 439 -15.39 46.04 -5.96
CA ASP B 439 -14.79 46.58 -4.74
C ASP B 439 -13.61 47.50 -4.98
N ALA B 440 -13.52 48.01 -6.19
CA ALA B 440 -12.39 48.84 -6.59
C ALA B 440 -12.44 50.21 -5.93
N THR B 441 -11.30 50.66 -5.44
CA THR B 441 -11.18 52.00 -4.87
C THR B 441 -11.38 53.05 -5.96
N ASP B 442 -11.76 54.26 -5.57
CA ASP B 442 -11.95 55.35 -6.53
C ASP B 442 -10.65 55.61 -7.28
N GLU B 443 -9.53 55.40 -6.59
CA GLU B 443 -8.22 55.59 -7.18
C GLU B 443 -8.00 54.58 -8.27
N GLU B 444 -8.32 53.33 -7.94
CA GLU B 444 -8.17 52.19 -8.85
C GLU B 444 -8.87 52.46 -10.17
N VAL B 445 -10.06 53.07 -10.11
CA VAL B 445 -10.85 53.37 -11.30
C VAL B 445 -10.20 54.46 -12.17
N ILE B 446 -9.51 55.40 -11.53
CA ILE B 446 -8.85 56.49 -12.26
C ILE B 446 -7.61 55.96 -12.97
N THR B 447 -6.81 55.21 -12.22
CA THR B 447 -5.57 54.65 -12.75
C THR B 447 -5.88 53.89 -14.04
N VAL B 448 -6.99 53.17 -14.02
CA VAL B 448 -7.46 52.37 -15.14
C VAL B 448 -7.97 53.23 -16.30
N VAL B 449 -8.66 54.33 -15.97
CA VAL B 449 -9.16 55.26 -16.99
C VAL B 449 -8.02 56.10 -17.61
N GLU B 450 -7.00 56.38 -16.81
CA GLU B 450 -5.76 56.99 -17.31
C GLU B 450 -5.04 56.00 -18.23
N LYS B 451 -4.77 54.79 -17.72
CA LYS B 451 -4.07 53.75 -18.46
C LYS B 451 -4.73 53.42 -19.78
N ALA B 452 -6.05 53.38 -19.77
CA ALA B 452 -6.83 53.00 -20.94
C ALA B 452 -6.93 54.10 -21.98
N GLN B 453 -6.39 55.28 -21.64
CA GLN B 453 -6.56 56.50 -22.45
C GLN B 453 -8.04 56.83 -22.64
N LEU B 454 -8.80 56.71 -21.54
CA LEU B 454 -10.23 56.98 -21.54
C LEU B 454 -10.53 58.37 -20.99
N ALA B 455 -9.57 58.94 -20.26
CA ALA B 455 -9.75 60.26 -19.65
C ALA B 455 -10.25 61.34 -20.62
N PRO B 456 -9.60 61.47 -21.80
CA PRO B 456 -10.10 62.46 -22.77
C PRO B 456 -11.60 62.35 -23.08
N LEU B 457 -12.20 61.18 -22.88
CA LEU B 457 -13.65 61.02 -23.10
C LEU B 457 -14.40 61.69 -21.96
N ILE B 458 -13.96 61.48 -20.74
CA ILE B 458 -14.68 62.07 -19.60
C ILE B 458 -14.48 63.59 -19.55
N LYS B 459 -13.36 64.07 -20.08
CA LYS B 459 -13.07 65.51 -20.10
C LYS B 459 -13.98 66.18 -21.10
N LYS B 460 -14.03 65.62 -22.31
CA LYS B 460 -14.86 66.05 -23.44
C LYS B 460 -16.37 65.94 -23.13
N LEU B 461 -16.71 65.12 -22.15
CA LEU B 461 -18.08 64.95 -21.73
C LEU B 461 -18.45 66.06 -20.75
N PRO B 462 -19.54 66.78 -21.07
CA PRO B 462 -20.07 67.90 -20.29
C PRO B 462 -20.28 67.56 -18.83
N GLN B 463 -21.01 66.48 -18.57
CA GLN B 463 -21.27 66.12 -17.18
C GLN B 463 -20.24 65.13 -16.64
N GLY B 464 -19.09 65.05 -17.32
CA GLY B 464 -17.98 64.23 -16.89
C GLY B 464 -18.30 62.78 -16.56
N PHE B 465 -17.80 62.33 -15.40
CA PHE B 465 -17.99 60.95 -15.00
C PHE B 465 -19.43 60.60 -14.71
N ASP B 466 -20.21 61.57 -14.25
CA ASP B 466 -21.56 61.24 -13.77
C ASP B 466 -22.56 61.21 -14.91
N THR B 467 -22.04 61.31 -16.13
CA THR B 467 -22.84 61.22 -17.35
C THR B 467 -23.53 59.86 -17.48
N ILE B 468 -24.76 59.88 -17.99
CA ILE B 468 -25.50 58.64 -18.19
C ILE B 468 -25.31 58.11 -19.62
N VAL B 469 -24.59 57.00 -19.72
CA VAL B 469 -24.41 56.31 -21.00
C VAL B 469 -25.35 55.11 -21.04
N GLY B 470 -25.38 54.42 -22.18
CA GLY B 470 -26.31 53.32 -22.37
C GLY B 470 -27.29 53.63 -23.50
N GLU B 471 -28.11 52.64 -23.85
CA GLU B 471 -29.05 52.80 -24.99
C GLU B 471 -30.11 53.84 -24.70
N ARG B 472 -30.63 53.82 -23.47
CA ARG B 472 -31.56 54.83 -23.02
C ARG B 472 -30.74 55.91 -22.33
N GLY B 473 -29.75 56.44 -23.05
CA GLY B 473 -28.88 57.47 -22.51
C GLY B 473 -28.09 58.10 -23.63
N LEU B 474 -26.82 58.43 -23.36
CA LEU B 474 -25.95 58.96 -24.40
C LEU B 474 -25.05 57.88 -25.06
N MET B 475 -25.24 57.66 -26.36
CA MET B 475 -24.40 56.72 -27.10
C MET B 475 -23.02 57.32 -27.44
N ILE B 476 -21.96 56.56 -27.18
CA ILE B 476 -20.57 56.98 -27.49
C ILE B 476 -19.89 56.13 -28.59
N SER B 477 -18.79 56.64 -29.15
CA SER B 477 -18.14 56.02 -30.32
C SER B 477 -17.66 54.62 -30.00
N GLY B 478 -17.42 53.84 -31.05
CA GLY B 478 -16.93 52.49 -30.88
C GLY B 478 -15.62 52.43 -30.12
N GLY B 479 -14.68 53.27 -30.53
CA GLY B 479 -13.36 53.29 -29.94
C GLY B 479 -13.41 53.50 -28.44
N GLU B 480 -14.23 54.43 -28.00
CA GLU B 480 -14.34 54.71 -26.58
C GLU B 480 -15.00 53.55 -25.84
N LYS B 481 -15.91 52.88 -26.52
CA LYS B 481 -16.55 51.70 -25.98
C LYS B 481 -15.52 50.60 -25.82
N GLN B 482 -14.72 50.35 -26.85
CA GLN B 482 -13.69 49.33 -26.76
C GLN B 482 -12.60 49.74 -25.79
N ARG B 483 -12.36 51.04 -25.72
CA ARG B 483 -11.43 51.61 -24.77
C ARG B 483 -11.93 51.37 -23.33
N LEU B 484 -13.25 51.37 -23.16
CA LEU B 484 -13.87 51.17 -21.86
C LEU B 484 -13.82 49.69 -21.41
N ALA B 485 -13.89 48.77 -22.36
CA ALA B 485 -13.85 47.34 -22.03
C ALA B 485 -12.46 46.96 -21.58
N ILE B 486 -11.46 47.61 -22.18
CA ILE B 486 -10.07 47.43 -21.82
C ILE B 486 -9.89 47.85 -20.39
N ALA B 487 -10.60 48.91 -20.04
CA ALA B 487 -10.59 49.44 -18.68
C ALA B 487 -11.09 48.40 -17.69
N ARG B 488 -12.27 47.87 -17.95
CA ARG B 488 -12.89 46.90 -17.08
C ARG B 488 -11.99 45.71 -16.83
N VAL B 489 -11.36 45.17 -17.87
CA VAL B 489 -10.58 43.93 -17.74
C VAL B 489 -9.29 44.11 -16.96
N LEU B 490 -8.83 45.37 -16.89
CA LEU B 490 -7.66 45.76 -16.10
C LEU B 490 -8.00 45.78 -14.62
N LEU B 491 -9.18 46.29 -14.31
CA LEU B 491 -9.68 46.28 -12.94
C LEU B 491 -9.87 44.83 -12.52
N LYS B 492 -10.47 44.02 -13.41
CA LYS B 492 -10.74 42.62 -13.11
C LYS B 492 -9.42 41.89 -12.98
N ASN B 493 -8.46 42.34 -13.75
CA ASN B 493 -7.07 41.88 -13.70
C ASN B 493 -6.89 40.36 -13.75
N ALA B 494 -7.55 39.74 -14.73
CA ALA B 494 -7.60 38.29 -14.82
C ALA B 494 -6.28 37.70 -15.25
N ARG B 495 -6.06 36.43 -14.92
CA ARG B 495 -4.83 35.74 -15.27
C ARG B 495 -4.80 35.33 -16.74
N ILE B 496 -5.95 34.92 -17.26
CA ILE B 496 -6.13 34.60 -18.67
C ILE B 496 -6.92 35.74 -19.29
N MET B 497 -6.56 36.12 -20.49
CA MET B 497 -7.17 37.26 -21.15
C MET B 497 -7.57 36.90 -22.58
N PHE B 498 -8.81 37.15 -22.96
CA PHE B 498 -9.22 36.90 -24.33
C PHE B 498 -9.53 38.20 -25.02
N PHE B 499 -9.06 38.36 -26.26
CA PHE B 499 -9.40 39.53 -27.04
C PHE B 499 -10.14 39.02 -28.25
N ASP B 500 -11.46 38.88 -28.12
CA ASP B 500 -12.29 38.37 -29.22
C ASP B 500 -12.58 39.44 -30.24
N GLU B 501 -11.75 39.47 -31.30
CA GLU B 501 -11.93 40.38 -32.42
C GLU B 501 -12.07 41.82 -31.99
N ALA B 502 -11.33 42.19 -30.94
CA ALA B 502 -11.59 43.43 -30.21
C ALA B 502 -11.74 44.64 -31.10
N THR B 503 -10.95 44.69 -32.16
CA THR B 503 -10.87 45.92 -32.93
C THR B 503 -11.38 45.80 -34.37
N SER B 504 -12.60 45.30 -34.52
CA SER B 504 -13.33 45.45 -35.78
C SER B 504 -14.26 46.65 -35.64
N ALA B 505 -13.69 47.63 -34.91
CA ALA B 505 -14.16 48.99 -34.85
C ALA B 505 -14.01 49.46 -36.28
N LEU B 506 -15.15 49.50 -36.99
CA LEU B 506 -15.21 49.83 -38.43
C LEU B 506 -14.78 51.31 -38.73
N ASP B 507 -13.48 51.54 -38.43
CA ASP B 507 -12.74 52.79 -38.65
C ASP B 507 -11.27 52.37 -38.46
N THR B 508 -10.46 52.41 -39.52
CA THR B 508 -9.11 51.85 -39.44
C THR B 508 -8.19 52.62 -38.49
N HIS B 509 -8.15 53.94 -38.62
CA HIS B 509 -7.28 54.76 -37.76
C HIS B 509 -7.52 54.54 -36.26
N THR B 510 -8.76 54.20 -35.91
CA THR B 510 -9.15 54.01 -34.53
C THR B 510 -8.58 52.69 -34.01
N GLU B 511 -8.52 51.70 -34.92
CA GLU B 511 -7.95 50.35 -34.69
C GLU B 511 -6.46 50.48 -34.42
N GLN B 512 -5.80 51.32 -35.21
CA GLN B 512 -4.41 51.60 -34.98
C GLN B 512 -4.19 52.15 -33.57
N ALA B 513 -4.97 53.14 -33.18
CA ALA B 513 -4.81 53.78 -31.88
C ALA B 513 -5.09 52.82 -30.72
N LEU B 514 -6.09 51.96 -30.90
CA LEU B 514 -6.49 51.00 -29.88
C LEU B 514 -5.48 49.88 -29.73
N LEU B 515 -4.99 49.35 -30.85
CA LEU B 515 -4.05 48.24 -30.78
C LEU B 515 -2.85 48.64 -29.95
N ARG B 516 -2.54 49.93 -29.96
CA ARG B 516 -1.42 50.48 -29.19
C ARG B 516 -1.70 50.43 -27.72
N THR B 517 -2.88 50.91 -27.35
CA THR B 517 -3.22 50.97 -25.94
C THR B 517 -3.24 49.54 -25.36
N ILE B 518 -3.55 48.57 -26.21
CA ILE B 518 -3.55 47.19 -25.75
C ILE B 518 -2.12 46.73 -25.56
N ARG B 519 -1.26 47.05 -26.53
CA ARG B 519 0.11 46.54 -26.47
C ARG B 519 0.89 47.25 -25.37
N ASP B 520 0.34 48.36 -24.86
CA ASP B 520 1.01 49.03 -23.75
C ASP B 520 0.61 48.38 -22.42
N ASN B 521 -0.67 48.07 -22.25
CA ASN B 521 -1.15 47.53 -20.98
C ASN B 521 -1.04 46.01 -20.83
N PHE B 522 -0.98 45.26 -21.93
CA PHE B 522 -1.06 43.80 -21.81
C PHE B 522 0.13 43.05 -22.37
N THR B 523 1.34 43.55 -22.07
CA THR B 523 2.56 42.92 -22.59
C THR B 523 3.26 41.89 -21.69
N SER B 524 2.99 40.61 -22.04
CA SER B 524 3.63 39.36 -21.57
C SER B 524 3.86 39.13 -20.05
N GLY B 525 3.47 40.12 -19.23
CA GLY B 525 3.66 40.09 -17.79
C GLY B 525 3.01 38.88 -17.14
N SER B 526 3.42 37.68 -17.56
CA SER B 526 2.91 36.40 -17.05
C SER B 526 1.37 36.28 -17.10
N ARG B 527 0.78 37.12 -17.96
CA ARG B 527 -0.62 36.98 -18.28
C ARG B 527 -0.65 36.17 -19.55
N THR B 528 -1.52 35.18 -19.62
CA THR B 528 -1.57 34.40 -20.83
C THR B 528 -2.71 34.96 -21.68
N SER B 529 -2.33 35.52 -22.83
CA SER B 529 -3.26 36.28 -23.67
C SER B 529 -3.62 35.52 -24.93
N VAL B 530 -4.91 35.29 -25.16
CA VAL B 530 -5.37 34.66 -26.40
C VAL B 530 -6.03 35.71 -27.28
N TYR B 531 -5.54 35.90 -28.51
CA TYR B 531 -6.12 36.88 -29.44
C TYR B 531 -6.86 36.17 -30.55
N ILE B 532 -8.09 36.58 -30.83
CA ILE B 532 -8.85 35.95 -31.88
C ILE B 532 -9.09 36.96 -32.97
N ALA B 533 -8.28 36.92 -34.00
CA ALA B 533 -8.41 37.91 -35.04
C ALA B 533 -8.57 37.27 -36.37
N HIS B 534 -9.05 38.08 -37.28
CA HIS B 534 -9.25 37.67 -38.63
C HIS B 534 -8.42 38.60 -39.50
N ARG B 535 -7.95 39.68 -38.89
CA ARG B 535 -6.91 40.52 -39.49
C ARG B 535 -5.60 40.11 -38.89
N LEU B 536 -4.86 39.26 -39.59
CA LEU B 536 -3.63 38.67 -39.04
C LEU B 536 -2.64 39.77 -38.69
N ARG B 537 -2.77 40.89 -39.38
CA ARG B 537 -1.91 42.04 -39.17
C ARG B 537 -1.89 42.52 -37.70
N THR B 538 -3.01 42.37 -37.01
CA THR B 538 -3.12 42.86 -35.64
C THR B 538 -2.57 41.90 -34.59
N ILE B 539 -2.05 40.75 -35.04
CA ILE B 539 -1.51 39.74 -34.14
C ILE B 539 -0.21 39.17 -34.64
N ALA B 540 0.56 39.97 -35.37
CA ALA B 540 1.80 39.50 -36.00
C ALA B 540 2.99 39.33 -35.07
N ASP B 541 2.91 39.91 -33.89
CA ASP B 541 4.00 39.87 -32.92
C ASP B 541 3.71 38.81 -31.88
N ALA B 542 2.89 37.84 -32.26
CA ALA B 542 2.39 36.86 -31.32
C ALA B 542 3.47 35.87 -30.99
N ASP B 543 3.35 35.21 -29.86
CA ASP B 543 4.31 34.19 -29.47
C ASP B 543 3.96 32.84 -30.11
N LYS B 544 2.73 32.70 -30.56
CA LYS B 544 2.31 31.51 -31.26
C LYS B 544 1.09 31.85 -32.09
N ILE B 545 1.06 31.45 -33.36
CA ILE B 545 -0.12 31.71 -34.17
C ILE B 545 -0.74 30.38 -34.56
N ILE B 546 -2.00 30.15 -34.24
CA ILE B 546 -2.61 28.89 -34.61
C ILE B 546 -3.61 29.13 -35.72
N VAL B 547 -3.35 28.63 -36.92
CA VAL B 547 -4.26 28.90 -38.02
C VAL B 547 -5.21 27.72 -38.31
N LEU B 548 -6.51 28.02 -38.28
CA LEU B 548 -7.58 27.03 -38.46
C LEU B 548 -8.25 27.15 -39.82
N ASP B 549 -8.80 26.04 -40.28
CA ASP B 549 -9.60 26.07 -41.49
C ASP B 549 -10.64 24.96 -41.38
N ASN B 550 -11.87 25.31 -41.69
CA ASN B 550 -12.99 24.40 -41.59
C ASN B 550 -13.01 23.56 -40.33
N GLY B 551 -12.50 24.10 -39.25
CA GLY B 551 -12.69 23.48 -37.96
C GLY B 551 -11.52 22.68 -37.48
N ARG B 552 -10.46 22.62 -38.28
CA ARG B 552 -9.31 21.83 -37.89
C ARG B 552 -8.02 22.66 -37.85
N VAL B 553 -7.08 22.24 -37.01
CA VAL B 553 -5.81 22.91 -36.85
C VAL B 553 -4.86 22.61 -38.00
N ARG B 554 -4.69 23.56 -38.93
CA ARG B 554 -3.87 23.30 -40.13
C ARG B 554 -2.38 23.62 -39.90
N GLU B 555 -2.02 24.89 -39.72
CA GLU B 555 -0.63 25.25 -39.42
C GLU B 555 -0.49 25.83 -38.01
N GLU B 556 0.74 26.03 -37.56
CA GLU B 556 0.95 26.37 -36.16
C GLU B 556 2.40 26.77 -35.92
N GLY B 557 2.66 28.07 -35.86
CA GLY B 557 4.01 28.57 -35.60
C GLY B 557 3.98 30.06 -35.33
N LYS B 558 5.11 30.74 -35.54
CA LYS B 558 5.18 32.19 -35.41
C LYS B 558 4.87 32.83 -36.75
N HIS B 559 4.76 34.15 -36.79
CA HIS B 559 4.37 34.89 -38.01
C HIS B 559 5.39 34.73 -39.14
N LEU B 560 6.61 35.16 -38.87
CA LEU B 560 7.69 35.18 -39.83
C LEU B 560 8.08 33.78 -40.32
N GLU B 561 7.90 32.78 -39.47
CA GLU B 561 8.21 31.38 -39.80
C GLU B 561 7.11 30.70 -40.60
N LEU B 562 5.88 31.16 -40.39
CA LEU B 562 4.73 30.65 -41.12
C LEU B 562 4.68 31.24 -42.53
N LEU B 563 5.10 32.50 -42.68
CA LEU B 563 5.16 33.15 -43.99
C LEU B 563 6.23 32.58 -44.92
N ALA B 564 7.35 32.17 -44.33
CA ALA B 564 8.47 31.68 -45.10
C ALA B 564 8.24 30.22 -45.43
N MET B 565 7.53 29.52 -44.55
CA MET B 565 7.16 28.14 -44.78
C MET B 565 6.45 28.09 -46.15
N PRO B 566 6.95 27.23 -47.05
CA PRO B 566 6.46 26.96 -48.42
C PRO B 566 5.11 26.25 -48.47
N GLY B 567 4.23 26.77 -49.32
CA GLY B 567 2.90 26.23 -49.48
C GLY B 567 2.02 26.36 -48.26
N SER B 568 2.26 27.38 -47.44
CA SER B 568 1.47 27.56 -46.21
C SER B 568 0.13 28.22 -46.52
N LEU B 569 -0.83 27.97 -45.62
CA LEU B 569 -2.15 28.57 -45.68
C LEU B 569 -2.04 29.96 -45.11
N TYR B 570 -1.16 30.14 -44.13
CA TYR B 570 -0.96 31.43 -43.49
C TYR B 570 -0.59 32.52 -44.50
N ARG B 571 0.32 32.23 -45.42
CA ARG B 571 0.71 33.19 -46.45
C ARG B 571 -0.45 33.51 -47.39
N GLU B 572 -1.32 32.53 -47.63
CA GLU B 572 -2.51 32.70 -48.46
C GLU B 572 -3.46 33.71 -47.83
N LEU B 573 -3.71 33.52 -46.53
CA LEU B 573 -4.54 34.40 -45.72
C LEU B 573 -3.86 35.74 -45.58
N TRP B 574 -2.56 35.73 -45.36
CA TRP B 574 -1.82 36.97 -45.25
C TRP B 574 -1.96 37.84 -46.50
N THR B 575 -2.08 37.20 -47.65
CA THR B 575 -2.15 37.89 -48.91
C THR B 575 -3.53 38.46 -49.17
N ILE B 576 -4.57 37.65 -48.99
CA ILE B 576 -5.93 38.12 -49.23
C ILE B 576 -6.23 39.29 -48.29
N GLN B 577 -5.87 39.10 -47.02
CA GLN B 577 -6.13 40.09 -46.00
C GLN B 577 -5.44 41.37 -46.39
N GLU B 578 -4.27 41.24 -47.02
CA GLU B 578 -3.47 42.39 -47.41
C GLU B 578 -4.18 43.19 -48.50
N ASP B 579 -4.51 42.51 -49.60
CA ASP B 579 -5.23 43.09 -50.73
C ASP B 579 -6.53 43.75 -50.33
N LEU B 580 -7.24 43.09 -49.43
CA LEU B 580 -8.51 43.60 -48.91
C LEU B 580 -8.34 44.96 -48.20
N ASP B 581 -7.35 45.04 -47.30
CA ASP B 581 -7.09 46.25 -46.53
C ASP B 581 -6.69 47.37 -47.47
N HIS B 582 -5.92 47.03 -48.51
CA HIS B 582 -5.48 48.04 -49.47
C HIS B 582 -6.66 48.49 -50.33
N LEU B 583 -7.58 47.57 -50.58
CA LEU B 583 -8.71 47.85 -51.44
C LEU B 583 -9.67 48.82 -50.75
N GLU B 584 -10.15 48.44 -49.58
CA GLU B 584 -11.15 49.21 -48.84
C GLU B 584 -10.60 50.54 -48.32
N ASN B 585 -9.28 50.64 -48.31
CA ASN B 585 -8.61 51.88 -47.98
C ASN B 585 -8.61 52.82 -49.17
N GLU B 586 -8.39 52.22 -50.33
CA GLU B 586 -8.32 52.96 -51.57
C GLU B 586 -9.72 53.44 -51.89
N LEU B 587 -10.70 52.58 -51.59
CA LEU B 587 -12.09 52.87 -51.88
C LEU B 587 -12.55 54.09 -51.10
N LYS B 588 -12.09 54.21 -49.86
CA LYS B 588 -12.47 55.33 -49.00
C LYS B 588 -11.99 56.66 -49.56
N ASP B 589 -10.77 56.65 -50.10
CA ASP B 589 -10.17 57.84 -50.68
C ASP B 589 -10.95 58.39 -51.86
N GLN B 590 -11.47 57.50 -52.68
CA GLN B 590 -12.25 57.90 -53.84
C GLN B 590 -13.63 58.37 -53.43
N GLN B 591 -14.20 57.73 -52.42
CA GLN B 591 -15.47 58.16 -51.87
C GLN B 591 -15.37 59.58 -51.32
N GLU B 592 -14.20 59.87 -50.72
CA GLU B 592 -13.89 61.19 -50.20
C GLU B 592 -13.98 62.25 -51.29
N LEU B 593 -13.43 61.91 -52.46
CA LEU B 593 -13.44 62.77 -53.64
C LEU B 593 -14.85 63.06 -54.11
N TRP B 594 -15.72 62.07 -54.00
CA TRP B 594 -17.06 62.25 -54.49
C TRP B 594 -17.92 62.93 -53.44
N SER B 595 -17.39 63.02 -52.23
CA SER B 595 -18.08 63.62 -51.09
C SER B 595 -18.18 65.17 -51.08
N HIS B 596 -17.26 65.85 -51.76
CA HIS B 596 -17.26 67.31 -51.76
C HIS B 596 -17.33 67.85 -53.21
N PRO B 597 -17.90 69.05 -53.38
CA PRO B 597 -17.86 69.62 -54.73
C PRO B 597 -16.45 70.01 -55.19
N GLN B 598 -16.34 70.42 -56.46
CA GLN B 598 -15.07 70.89 -57.04
C GLN B 598 -15.22 72.19 -57.85
N TYR C 1 -10.35 -16.38 7.91
CA TYR C 1 -10.77 -16.31 6.50
C TYR C 1 -9.61 -16.48 5.50
N ILE C 2 -9.24 -17.74 5.25
CA ILE C 2 -8.23 -18.11 4.24
C ILE C 2 -8.87 -18.14 2.83
N TRP C 3 -10.22 -18.09 2.80
CA TRP C 3 -11.02 -17.97 1.56
C TRP C 3 -10.59 -18.95 0.44
N PRO C 4 -10.93 -20.25 0.59
CA PRO C 4 -10.77 -21.31 -0.42
C PRO C 4 -11.77 -21.14 -1.57
N LYS C 5 -12.83 -20.37 -1.32
CA LYS C 5 -13.82 -19.98 -2.34
C LYS C 5 -13.78 -18.44 -2.61
N GLY C 6 -13.84 -18.04 -3.89
CA GLY C 6 -13.86 -16.61 -4.25
C GLY C 6 -14.82 -16.16 -5.37
N ASN C 7 -14.39 -16.34 -6.64
CA ASN C 7 -15.26 -16.05 -7.81
C ASN C 7 -15.14 -17.02 -9.00
N ASN C 8 -14.09 -17.86 -9.00
CA ASN C 8 -13.85 -18.87 -10.07
C ASN C 8 -14.60 -20.21 -9.83
N LYS C 9 -14.47 -21.17 -10.76
CA LYS C 9 -15.10 -22.49 -10.57
C LYS C 9 -14.06 -23.48 -10.07
N VAL C 10 -13.13 -22.95 -9.28
CA VAL C 10 -12.17 -23.76 -8.55
C VAL C 10 -12.89 -24.35 -7.34
N ARG C 11 -14.09 -23.84 -7.03
CA ARG C 11 -14.85 -24.39 -5.91
C ARG C 11 -15.47 -25.73 -6.29
N ILE C 12 -15.59 -25.99 -7.59
CA ILE C 12 -15.99 -27.30 -8.08
C ILE C 12 -14.92 -28.32 -7.67
N ARG C 13 -13.65 -27.94 -7.85
CA ARG C 13 -12.53 -28.77 -7.47
C ARG C 13 -12.55 -29.01 -5.95
N VAL C 14 -12.97 -27.98 -5.22
CA VAL C 14 -13.05 -28.05 -3.77
C VAL C 14 -14.07 -29.09 -3.32
N LEU C 15 -15.21 -29.16 -4.01
CA LEU C 15 -16.22 -30.11 -3.63
C LEU C 15 -15.74 -31.55 -3.84
N ILE C 16 -15.14 -31.80 -5.00
CA ILE C 16 -14.64 -33.13 -5.34
C ILE C 16 -13.83 -33.76 -4.22
N ALA C 17 -12.87 -33.03 -3.68
CA ALA C 17 -12.08 -33.56 -2.58
C ALA C 17 -13.00 -33.93 -1.41
N LEU C 18 -13.88 -32.99 -1.03
CA LEU C 18 -14.82 -33.23 0.05
C LEU C 18 -15.67 -34.45 -0.28
N GLY C 19 -16.03 -34.58 -1.55
CA GLY C 19 -16.78 -35.73 -2.00
C GLY C 19 -15.93 -36.96 -1.86
N LEU C 20 -14.68 -36.83 -2.32
CA LEU C 20 -13.71 -37.91 -2.23
C LEU C 20 -13.42 -38.19 -0.78
N LEU C 21 -13.54 -37.17 0.06
CA LEU C 21 -13.34 -37.37 1.47
C LEU C 21 -14.52 -38.19 2.01
N ILE C 22 -15.74 -37.68 1.80
CA ILE C 22 -16.96 -38.37 2.23
C ILE C 22 -17.01 -39.81 1.74
N SER C 23 -16.81 -40.01 0.44
CA SER C 23 -16.87 -41.36 -0.13
C SER C 23 -15.62 -42.21 0.20
N ALA C 24 -14.76 -41.71 1.07
CA ALA C 24 -13.57 -42.49 1.39
C ALA C 24 -13.70 -43.10 2.78
N LYS C 25 -14.44 -42.46 3.65
CA LYS C 25 -14.64 -43.02 4.98
C LYS C 25 -15.72 -44.12 4.91
N ILE C 26 -16.68 -43.92 4.00
CA ILE C 26 -17.71 -44.89 3.72
C ILE C 26 -17.07 -46.16 3.26
N LEU C 27 -16.17 -46.06 2.28
CA LEU C 27 -15.43 -47.22 1.81
C LEU C 27 -14.60 -47.84 2.95
N ASN C 28 -14.24 -47.03 3.94
CA ASN C 28 -13.47 -47.51 5.09
C ASN C 28 -14.32 -48.31 6.11
N VAL C 29 -15.47 -47.75 6.48
CA VAL C 29 -16.32 -48.37 7.49
C VAL C 29 -16.95 -49.67 7.02
N GLN C 30 -17.11 -49.82 5.71
CA GLN C 30 -17.74 -51.02 5.17
C GLN C 30 -16.83 -52.23 5.28
N VAL C 31 -15.53 -51.99 5.43
CA VAL C 31 -14.53 -53.06 5.45
C VAL C 31 -14.74 -54.06 6.60
N PRO C 32 -15.13 -53.58 7.79
CA PRO C 32 -15.42 -54.57 8.82
C PRO C 32 -16.72 -55.37 8.59
N PHE C 33 -17.65 -54.83 7.82
CA PHE C 33 -18.86 -55.57 7.43
C PHE C 33 -18.50 -56.77 6.54
N PHE C 34 -17.68 -56.50 5.53
CA PHE C 34 -17.28 -57.54 4.58
C PHE C 34 -16.39 -58.55 5.29
N PHE C 35 -15.68 -58.10 6.31
CA PHE C 35 -14.87 -59.02 7.10
C PHE C 35 -15.80 -59.82 8.02
N LYS C 36 -16.83 -59.17 8.55
CA LYS C 36 -17.82 -59.84 9.43
C LYS C 36 -18.63 -60.83 8.62
N GLN C 37 -19.14 -60.38 7.49
CA GLN C 37 -19.96 -61.23 6.65
C GLN C 37 -19.16 -62.45 6.25
N THR C 38 -17.91 -62.24 5.87
CA THR C 38 -17.10 -63.35 5.45
C THR C 38 -16.94 -64.30 6.64
N ILE C 39 -16.83 -63.77 7.86
CA ILE C 39 -16.77 -64.66 9.03
C ILE C 39 -18.06 -65.49 9.24
N ASP C 40 -19.23 -64.83 9.29
CA ASP C 40 -20.51 -65.53 9.49
C ASP C 40 -20.84 -66.49 8.35
N SER C 41 -20.64 -66.04 7.12
CA SER C 41 -21.00 -66.88 5.98
C SER C 41 -20.05 -68.06 5.79
N MET C 42 -19.12 -68.26 6.72
CA MET C 42 -18.24 -69.41 6.64
C MET C 42 -18.48 -70.28 7.83
N ASN C 43 -19.28 -69.76 8.77
CA ASN C 43 -19.66 -70.50 9.96
C ASN C 43 -20.84 -71.43 9.68
N ILE C 44 -20.66 -72.35 8.73
CA ILE C 44 -21.71 -73.30 8.37
C ILE C 44 -21.16 -74.71 8.07
N ALA C 45 -22.00 -75.52 7.41
CA ALA C 45 -21.84 -76.96 7.27
C ALA C 45 -20.51 -77.49 6.69
N TRP C 46 -20.39 -77.41 5.36
CA TRP C 46 -19.20 -77.85 4.61
C TRP C 46 -18.88 -79.35 4.77
N ASP C 47 -19.91 -80.17 5.02
CA ASP C 47 -19.70 -81.61 5.25
C ASP C 47 -19.23 -82.32 3.98
N ASP C 48 -19.31 -81.60 2.87
CA ASP C 48 -18.62 -81.97 1.65
C ASP C 48 -17.44 -81.02 1.48
N PRO C 49 -16.25 -81.46 1.91
CA PRO C 49 -15.07 -80.59 1.88
C PRO C 49 -14.36 -80.61 0.51
N THR C 50 -15.05 -81.06 -0.54
CA THR C 50 -14.45 -81.00 -1.88
C THR C 50 -15.19 -80.01 -2.78
N VAL C 51 -16.24 -79.39 -2.24
CA VAL C 51 -17.03 -78.39 -2.94
C VAL C 51 -16.14 -77.18 -3.29
N ALA C 52 -16.34 -76.56 -4.46
CA ALA C 52 -15.64 -75.28 -4.74
C ALA C 52 -16.25 -74.13 -3.88
N LEU C 53 -15.58 -72.97 -3.81
CA LEU C 53 -16.14 -71.87 -3.00
C LEU C 53 -17.36 -71.21 -3.64
N PRO C 54 -18.47 -71.14 -2.88
CA PRO C 54 -19.65 -70.36 -3.30
C PRO C 54 -19.31 -68.89 -3.67
N ALA C 55 -19.86 -68.42 -4.79
CA ALA C 55 -19.54 -67.07 -5.25
C ALA C 55 -20.18 -65.98 -4.41
N ALA C 56 -21.22 -66.33 -3.66
CA ALA C 56 -21.91 -65.35 -2.82
C ALA C 56 -20.93 -64.74 -1.83
N ILE C 57 -19.92 -65.52 -1.48
CA ILE C 57 -18.92 -65.07 -0.52
C ILE C 57 -17.60 -64.71 -1.20
N GLY C 58 -17.27 -65.37 -2.32
CA GLY C 58 -16.12 -64.99 -3.12
C GLY C 58 -16.25 -63.49 -3.41
N LEU C 59 -17.49 -63.07 -3.69
CA LEU C 59 -17.87 -61.67 -3.86
C LEU C 59 -17.67 -60.88 -2.56
N THR C 60 -18.02 -61.51 -1.45
CA THR C 60 -17.90 -60.87 -0.15
C THR C 60 -16.43 -60.59 0.22
N ILE C 61 -15.52 -61.45 -0.23
CA ILE C 61 -14.08 -61.21 -0.01
C ILE C 61 -13.47 -60.27 -1.06
N LEU C 62 -14.14 -60.17 -2.21
CA LEU C 62 -13.76 -59.16 -3.20
C LEU C 62 -14.14 -57.80 -2.64
N CYS C 63 -15.36 -57.71 -2.15
CA CYS C 63 -15.85 -56.50 -1.52
C CYS C 63 -14.93 -55.97 -0.46
N TYR C 64 -14.30 -56.87 0.28
CA TYR C 64 -13.31 -56.51 1.28
C TYR C 64 -12.12 -55.78 0.63
N GLY C 65 -11.49 -56.38 -0.37
CA GLY C 65 -10.35 -55.75 -1.03
C GLY C 65 -10.68 -54.40 -1.64
N VAL C 66 -11.62 -54.41 -2.57
CA VAL C 66 -12.09 -53.21 -3.23
C VAL C 66 -12.90 -52.39 -2.27
N ALA C 67 -12.32 -51.97 -1.16
CA ALA C 67 -13.01 -51.14 -0.19
C ALA C 67 -11.92 -50.74 0.76
N ARG C 68 -11.03 -51.70 0.97
CA ARG C 68 -9.79 -51.46 1.67
C ARG C 68 -8.91 -50.62 0.76
N PHE C 69 -8.70 -51.11 -0.46
CA PHE C 69 -7.94 -50.35 -1.44
C PHE C 69 -8.69 -49.09 -1.84
N GLY C 70 -10.00 -49.21 -2.03
CA GLY C 70 -10.78 -48.05 -2.41
C GLY C 70 -10.77 -46.91 -1.39
N SER C 71 -10.76 -47.27 -0.11
CA SER C 71 -10.77 -46.29 0.97
C SER C 71 -9.53 -45.41 0.95
N VAL C 72 -8.37 -46.07 0.80
CA VAL C 72 -7.10 -45.38 0.69
C VAL C 72 -7.05 -44.61 -0.62
N LEU C 73 -7.42 -45.26 -1.73
CA LEU C 73 -7.31 -44.65 -3.05
C LEU C 73 -8.06 -43.34 -3.09
N PHE C 74 -9.16 -43.27 -2.37
CA PHE C 74 -9.93 -42.04 -2.36
C PHE C 74 -9.27 -40.99 -1.45
N GLY C 75 -8.54 -41.46 -0.43
CA GLY C 75 -7.84 -40.57 0.48
C GLY C 75 -6.61 -39.98 -0.19
N GLU C 76 -5.96 -40.78 -1.00
CA GLU C 76 -4.87 -40.27 -1.79
C GLU C 76 -5.39 -39.25 -2.79
N LEU C 77 -6.54 -39.53 -3.37
CA LEU C 77 -7.07 -38.65 -4.40
C LEU C 77 -7.63 -37.34 -3.82
N ARG C 78 -8.17 -37.43 -2.61
CA ARG C 78 -8.66 -36.26 -1.91
C ARG C 78 -7.49 -35.29 -1.72
N ASN C 79 -6.34 -35.85 -1.35
CA ASN C 79 -5.13 -35.06 -1.13
C ASN C 79 -4.52 -34.46 -2.40
N ALA C 80 -4.41 -35.25 -3.45
CA ALA C 80 -3.80 -34.75 -4.68
C ALA C 80 -4.72 -33.74 -5.37
N VAL C 81 -6.02 -33.88 -5.17
CA VAL C 81 -6.90 -32.88 -5.73
C VAL C 81 -6.69 -31.62 -4.94
N PHE C 82 -6.82 -31.72 -3.62
CA PHE C 82 -6.83 -30.51 -2.78
C PHE C 82 -5.50 -29.76 -2.75
N ALA C 83 -4.41 -30.41 -3.13
CA ALA C 83 -3.16 -29.69 -3.27
C ALA C 83 -3.36 -28.65 -4.35
N LYS C 84 -4.02 -29.04 -5.44
CA LYS C 84 -4.28 -28.15 -6.57
C LYS C 84 -5.15 -26.95 -6.11
N VAL C 85 -5.68 -27.03 -4.89
CA VAL C 85 -6.38 -25.89 -4.29
C VAL C 85 -5.45 -25.10 -3.38
N ALA C 86 -4.80 -25.81 -2.45
CA ALA C 86 -3.90 -25.20 -1.48
C ALA C 86 -2.77 -24.43 -2.17
N GLN C 87 -2.01 -25.14 -3.00
CA GLN C 87 -0.88 -24.55 -3.74
C GLN C 87 -1.31 -23.33 -4.52
N ASN C 88 -2.58 -23.29 -4.90
CA ASN C 88 -3.07 -22.16 -5.66
C ASN C 88 -3.30 -20.93 -4.80
N ALA C 89 -3.77 -21.13 -3.57
CA ALA C 89 -4.00 -20.01 -2.68
C ALA C 89 -2.68 -19.38 -2.27
N ILE C 90 -1.69 -20.20 -1.95
CA ILE C 90 -0.37 -19.67 -1.59
C ILE C 90 0.15 -18.78 -2.71
N ARG C 91 0.13 -19.28 -3.94
CA ARG C 91 0.56 -18.49 -5.09
C ARG C 91 -0.18 -17.16 -5.14
N THR C 92 -1.50 -17.20 -4.99
CA THR C 92 -2.32 -15.98 -5.06
C THR C 92 -1.97 -14.98 -3.95
N VAL C 93 -1.74 -15.50 -2.76
CA VAL C 93 -1.37 -14.67 -1.63
C VAL C 93 0.06 -14.15 -1.82
N SER C 94 0.94 -15.04 -2.27
CA SER C 94 2.33 -14.66 -2.45
C SER C 94 2.54 -13.53 -3.45
N LEU C 95 1.60 -13.36 -4.38
CA LEU C 95 1.75 -12.36 -5.41
C LEU C 95 1.23 -11.02 -4.93
N GLN C 96 -0.02 -10.99 -4.45
CA GLN C 96 -0.63 -9.74 -3.99
C GLN C 96 0.10 -9.15 -2.79
N THR C 97 0.81 -10.00 -2.05
CA THR C 97 1.65 -9.54 -0.95
C THR C 97 2.80 -8.83 -1.60
N PHE C 98 3.43 -9.53 -2.53
CA PHE C 98 4.54 -8.96 -3.26
C PHE C 98 4.15 -7.66 -3.97
N GLN C 99 3.00 -7.67 -4.61
CA GLN C 99 2.57 -6.52 -5.39
C GLN C 99 2.32 -5.34 -4.51
N HIS C 100 1.63 -5.56 -3.41
CA HIS C 100 1.24 -4.46 -2.56
C HIS C 100 2.41 -3.91 -1.79
N LEU C 101 3.42 -4.74 -1.58
CA LEU C 101 4.59 -4.31 -0.83
C LEU C 101 5.28 -3.16 -1.56
N MET C 102 5.22 -3.18 -2.89
CA MET C 102 5.90 -2.17 -3.68
C MET C 102 5.05 -0.93 -3.93
N LYS C 103 3.83 -0.98 -3.41
CA LYS C 103 2.97 0.19 -3.39
C LYS C 103 3.31 0.98 -2.15
N LEU C 104 4.11 0.39 -1.27
CA LEU C 104 4.47 1.06 -0.01
C LEU C 104 5.59 2.08 -0.22
N ASP C 105 5.63 3.09 0.67
CA ASP C 105 6.55 4.26 0.57
C ASP C 105 7.95 4.01 1.06
N LEU C 106 8.94 4.73 0.54
CA LEU C 106 10.35 4.36 0.78
C LEU C 106 10.71 4.36 2.25
N GLY C 107 10.10 5.23 3.04
CA GLY C 107 10.36 5.29 4.47
C GLY C 107 9.91 4.03 5.17
N TRP C 108 8.77 3.50 4.75
CA TRP C 108 8.28 2.23 5.26
C TRP C 108 9.32 1.16 4.92
N HIS C 109 9.65 1.00 3.65
CA HIS C 109 10.64 0.02 3.26
C HIS C 109 11.94 0.21 3.99
N LEU C 110 12.27 1.43 4.37
CA LEU C 110 13.56 1.65 5.00
C LEU C 110 13.55 1.31 6.48
N SER C 111 12.43 1.48 7.18
CA SER C 111 12.42 1.11 8.59
C SER C 111 12.40 -0.41 8.80
N ARG C 112 11.50 -1.09 8.08
CA ARG C 112 11.28 -2.55 8.20
C ARG C 112 12.57 -3.29 7.82
N GLN C 113 13.03 -4.23 8.67
CA GLN C 113 14.19 -5.04 8.32
C GLN C 113 13.80 -6.02 7.19
N THR C 114 14.54 -5.92 6.09
CA THR C 114 14.15 -6.57 4.84
C THR C 114 14.11 -8.09 4.89
N GLY C 115 14.97 -8.68 5.72
CA GLY C 115 14.95 -10.12 5.91
C GLY C 115 13.71 -10.53 6.69
N GLY C 116 13.26 -9.66 7.60
CA GLY C 116 12.07 -9.91 8.39
C GLY C 116 10.83 -10.05 7.53
N LEU C 117 10.86 -9.42 6.36
CA LEU C 117 9.74 -9.48 5.44
C LEU C 117 9.80 -10.76 4.63
N THR C 118 11.03 -11.17 4.35
CA THR C 118 11.30 -12.37 3.58
C THR C 118 10.97 -13.61 4.44
N ARG C 119 11.26 -13.56 5.74
CA ARG C 119 10.90 -14.62 6.67
C ARG C 119 9.38 -14.62 6.77
N ALA C 120 8.79 -13.45 7.01
CA ALA C 120 7.36 -13.33 7.27
C ALA C 120 6.48 -13.99 6.21
N MET C 121 6.90 -13.89 4.95
CA MET C 121 6.11 -14.43 3.84
C MET C 121 6.44 -15.89 3.51
N ASP C 122 7.66 -16.31 3.82
CA ASP C 122 8.08 -17.71 3.69
C ASP C 122 7.41 -18.49 4.85
N ARG C 123 7.49 -17.94 6.07
CA ARG C 123 6.83 -18.54 7.22
C ARG C 123 5.32 -18.30 7.18
N GLY C 124 4.89 -17.41 6.29
CA GLY C 124 3.48 -17.13 6.12
C GLY C 124 2.73 -18.22 5.36
N THR C 125 3.40 -18.72 4.33
CA THR C 125 2.85 -19.78 3.52
C THR C 125 2.84 -21.11 4.28
N LYS C 126 3.85 -21.32 5.14
CA LYS C 126 3.89 -22.53 5.97
C LYS C 126 2.60 -22.62 6.77
N GLY C 127 2.15 -21.47 7.29
CA GLY C 127 0.98 -21.46 8.14
C GLY C 127 -0.33 -21.58 7.38
N ILE C 128 -0.23 -21.82 6.07
CA ILE C 128 -1.45 -22.03 5.30
C ILE C 128 -1.56 -23.48 4.84
N SER C 129 -0.45 -24.05 4.38
CA SER C 129 -0.45 -25.47 4.05
C SER C 129 -0.48 -26.27 5.34
N GLN C 130 -0.47 -25.57 6.46
CA GLN C 130 -0.51 -26.26 7.74
C GLN C 130 -1.92 -26.21 8.24
N VAL C 131 -2.64 -25.15 7.89
CA VAL C 131 -3.97 -24.97 8.44
C VAL C 131 -4.97 -25.48 7.43
N LEU C 132 -4.56 -25.53 6.18
CA LEU C 132 -5.41 -26.17 5.18
C LEU C 132 -5.30 -27.73 5.24
N THR C 133 -4.13 -28.23 5.64
CA THR C 133 -3.96 -29.67 5.85
C THR C 133 -4.67 -30.13 7.12
N ALA C 134 -4.50 -29.35 8.18
CA ALA C 134 -5.11 -29.65 9.47
C ALA C 134 -6.61 -29.80 9.32
N MET C 135 -7.20 -28.96 8.46
CA MET C 135 -8.65 -29.00 8.23
C MET C 135 -9.09 -30.20 7.36
N VAL C 136 -8.62 -30.20 6.12
CA VAL C 136 -9.11 -31.12 5.10
C VAL C 136 -8.48 -32.52 5.16
N PHE C 137 -7.29 -32.64 5.74
CA PHE C 137 -6.65 -33.93 5.72
C PHE C 137 -6.78 -34.65 7.06
N HIS C 138 -7.19 -33.92 8.10
CA HIS C 138 -7.23 -34.51 9.46
C HIS C 138 -8.55 -34.31 10.24
N ILE C 139 -8.74 -33.09 10.73
CA ILE C 139 -9.85 -32.76 11.59
C ILE C 139 -11.22 -33.15 11.00
N ILE C 140 -11.53 -32.70 9.79
CA ILE C 140 -12.79 -33.08 9.13
C ILE C 140 -12.94 -34.60 8.88
N PRO C 141 -11.90 -35.23 8.29
CA PRO C 141 -11.98 -36.70 8.12
C PRO C 141 -12.21 -37.49 9.43
N ILE C 142 -11.53 -37.10 10.51
CA ILE C 142 -11.66 -37.80 11.77
C ILE C 142 -12.92 -37.38 12.55
N SER C 143 -13.51 -36.24 12.19
CA SER C 143 -14.75 -35.85 12.82
C SER C 143 -15.85 -36.62 12.13
N PHE C 144 -15.79 -36.65 10.81
CA PHE C 144 -16.80 -37.35 10.02
C PHE C 144 -16.88 -38.83 10.40
N GLU C 145 -15.75 -39.52 10.40
CA GLU C 145 -15.72 -40.95 10.70
C GLU C 145 -16.19 -41.26 12.15
N ILE C 146 -15.83 -40.39 13.10
CA ILE C 146 -16.26 -40.60 14.48
C ILE C 146 -17.77 -40.55 14.57
N SER C 147 -18.36 -39.60 13.85
CA SER C 147 -19.81 -39.52 13.77
C SER C 147 -20.37 -40.80 13.13
N VAL C 148 -19.87 -41.17 11.94
CA VAL C 148 -20.36 -42.37 11.26
C VAL C 148 -20.25 -43.61 12.14
N VAL C 149 -19.06 -43.82 12.71
CA VAL C 149 -18.87 -44.98 13.59
C VAL C 149 -19.80 -44.92 14.83
N CYS C 150 -19.90 -43.76 15.48
CA CYS C 150 -20.83 -43.63 16.60
C CYS C 150 -22.31 -43.75 16.16
N GLY C 151 -22.57 -43.43 14.90
CA GLY C 151 -23.90 -43.59 14.35
C GLY C 151 -24.21 -45.06 14.29
N ILE C 152 -23.33 -45.80 13.61
CA ILE C 152 -23.46 -47.24 13.45
C ILE C 152 -23.58 -47.97 14.76
N LEU C 153 -22.75 -47.59 15.72
CA LEU C 153 -22.79 -48.24 17.01
C LEU C 153 -24.12 -48.12 17.72
N THR C 154 -24.58 -46.87 17.89
CA THR C 154 -25.87 -46.64 18.49
C THR C 154 -26.94 -47.41 17.73
N TYR C 155 -26.91 -47.34 16.40
CA TYR C 155 -27.92 -48.00 15.57
C TYR C 155 -27.92 -49.54 15.68
N GLN C 156 -26.76 -50.15 15.53
CA GLN C 156 -26.70 -51.62 15.44
C GLN C 156 -26.24 -52.32 16.73
N PHE C 157 -25.72 -51.57 17.70
CA PHE C 157 -25.17 -52.19 18.90
C PHE C 157 -25.54 -51.49 20.22
N GLY C 158 -26.13 -50.32 20.12
CA GLY C 158 -26.54 -49.61 21.32
C GLY C 158 -25.64 -48.45 21.70
N ALA C 159 -26.22 -47.49 22.42
CA ALA C 159 -25.48 -46.31 22.89
C ALA C 159 -24.40 -46.71 23.91
N SER C 160 -24.48 -47.96 24.38
CA SER C 160 -23.55 -48.52 25.34
C SER C 160 -22.14 -48.43 24.79
N PHE C 161 -22.04 -48.79 23.51
CA PHE C 161 -20.77 -48.75 22.80
C PHE C 161 -20.36 -47.33 22.48
N ALA C 162 -21.24 -46.63 21.75
CA ALA C 162 -21.00 -45.26 21.32
C ALA C 162 -20.55 -44.41 22.49
N ALA C 163 -21.14 -44.66 23.66
CA ALA C 163 -20.80 -43.92 24.86
C ALA C 163 -19.31 -44.02 25.12
N ILE C 164 -18.78 -45.24 25.09
CA ILE C 164 -17.37 -45.45 25.42
C ILE C 164 -16.41 -45.21 24.25
N THR C 165 -16.91 -45.31 23.02
CA THR C 165 -16.10 -45.01 21.82
C THR C 165 -15.73 -43.56 21.85
N PHE C 166 -16.77 -42.74 21.77
CA PHE C 166 -16.61 -41.31 21.76
C PHE C 166 -15.87 -40.84 23.01
N SER C 167 -16.16 -41.48 24.14
CA SER C 167 -15.50 -41.07 25.36
C SER C 167 -14.01 -41.37 25.22
N THR C 168 -13.67 -42.50 24.62
CA THR C 168 -12.26 -42.84 24.39
C THR C 168 -11.57 -41.80 23.52
N MET C 169 -12.30 -41.32 22.51
CA MET C 169 -11.80 -40.28 21.65
C MET C 169 -11.44 -39.02 22.42
N LEU C 170 -12.33 -38.58 23.29
CA LEU C 170 -12.09 -37.38 24.08
C LEU C 170 -10.99 -37.61 25.10
N LEU C 171 -11.03 -38.79 25.73
CA LEU C 171 -10.01 -39.17 26.70
C LEU C 171 -8.66 -39.19 26.02
N TYR C 172 -8.63 -39.59 24.74
CA TYR C 172 -7.41 -39.64 23.95
C TYR C 172 -6.82 -38.27 23.67
N SER C 173 -7.68 -37.35 23.25
CA SER C 173 -7.31 -35.98 22.92
C SER C 173 -6.87 -35.22 24.15
N ILE C 174 -7.79 -35.11 25.11
CA ILE C 174 -7.54 -34.31 26.28
C ILE C 174 -6.57 -35.02 27.24
N PHE C 175 -5.77 -35.92 26.68
CA PHE C 175 -4.62 -36.47 27.37
C PHE C 175 -3.40 -36.14 26.54
N THR C 176 -3.44 -36.48 25.25
CA THR C 176 -2.29 -36.24 24.35
C THR C 176 -1.83 -34.79 24.37
N ILE C 177 -2.76 -33.88 24.10
CA ILE C 177 -2.45 -32.45 24.11
C ILE C 177 -1.96 -32.07 25.51
N LYS C 178 -2.69 -32.45 26.55
CA LYS C 178 -2.31 -32.13 27.92
C LYS C 178 -0.95 -32.74 28.32
N THR C 179 -0.48 -33.70 27.53
CA THR C 179 0.81 -34.33 27.77
C THR C 179 1.87 -33.71 26.89
N THR C 180 1.51 -33.54 25.64
CA THR C 180 2.41 -33.02 24.61
C THR C 180 2.84 -31.56 24.91
N ALA C 181 1.90 -30.79 25.47
CA ALA C 181 2.17 -29.40 25.81
C ALA C 181 3.15 -29.41 26.98
N TRP C 182 3.08 -30.45 27.79
CA TRP C 182 3.99 -30.61 28.90
C TRP C 182 5.39 -30.99 28.42
N ARG C 183 5.45 -31.88 27.43
CA ARG C 183 6.71 -32.48 27.06
C ARG C 183 7.54 -31.65 26.05
N THR C 184 7.02 -30.50 25.63
CA THR C 184 7.79 -29.62 24.75
C THR C 184 8.93 -28.88 25.48
N HIS C 185 8.81 -28.76 26.80
CA HIS C 185 9.82 -28.13 27.64
C HIS C 185 11.14 -28.91 27.66
N PHE C 186 11.33 -29.80 26.69
CA PHE C 186 12.51 -30.64 26.69
C PHE C 186 13.17 -30.41 25.36
N ARG C 187 12.41 -30.41 24.26
CA ARG C 187 13.01 -30.12 22.97
C ARG C 187 13.43 -28.65 22.91
N ARG C 188 12.64 -27.78 23.55
CA ARG C 188 12.95 -26.36 23.66
C ARG C 188 14.16 -26.17 24.59
N ASP C 189 14.55 -27.23 25.29
CA ASP C 189 15.72 -27.16 26.14
C ASP C 189 16.92 -27.91 25.52
N ALA C 190 16.65 -28.90 24.70
CA ALA C 190 17.75 -29.65 24.11
C ALA C 190 18.42 -28.77 23.08
N ASN C 191 17.61 -28.25 22.14
CA ASN C 191 18.15 -27.40 21.09
C ASN C 191 18.65 -26.07 21.65
N LYS C 192 18.22 -25.77 22.88
CA LYS C 192 18.74 -24.63 23.57
C LYS C 192 20.21 -24.90 23.81
N ALA C 193 20.49 -25.96 24.56
CA ALA C 193 21.86 -26.33 24.88
C ALA C 193 22.66 -26.64 23.62
N ASP C 194 22.02 -27.23 22.61
CA ASP C 194 22.70 -27.56 21.35
C ASP C 194 23.26 -26.30 20.71
N ASN C 195 22.52 -25.20 20.84
CA ASN C 195 23.00 -23.90 20.39
C ASN C 195 24.12 -23.37 21.28
N LYS C 196 24.04 -23.64 22.59
CA LYS C 196 25.14 -23.29 23.49
C LYS C 196 26.41 -24.00 23.05
N ALA C 197 26.33 -25.32 22.87
CA ALA C 197 27.49 -26.06 22.40
C ALA C 197 27.86 -25.56 21.03
N ALA C 198 26.86 -25.11 20.28
CA ALA C 198 27.13 -24.63 18.93
C ALA C 198 28.07 -23.45 18.97
N SER C 199 27.76 -22.51 19.85
CA SER C 199 28.52 -21.28 19.92
C SER C 199 29.89 -21.54 20.55
N VAL C 200 29.93 -22.41 21.57
CA VAL C 200 31.21 -22.73 22.18
C VAL C 200 32.17 -23.23 21.14
N ALA C 201 31.78 -24.31 20.46
CA ALA C 201 32.66 -24.96 19.50
C ALA C 201 33.04 -24.03 18.34
N LEU C 202 32.12 -23.12 18.00
CA LEU C 202 32.39 -22.18 16.92
C LEU C 202 33.40 -21.16 17.39
N ASP C 203 33.16 -20.56 18.56
CA ASP C 203 34.09 -19.57 19.11
C ASP C 203 35.49 -20.17 19.26
N SER C 204 35.58 -21.42 19.73
CA SER C 204 36.88 -22.10 19.89
C SER C 204 37.56 -22.43 18.58
N LEU C 205 36.93 -22.11 17.47
CA LEU C 205 37.52 -22.44 16.19
C LEU C 205 37.92 -21.19 15.44
N ILE C 206 37.13 -20.12 15.62
CA ILE C 206 37.48 -18.84 15.00
C ILE C 206 38.64 -18.30 15.84
N ASN C 207 38.39 -18.15 17.14
CA ASN C 207 39.37 -17.62 18.07
C ASN C 207 40.32 -18.70 18.52
N PHE C 208 40.67 -19.60 17.61
CA PHE C 208 41.56 -20.70 17.91
C PHE C 208 42.91 -20.19 18.40
N GLU C 209 43.37 -19.11 17.80
CA GLU C 209 44.62 -18.49 18.23
C GLU C 209 44.49 -17.98 19.66
N ALA C 210 43.41 -17.27 19.97
CA ALA C 210 43.19 -16.70 21.30
C ALA C 210 43.26 -17.74 22.42
N VAL C 211 42.67 -18.90 22.16
CA VAL C 211 42.67 -19.97 23.13
C VAL C 211 44.04 -20.61 23.21
N LYS C 212 44.80 -20.46 22.13
CA LYS C 212 46.16 -20.95 22.08
C LYS C 212 47.10 -19.97 22.75
N TYR C 213 46.86 -18.66 22.52
CA TYR C 213 47.62 -17.55 23.14
C TYR C 213 47.39 -17.54 24.65
N PHE C 214 46.34 -18.22 25.09
CA PHE C 214 46.13 -18.34 26.51
C PHE C 214 46.23 -19.76 27.00
N ASN C 215 45.92 -19.93 28.28
CA ASN C 215 45.92 -21.24 28.89
C ASN C 215 44.79 -22.07 28.26
N ASN C 216 43.76 -22.32 29.06
CA ASN C 216 42.49 -22.78 28.54
C ASN C 216 42.57 -24.06 27.69
N GLU C 217 41.91 -24.08 26.52
CA GLU C 217 41.71 -25.33 25.75
C GLU C 217 40.90 -26.34 26.56
N LYS C 218 41.51 -26.84 27.63
CA LYS C 218 40.83 -27.69 28.57
C LYS C 218 39.66 -26.92 29.15
N TYR C 219 39.86 -25.63 29.41
CA TYR C 219 38.77 -24.80 29.90
C TYR C 219 37.60 -24.82 28.93
N LEU C 220 37.88 -24.64 27.65
CA LEU C 220 36.82 -24.65 26.63
C LEU C 220 36.22 -26.04 26.32
N ALA C 221 37.03 -27.10 26.39
CA ALA C 221 36.52 -28.45 26.12
C ALA C 221 35.43 -28.83 27.13
N ASP C 222 35.65 -28.60 28.42
CA ASP C 222 34.62 -28.92 29.37
C ASP C 222 33.69 -27.74 29.64
N LYS C 223 33.77 -26.70 28.81
CA LYS C 223 32.70 -25.70 28.80
C LYS C 223 31.69 -26.21 27.79
N TYR C 224 32.22 -26.95 26.81
CA TYR C 224 31.45 -27.63 25.76
C TYR C 224 30.72 -28.82 26.38
N ASN C 225 31.48 -29.67 27.06
CA ASN C 225 30.96 -30.87 27.71
C ASN C 225 29.81 -30.54 28.66
N GLY C 226 29.85 -29.37 29.27
CA GLY C 226 28.76 -28.91 30.10
C GLY C 226 27.50 -28.83 29.24
N SER C 227 27.61 -28.11 28.14
CA SER C 227 26.51 -27.97 27.19
C SER C 227 26.20 -29.32 26.57
N LEU C 228 27.23 -30.12 26.30
CA LEU C 228 27.02 -31.44 25.70
C LEU C 228 26.22 -32.38 26.60
N MET C 229 26.51 -32.36 27.90
CA MET C 229 25.80 -33.14 28.91
C MET C 229 24.47 -32.49 29.25
N ASN C 230 24.42 -31.17 29.12
CA ASN C 230 23.16 -30.47 29.28
C ASN C 230 22.22 -30.99 28.19
N TYR C 231 22.76 -31.18 26.99
CA TYR C 231 21.96 -31.59 25.83
C TYR C 231 21.62 -33.09 25.87
N ARG C 232 22.62 -33.90 26.21
CA ARG C 232 22.40 -35.34 26.30
C ARG C 232 21.32 -35.64 27.33
N ASP C 233 21.52 -35.11 28.52
CA ASP C 233 20.58 -35.36 29.60
C ASP C 233 19.19 -34.85 29.24
N SER C 234 19.16 -33.80 28.41
CA SER C 234 17.91 -33.23 27.96
C SER C 234 17.26 -34.12 26.89
N GLN C 235 18.06 -34.62 25.96
CA GLN C 235 17.53 -35.41 24.84
C GLN C 235 16.91 -36.76 25.26
N ILE C 236 17.47 -37.36 26.32
CA ILE C 236 16.91 -38.58 26.93
C ILE C 236 15.48 -38.37 27.47
N LYS C 237 15.26 -37.20 28.08
CA LYS C 237 13.98 -36.83 28.65
C LYS C 237 13.00 -36.55 27.54
N VAL C 238 13.53 -36.37 26.34
CA VAL C 238 12.66 -36.24 25.17
C VAL C 238 12.19 -37.64 24.83
N SER C 239 13.14 -38.57 24.68
CA SER C 239 12.85 -39.96 24.36
C SER C 239 12.02 -40.62 25.47
N GLN C 240 12.34 -40.32 26.72
CA GLN C 240 11.59 -40.88 27.83
C GLN C 240 10.13 -40.43 27.81
N SER C 241 9.90 -39.13 27.68
CA SER C 241 8.52 -38.66 27.72
C SER C 241 7.76 -39.10 26.45
N LEU C 242 8.46 -39.31 25.34
CA LEU C 242 7.78 -39.78 24.15
C LEU C 242 7.24 -41.18 24.38
N ALA C 243 8.07 -42.04 24.99
CA ALA C 243 7.70 -43.42 25.32
C ALA C 243 6.41 -43.39 26.14
N PHE C 244 6.39 -42.57 27.19
CA PHE C 244 5.18 -42.34 28.00
C PHE C 244 3.96 -42.00 27.15
N LEU C 245 4.13 -41.10 26.19
CA LEU C 245 3.02 -40.68 25.33
C LEU C 245 2.45 -41.84 24.47
N ASN C 246 3.33 -42.56 23.79
CA ASN C 246 2.88 -43.63 22.92
C ASN C 246 2.30 -44.79 23.73
N SER C 247 2.83 -44.99 24.93
CA SER C 247 2.36 -46.02 25.84
C SER C 247 1.01 -45.62 26.41
N GLY C 248 0.92 -44.36 26.85
CA GLY C 248 -0.30 -43.80 27.40
C GLY C 248 -1.43 -43.79 26.37
N GLN C 249 -1.05 -43.55 25.12
CA GLN C 249 -2.02 -43.54 24.03
C GLN C 249 -2.48 -44.95 23.71
N ASN C 250 -1.55 -45.90 23.78
CA ASN C 250 -1.89 -47.27 23.46
C ASN C 250 -2.76 -47.87 24.56
N LEU C 251 -2.46 -47.51 25.81
CA LEU C 251 -3.29 -47.94 26.91
C LEU C 251 -4.74 -47.52 26.68
N ILE C 252 -4.94 -46.30 26.19
CA ILE C 252 -6.29 -45.80 25.98
C ILE C 252 -7.06 -46.68 24.99
N PHE C 253 -6.51 -46.94 23.81
CA PHE C 253 -7.28 -47.76 22.89
C PHE C 253 -7.35 -49.21 23.37
N THR C 254 -6.24 -49.74 23.89
CA THR C 254 -6.23 -51.15 24.31
C THR C 254 -7.35 -51.46 25.36
N THR C 255 -7.53 -50.62 26.38
CA THR C 255 -8.62 -50.93 27.29
C THR C 255 -9.96 -50.72 26.57
N ALA C 256 -10.09 -49.61 25.86
CA ALA C 256 -11.32 -49.32 25.12
C ALA C 256 -11.70 -50.48 24.18
N LEU C 257 -10.72 -51.07 23.53
CA LEU C 257 -11.00 -52.18 22.63
C LEU C 257 -11.33 -53.44 23.40
N THR C 258 -10.51 -53.75 24.39
CA THR C 258 -10.67 -54.97 25.17
C THR C 258 -12.03 -55.00 25.87
N ALA C 259 -12.38 -53.89 26.52
CA ALA C 259 -13.63 -53.78 27.26
C ALA C 259 -14.84 -53.99 26.37
N MET C 260 -14.71 -53.61 25.11
CA MET C 260 -15.79 -53.75 24.14
C MET C 260 -15.96 -55.20 23.66
N MET C 261 -14.85 -55.94 23.60
CA MET C 261 -14.92 -57.35 23.25
C MET C 261 -15.59 -58.10 24.40
N TYR C 262 -15.40 -57.59 25.62
CA TYR C 262 -16.18 -58.08 26.74
C TYR C 262 -17.65 -57.83 26.43
N MET C 263 -18.02 -56.54 26.41
CA MET C 263 -19.37 -56.09 26.09
C MET C 263 -19.97 -56.75 24.85
N GLY C 264 -19.10 -57.15 23.94
CA GLY C 264 -19.58 -57.82 22.75
C GLY C 264 -19.83 -59.29 22.99
N CYS C 265 -19.00 -59.91 23.82
CA CYS C 265 -19.15 -61.33 24.00
C CYS C 265 -20.39 -61.62 24.83
N THR C 266 -20.77 -60.66 25.66
CA THR C 266 -21.99 -60.81 26.43
C THR C 266 -23.21 -60.71 25.51
N GLY C 267 -23.11 -59.96 24.41
CA GLY C 267 -24.22 -59.86 23.48
C GLY C 267 -24.34 -61.11 22.60
N VAL C 268 -23.30 -61.94 22.65
CA VAL C 268 -23.24 -63.25 21.98
C VAL C 268 -23.92 -64.34 22.87
N ILE C 269 -23.86 -64.12 24.18
CA ILE C 269 -24.61 -64.93 25.13
C ILE C 269 -26.10 -64.62 24.96
N GLY C 270 -26.44 -63.33 24.92
CA GLY C 270 -27.81 -62.90 24.74
C GLY C 270 -28.36 -63.18 23.34
N GLY C 271 -27.56 -63.82 22.49
CA GLY C 271 -28.03 -64.22 21.17
C GLY C 271 -28.27 -63.06 20.20
N ASN C 272 -28.15 -61.83 20.70
CA ASN C 272 -28.34 -60.61 19.90
C ASN C 272 -27.23 -60.42 18.85
N LEU C 273 -26.01 -60.75 19.25
CA LEU C 273 -24.84 -60.50 18.43
C LEU C 273 -24.21 -61.78 17.96
N THR C 274 -23.88 -61.80 16.67
CA THR C 274 -23.12 -62.91 16.09
C THR C 274 -21.62 -62.77 16.43
N VAL C 275 -20.83 -63.75 15.99
CA VAL C 275 -19.40 -63.75 16.30
C VAL C 275 -18.60 -62.79 15.36
N GLY C 276 -19.06 -62.65 14.12
CA GLY C 276 -18.46 -61.69 13.20
C GLY C 276 -18.64 -60.30 13.76
N ASP C 277 -19.76 -60.07 14.44
CA ASP C 277 -20.05 -58.81 15.11
C ASP C 277 -19.00 -58.42 16.15
N LEU C 278 -18.21 -59.40 16.58
CA LEU C 278 -17.12 -59.13 17.49
C LEU C 278 -16.01 -58.44 16.69
N VAL C 279 -15.69 -58.98 15.52
CA VAL C 279 -14.73 -58.38 14.58
C VAL C 279 -15.15 -56.96 14.23
N LEU C 280 -16.46 -56.82 13.95
CA LEU C 280 -17.06 -55.57 13.50
C LEU C 280 -16.87 -54.38 14.43
N ILE C 281 -17.25 -54.55 15.69
CA ILE C 281 -17.08 -53.47 16.64
C ILE C 281 -15.59 -53.29 16.94
N ASN C 282 -14.79 -54.34 16.79
CA ASN C 282 -13.36 -54.18 17.05
C ASN C 282 -12.69 -53.37 15.96
N GLN C 283 -12.77 -53.87 14.72
CA GLN C 283 -12.11 -53.24 13.60
C GLN C 283 -12.64 -51.84 13.26
N LEU C 284 -13.94 -51.60 13.46
CA LEU C 284 -14.56 -50.30 13.21
C LEU C 284 -13.93 -49.28 14.16
N VAL C 285 -13.91 -49.61 15.46
CA VAL C 285 -13.34 -48.75 16.51
C VAL C 285 -11.80 -48.70 16.43
N PHE C 286 -11.22 -49.78 15.92
CA PHE C 286 -9.79 -49.76 15.67
C PHE C 286 -9.43 -48.83 14.50
N GLN C 287 -10.18 -48.92 13.40
CA GLN C 287 -9.91 -48.08 12.24
C GLN C 287 -10.01 -46.58 12.58
N LEU C 288 -10.43 -46.26 13.80
CA LEU C 288 -10.42 -44.87 14.25
C LEU C 288 -9.10 -44.48 14.96
N SER C 289 -8.27 -45.47 15.27
CA SER C 289 -7.00 -45.20 15.96
C SER C 289 -5.92 -44.69 15.01
N VAL C 290 -5.97 -45.15 13.75
CA VAL C 290 -4.89 -44.91 12.79
C VAL C 290 -4.53 -43.44 12.57
N PRO C 291 -5.53 -42.60 12.20
CA PRO C 291 -5.15 -41.22 11.90
C PRO C 291 -5.00 -40.34 13.16
N LEU C 292 -5.42 -40.86 14.32
CA LEU C 292 -5.44 -40.09 15.57
C LEU C 292 -4.02 -39.82 16.13
N ASN C 293 -3.07 -40.65 15.68
CA ASN C 293 -1.67 -40.63 16.14
C ASN C 293 -0.88 -39.45 15.58
N PHE C 294 -1.25 -39.05 14.37
CA PHE C 294 -0.72 -37.86 13.74
C PHE C 294 -1.29 -36.64 14.49
N LEU C 295 -2.61 -36.46 14.40
CA LEU C 295 -3.31 -35.34 15.05
C LEU C 295 -2.91 -35.17 16.55
N GLY C 296 -1.63 -34.87 16.78
CA GLY C 296 -1.08 -34.66 18.11
C GLY C 296 0.19 -33.85 17.94
N SER C 297 0.67 -33.88 16.71
CA SER C 297 1.75 -33.02 16.24
C SER C 297 1.20 -31.57 16.08
N VAL C 298 -0.12 -31.47 15.85
CA VAL C 298 -0.84 -30.21 15.70
C VAL C 298 -0.98 -29.41 17.04
N TYR C 299 -2.21 -28.97 17.32
CA TYR C 299 -2.56 -28.06 18.45
C TYR C 299 -1.66 -26.82 18.63
N ARG C 300 -0.35 -27.06 18.78
CA ARG C 300 0.64 -25.98 18.84
C ARG C 300 0.87 -25.37 17.44
N ASP C 301 0.97 -26.26 16.45
CA ASP C 301 1.10 -25.84 15.06
C ASP C 301 -0.09 -24.98 14.74
N LEU C 302 -1.28 -25.45 15.11
CA LEU C 302 -2.49 -24.68 14.83
C LEU C 302 -2.44 -23.27 15.45
N LYS C 303 -1.66 -23.12 16.51
CA LYS C 303 -1.43 -21.80 17.10
C LYS C 303 -0.32 -21.01 16.39
N GLN C 304 0.84 -21.65 16.22
CA GLN C 304 2.01 -21.00 15.62
C GLN C 304 1.75 -20.60 14.17
N SER C 305 1.06 -21.49 13.45
CA SER C 305 0.67 -21.24 12.07
C SER C 305 -0.49 -20.25 11.98
N LEU C 306 -1.21 -20.07 13.08
CA LEU C 306 -2.34 -19.16 13.03
C LEU C 306 -1.85 -17.72 13.02
N ILE C 307 -0.78 -17.45 13.78
CA ILE C 307 -0.22 -16.11 13.91
C ILE C 307 0.76 -15.85 12.76
N ASP C 308 1.49 -16.89 12.36
CA ASP C 308 2.35 -16.78 11.19
C ASP C 308 1.55 -16.55 9.88
N MET C 309 0.25 -16.82 9.93
CA MET C 309 -0.66 -16.56 8.81
C MET C 309 -1.26 -15.17 8.95
N GLU C 310 -1.28 -14.69 10.19
CA GLU C 310 -1.86 -13.39 10.50
C GLU C 310 -0.86 -12.26 10.29
N THR C 311 0.38 -12.46 10.72
CA THR C 311 1.40 -11.45 10.47
C THR C 311 1.57 -11.24 8.95
N LEU C 312 1.51 -12.33 8.18
CA LEU C 312 1.62 -12.22 6.73
C LEU C 312 0.42 -11.50 6.14
N PHE C 313 -0.70 -11.54 6.84
CA PHE C 313 -1.88 -10.85 6.35
C PHE C 313 -1.79 -9.38 6.76
N LYS C 314 -1.21 -9.13 7.94
CA LYS C 314 -1.08 -7.77 8.49
C LYS C 314 -0.35 -6.86 7.50
N LEU C 315 0.42 -7.46 6.60
CA LEU C 315 1.17 -6.71 5.62
C LEU C 315 0.27 -5.89 4.70
N ARG C 316 -0.73 -6.52 4.10
CA ARG C 316 -1.59 -5.75 3.21
C ARG C 316 -2.45 -4.75 3.96
N LYS C 317 -2.43 -4.82 5.30
CA LYS C 317 -3.12 -3.82 6.15
C LYS C 317 -2.47 -2.44 5.96
N ASN C 318 -1.15 -2.46 5.73
CA ASN C 318 -0.36 -1.24 5.69
C ASN C 318 -0.81 -0.20 4.69
N GLU C 319 -0.94 1.04 5.15
CA GLU C 319 -1.47 2.13 4.34
C GLU C 319 -0.46 2.68 3.33
N VAL C 320 -0.94 2.92 2.11
CA VAL C 320 -0.14 3.59 1.11
C VAL C 320 -0.30 5.08 1.36
N LYS C 321 0.79 5.76 1.71
CA LYS C 321 0.77 7.19 2.03
C LYS C 321 0.87 8.11 0.80
N ILE C 322 1.75 7.77 -0.12
CA ILE C 322 1.91 8.53 -1.34
C ILE C 322 0.99 7.98 -2.44
N LYS C 323 -0.24 8.48 -2.53
CA LYS C 323 -1.14 8.02 -3.59
C LYS C 323 -1.67 9.20 -4.37
N ASN C 324 -1.92 9.00 -5.65
CA ASN C 324 -2.55 10.05 -6.46
C ASN C 324 -4.02 10.21 -6.12
N ALA C 325 -4.51 11.44 -6.20
CA ALA C 325 -5.91 11.72 -5.88
C ALA C 325 -6.82 11.18 -6.97
N GLU C 326 -8.13 11.43 -6.80
CA GLU C 326 -9.08 10.94 -7.78
C GLU C 326 -9.01 11.84 -9.02
N ARG C 327 -9.14 11.20 -10.19
CA ARG C 327 -8.96 11.85 -11.49
C ARG C 327 -7.64 12.62 -11.52
N PRO C 328 -6.53 11.86 -11.58
CA PRO C 328 -5.18 12.41 -11.55
C PRO C 328 -4.75 12.84 -12.93
N LEU C 329 -3.97 13.91 -13.03
CA LEU C 329 -3.49 14.36 -14.32
C LEU C 329 -2.33 13.46 -14.80
N MET C 330 -2.25 13.26 -16.11
CA MET C 330 -1.05 12.72 -16.74
C MET C 330 -0.24 13.90 -17.23
N LEU C 331 -0.44 14.23 -18.50
CA LEU C 331 -0.12 15.55 -19.02
C LEU C 331 1.40 15.88 -19.23
N PRO C 332 1.68 17.13 -19.68
CA PRO C 332 2.40 17.66 -20.83
C PRO C 332 2.94 16.64 -21.81
N GLU C 333 2.73 16.91 -23.08
CA GLU C 333 2.92 15.91 -24.13
C GLU C 333 4.28 15.93 -24.80
N ASN C 334 4.50 16.96 -25.61
CA ASN C 334 5.77 17.06 -26.32
C ASN C 334 6.43 18.38 -26.03
N VAL C 335 6.62 18.67 -24.75
CA VAL C 335 7.31 19.86 -24.35
C VAL C 335 8.45 19.43 -23.45
N PRO C 336 9.50 20.25 -23.37
CA PRO C 336 10.55 19.96 -22.39
C PRO C 336 10.01 20.24 -20.99
N TYR C 337 10.42 19.47 -19.98
CA TYR C 337 9.90 19.67 -18.63
C TYR C 337 10.80 20.60 -17.85
N ASP C 338 10.22 21.47 -17.03
CA ASP C 338 10.98 22.29 -16.08
C ASP C 338 10.61 21.86 -14.67
N ILE C 339 11.33 22.31 -13.65
CA ILE C 339 10.96 21.93 -12.29
C ILE C 339 11.07 23.19 -11.42
N THR C 340 10.10 23.45 -10.55
CA THR C 340 10.22 24.61 -9.69
C THR C 340 9.83 24.28 -8.24
N PHE C 341 10.59 24.83 -7.28
CA PHE C 341 10.35 24.62 -5.87
C PHE C 341 9.75 25.89 -5.29
N GLU C 342 8.56 25.77 -4.71
CA GLU C 342 7.89 26.89 -4.08
C GLU C 342 7.82 26.68 -2.56
N ASN C 343 8.64 27.42 -1.81
CA ASN C 343 8.62 27.36 -0.34
C ASN C 343 8.68 25.96 0.26
N VAL C 344 9.46 25.08 -0.36
CA VAL C 344 9.59 23.70 0.09
C VAL C 344 10.35 23.55 1.39
N THR C 345 9.64 23.00 2.38
CA THR C 345 10.19 22.62 3.67
C THR C 345 10.03 21.10 3.83
N PHE C 346 11.11 20.40 4.11
CA PHE C 346 11.07 18.95 4.20
C PHE C 346 12.15 18.42 5.12
N GLY C 347 11.83 17.32 5.81
CA GLY C 347 12.78 16.57 6.62
C GLY C 347 12.20 15.20 6.89
N TYR C 348 13.02 14.30 7.41
CA TYR C 348 12.51 13.04 7.94
C TYR C 348 12.38 13.28 9.45
N HIS C 349 11.19 13.04 9.98
CA HIS C 349 10.86 13.43 11.37
C HIS C 349 10.78 14.96 11.49
N PRO C 350 9.54 15.46 11.71
CA PRO C 350 9.15 16.88 11.65
C PRO C 350 10.02 17.82 12.49
N ASP C 351 10.65 17.28 13.52
CA ASP C 351 11.53 18.07 14.37
C ASP C 351 12.86 18.45 13.66
N ARG C 352 13.39 17.54 12.85
CA ARG C 352 14.65 17.77 12.16
C ARG C 352 14.43 18.05 10.67
N LYS C 353 14.39 19.33 10.34
CA LYS C 353 14.23 19.82 8.96
C LYS C 353 15.54 19.88 8.19
N ILE C 354 15.55 19.26 7.01
CA ILE C 354 16.72 19.23 6.15
C ILE C 354 16.67 20.35 5.12
N LEU C 355 15.52 20.51 4.46
CA LEU C 355 15.36 21.54 3.46
C LEU C 355 14.47 22.63 4.04
N LYS C 356 15.02 23.83 4.28
CA LYS C 356 14.27 24.87 4.98
C LYS C 356 13.79 26.01 4.09
N ASN C 357 12.54 25.90 3.64
CA ASN C 357 11.90 26.92 2.82
C ASN C 357 12.60 27.17 1.50
N ALA C 358 13.00 26.10 0.83
CA ALA C 358 13.73 26.24 -0.42
C ALA C 358 12.84 26.60 -1.60
N SER C 359 13.27 27.58 -2.37
CA SER C 359 12.62 27.94 -3.63
C SER C 359 13.70 28.16 -4.69
N PHE C 360 13.49 27.59 -5.88
CA PHE C 360 14.40 27.75 -7.01
C PHE C 360 13.78 27.16 -8.29
N THR C 361 14.34 27.52 -9.45
CA THR C 361 13.84 26.99 -10.73
C THR C 361 14.91 26.12 -11.40
N ILE C 362 14.47 24.99 -11.94
CA ILE C 362 15.33 24.11 -12.71
C ILE C 362 14.81 24.17 -14.13
N PRO C 363 15.39 25.06 -14.95
CA PRO C 363 14.82 25.42 -16.25
C PRO C 363 14.92 24.31 -17.23
N ALA C 364 14.05 24.32 -18.21
CA ALA C 364 13.92 23.19 -19.12
C ALA C 364 15.01 23.21 -20.17
N GLY C 365 15.53 22.04 -20.49
CA GLY C 365 16.56 21.90 -21.51
C GLY C 365 17.98 22.14 -21.00
N TRP C 366 18.10 22.89 -19.92
CA TRP C 366 19.41 23.27 -19.39
C TRP C 366 20.02 22.15 -18.57
N LYS C 367 21.32 22.29 -18.31
CA LYS C 367 22.01 21.48 -17.32
C LYS C 367 22.07 22.31 -16.05
N THR C 368 21.41 21.83 -14.99
CA THR C 368 21.41 22.51 -13.70
C THR C 368 22.15 21.65 -12.68
N ALA C 369 23.06 22.24 -11.93
CA ALA C 369 23.78 21.50 -10.90
C ALA C 369 23.43 22.03 -9.52
N ILE C 370 23.40 21.17 -8.52
CA ILE C 370 23.04 21.58 -7.17
C ILE C 370 24.15 21.18 -6.22
N VAL C 371 24.84 22.15 -5.63
CA VAL C 371 25.99 21.88 -4.80
C VAL C 371 25.80 22.41 -3.41
N GLY C 372 26.64 21.96 -2.49
CA GLY C 372 26.62 22.45 -1.13
C GLY C 372 27.39 21.48 -0.28
N SER C 373 27.93 21.97 0.83
CA SER C 373 28.63 21.11 1.76
C SER C 373 27.64 20.23 2.51
N SER C 374 28.08 19.56 3.56
CA SER C 374 27.19 18.67 4.28
C SER C 374 26.15 19.51 4.99
N GLY C 375 24.90 19.05 4.96
CA GLY C 375 23.79 19.73 5.62
C GLY C 375 22.98 20.57 4.65
N SER C 376 23.54 20.73 3.47
CA SER C 376 22.95 21.46 2.36
C SER C 376 21.49 21.16 2.04
N GLY C 377 21.16 19.89 1.91
CA GLY C 377 19.80 19.55 1.56
C GLY C 377 19.68 19.17 0.12
N LYS C 378 20.77 19.25 -0.64
CA LYS C 378 20.84 18.76 -2.01
C LYS C 378 20.61 17.27 -1.95
N SER C 379 20.99 16.74 -0.79
CA SER C 379 20.95 15.33 -0.45
C SER C 379 19.50 14.78 -0.51
N THR C 380 18.51 15.64 -0.70
CA THR C 380 17.10 15.23 -0.62
C THR C 380 16.23 15.81 -1.72
N ILE C 381 16.83 16.34 -2.77
CA ILE C 381 16.09 16.92 -3.90
C ILE C 381 15.39 15.83 -4.71
N LEU C 382 16.19 14.94 -5.31
CA LEU C 382 15.71 13.80 -6.09
C LEU C 382 14.58 13.04 -5.42
N LYS C 383 14.75 12.70 -4.14
CA LYS C 383 13.74 11.94 -3.42
C LYS C 383 12.41 12.66 -3.46
N LEU C 384 12.43 13.98 -3.30
CA LEU C 384 11.21 14.77 -3.31
C LEU C 384 10.61 14.92 -4.72
N VAL C 385 11.46 14.96 -5.73
CA VAL C 385 11.00 15.13 -7.11
C VAL C 385 10.35 13.86 -7.58
N PHE C 386 10.80 12.71 -7.07
CA PHE C 386 10.27 11.40 -7.46
C PHE C 386 9.05 10.97 -6.60
N ARG C 387 8.62 11.89 -5.74
CA ARG C 387 7.47 11.71 -4.86
C ARG C 387 7.58 10.49 -3.97
N PHE C 388 8.82 10.09 -3.68
CA PHE C 388 9.12 9.11 -2.64
C PHE C 388 8.61 9.66 -1.30
N TYR C 389 8.93 10.94 -1.03
CA TYR C 389 8.42 11.66 0.14
C TYR C 389 7.63 12.88 -0.34
N ASP C 390 6.83 13.47 0.53
CA ASP C 390 6.12 14.70 0.22
C ASP C 390 6.51 15.80 1.18
N PRO C 391 6.64 17.02 0.64
CA PRO C 391 7.10 18.14 1.48
C PRO C 391 6.07 18.47 2.54
N GLU C 392 6.56 18.83 3.72
CA GLU C 392 5.74 19.24 4.84
C GLU C 392 5.06 20.58 4.58
N SER C 393 5.82 21.52 4.02
CA SER C 393 5.31 22.83 3.67
C SER C 393 5.70 23.09 2.22
N GLY C 394 5.02 23.98 1.52
CA GLY C 394 5.37 24.26 0.14
C GLY C 394 5.11 23.15 -0.87
N ARG C 395 5.25 23.46 -2.15
CA ARG C 395 4.96 22.49 -3.21
C ARG C 395 6.06 22.38 -4.26
N ILE C 396 5.94 21.42 -5.16
CA ILE C 396 6.90 21.23 -6.22
C ILE C 396 6.16 21.05 -7.54
N LEU C 397 6.47 21.87 -8.55
CA LEU C 397 5.70 21.86 -9.78
C LEU C 397 6.56 21.38 -10.97
N ILE C 398 5.98 20.56 -11.86
CA ILE C 398 6.59 20.30 -13.16
C ILE C 398 5.66 20.86 -14.24
N ASN C 399 6.17 21.82 -15.00
CA ASN C 399 5.35 22.58 -15.92
C ASN C 399 4.14 23.21 -15.25
N GLY C 400 4.33 23.83 -14.09
CA GLY C 400 3.27 24.64 -13.50
C GLY C 400 2.24 23.87 -12.72
N ARG C 401 2.22 22.56 -12.87
CA ARG C 401 1.28 21.73 -12.13
C ARG C 401 1.95 21.12 -10.92
N ASP C 402 1.26 21.09 -9.79
CA ASP C 402 1.78 20.40 -8.61
C ASP C 402 1.97 18.94 -8.97
N ILE C 403 3.11 18.36 -8.61
CA ILE C 403 3.38 16.98 -9.00
C ILE C 403 2.57 15.97 -8.19
N LYS C 404 1.95 16.45 -7.12
CA LYS C 404 1.03 15.64 -6.35
C LYS C 404 -0.16 15.22 -7.20
N GLU C 405 -0.53 16.07 -8.15
CA GLU C 405 -1.71 15.84 -9.00
C GLU C 405 -1.45 14.94 -10.17
N TYR C 406 -0.19 14.60 -10.36
CA TYR C 406 0.16 13.73 -11.46
C TYR C 406 -0.11 12.28 -11.07
N ASP C 407 -0.33 11.43 -12.06
CA ASP C 407 -0.44 10.01 -11.77
C ASP C 407 0.96 9.57 -11.36
N ILE C 408 1.14 9.18 -10.11
CA ILE C 408 2.47 8.89 -9.59
C ILE C 408 3.29 7.94 -10.47
N ASP C 409 2.63 7.16 -11.29
CA ASP C 409 3.36 6.33 -12.24
C ASP C 409 3.73 7.14 -13.47
N ALA C 410 2.80 7.98 -13.92
CA ALA C 410 3.05 8.86 -15.05
C ALA C 410 4.22 9.77 -14.77
N LEU C 411 4.26 10.34 -13.57
CA LEU C 411 5.35 11.21 -13.13
C LEU C 411 6.70 10.51 -13.14
N ARG C 412 6.76 9.33 -12.55
CA ARG C 412 8.03 8.64 -12.36
C ARG C 412 8.58 8.05 -13.62
N LYS C 413 7.76 7.98 -14.64
CA LYS C 413 8.15 7.33 -15.89
C LYS C 413 9.06 8.22 -16.73
N VAL C 414 8.98 9.52 -16.50
CA VAL C 414 9.78 10.47 -17.25
C VAL C 414 11.06 10.94 -16.52
N ILE C 415 11.40 10.31 -15.41
CA ILE C 415 12.59 10.68 -14.64
C ILE C 415 13.56 9.51 -14.66
N GLY C 416 14.80 9.76 -15.07
CA GLY C 416 15.82 8.72 -15.08
C GLY C 416 16.90 9.06 -14.07
N VAL C 417 17.45 8.06 -13.40
CA VAL C 417 18.42 8.30 -12.34
C VAL C 417 19.73 7.52 -12.49
N VAL C 418 20.86 8.23 -12.48
CA VAL C 418 22.14 7.55 -12.32
C VAL C 418 22.54 7.78 -10.86
N PRO C 419 22.35 6.76 -10.00
CA PRO C 419 22.56 6.91 -8.56
C PRO C 419 24.02 6.74 -8.15
N GLN C 420 24.34 7.12 -6.91
CA GLN C 420 25.72 7.09 -6.42
C GLN C 420 26.27 5.67 -6.35
N ASP C 421 25.43 4.76 -5.85
CA ASP C 421 25.74 3.36 -5.92
C ASP C 421 24.65 2.60 -6.66
N THR C 422 25.01 2.10 -7.83
CA THR C 422 24.10 1.33 -8.66
C THR C 422 23.96 -0.04 -7.99
N PRO C 423 22.76 -0.63 -8.05
CA PRO C 423 22.54 -1.99 -7.54
C PRO C 423 22.68 -3.04 -8.64
N LEU C 424 23.11 -4.26 -8.28
CA LEU C 424 23.13 -5.37 -9.22
C LEU C 424 21.95 -6.34 -8.97
N PHE C 425 21.49 -6.98 -10.03
CA PHE C 425 20.46 -8.02 -9.88
C PHE C 425 21.08 -9.40 -10.16
N ASN C 426 20.68 -10.40 -9.37
CA ASN C 426 21.13 -11.77 -9.64
C ASN C 426 20.56 -12.33 -10.93
N ASP C 427 21.32 -12.16 -12.00
CA ASP C 427 20.86 -12.45 -13.34
C ASP C 427 22.05 -12.25 -14.29
N THR C 428 21.81 -12.33 -15.59
CA THR C 428 22.85 -11.95 -16.54
C THR C 428 23.01 -10.41 -16.59
N ILE C 429 24.17 -9.92 -17.03
CA ILE C 429 24.32 -8.50 -17.25
C ILE C 429 23.32 -8.07 -18.27
N TRP C 430 23.22 -8.85 -19.35
CA TRP C 430 22.35 -8.48 -20.46
C TRP C 430 20.94 -8.26 -19.95
N GLU C 431 20.55 -9.02 -18.94
CA GLU C 431 19.27 -8.79 -18.31
C GLU C 431 19.31 -7.60 -17.37
N ASN C 432 20.48 -7.31 -16.81
CA ASN C 432 20.63 -6.12 -15.96
C ASN C 432 20.65 -4.81 -16.73
N VAL C 433 21.23 -4.82 -17.93
CA VAL C 433 21.22 -3.64 -18.80
C VAL C 433 19.83 -3.42 -19.40
N LYS C 434 19.20 -4.50 -19.85
CA LYS C 434 17.86 -4.48 -20.44
C LYS C 434 16.81 -4.05 -19.41
N PHE C 435 17.19 -4.07 -18.13
CA PHE C 435 16.31 -3.70 -17.04
C PHE C 435 15.84 -2.26 -17.18
N GLY C 436 16.62 -1.43 -17.87
CA GLY C 436 16.32 -0.03 -18.05
C GLY C 436 14.97 0.15 -18.70
N ARG C 437 14.78 -0.53 -19.82
CA ARG C 437 13.48 -0.62 -20.46
C ARG C 437 13.36 -2.03 -21.03
N ILE C 438 12.36 -2.76 -20.54
CA ILE C 438 12.20 -4.18 -20.79
C ILE C 438 11.95 -4.54 -22.26
N ASP C 439 11.07 -3.76 -22.90
CA ASP C 439 10.64 -4.03 -24.27
C ASP C 439 11.64 -3.55 -25.32
N ALA C 440 12.89 -3.42 -24.89
CA ALA C 440 13.94 -2.98 -25.77
C ALA C 440 14.30 -4.10 -26.73
N THR C 441 14.54 -3.76 -28.01
CA THR C 441 15.00 -4.77 -28.97
C THR C 441 16.39 -5.22 -28.51
N ASP C 442 16.81 -6.43 -28.90
CA ASP C 442 18.11 -6.92 -28.48
C ASP C 442 19.22 -6.03 -29.03
N GLU C 443 18.95 -5.38 -30.16
CA GLU C 443 19.91 -4.50 -30.79
C GLU C 443 20.06 -3.19 -30.01
N GLU C 444 18.93 -2.66 -29.56
CA GLU C 444 18.93 -1.45 -28.75
C GLU C 444 19.88 -1.64 -27.57
N VAL C 445 19.84 -2.81 -26.96
CA VAL C 445 20.66 -3.11 -25.80
C VAL C 445 22.15 -3.13 -26.15
N ILE C 446 22.46 -3.45 -27.41
CA ILE C 446 23.86 -3.45 -27.86
C ILE C 446 24.38 -2.02 -27.96
N THR C 447 23.62 -1.17 -28.67
CA THR C 447 24.01 0.22 -28.91
C THR C 447 24.27 0.91 -27.57
N VAL C 448 23.39 0.62 -26.61
CA VAL C 448 23.49 1.21 -25.29
C VAL C 448 24.75 0.73 -24.56
N VAL C 449 25.11 -0.54 -24.74
CA VAL C 449 26.29 -1.08 -24.07
C VAL C 449 27.55 -0.48 -24.70
N GLU C 450 27.47 -0.21 -26.00
CA GLU C 450 28.53 0.49 -26.73
C GLU C 450 28.64 1.93 -26.24
N LYS C 451 27.53 2.66 -26.27
CA LYS C 451 27.47 4.07 -25.91
C LYS C 451 28.00 4.27 -24.54
N ALA C 452 27.68 3.34 -23.66
CA ALA C 452 28.09 3.48 -22.26
C ALA C 452 29.57 3.18 -22.07
N GLN C 453 30.21 2.67 -23.12
CA GLN C 453 31.58 2.12 -23.05
C GLN C 453 31.62 0.95 -22.07
N LEU C 454 30.63 0.06 -22.17
CA LEU C 454 30.51 -1.13 -21.32
C LEU C 454 31.07 -2.35 -22.06
N ALA C 455 31.22 -2.22 -23.37
CA ALA C 455 31.74 -3.29 -24.22
C ALA C 455 33.00 -3.98 -23.66
N PRO C 456 34.04 -3.19 -23.31
CA PRO C 456 35.24 -3.81 -22.72
C PRO C 456 35.00 -4.75 -21.53
N LEU C 457 33.92 -4.56 -20.78
CA LEU C 457 33.66 -5.43 -19.62
C LEU C 457 33.16 -6.79 -20.04
N ILE C 458 32.23 -6.83 -20.99
CA ILE C 458 31.65 -8.09 -21.43
C ILE C 458 32.66 -8.92 -22.23
N LYS C 459 33.62 -8.24 -22.86
CA LYS C 459 34.70 -8.95 -23.58
C LYS C 459 35.64 -9.57 -22.55
N LYS C 460 36.01 -8.77 -21.55
CA LYS C 460 36.85 -9.20 -20.43
C LYS C 460 36.19 -10.27 -19.58
N LEU C 461 34.87 -10.35 -19.67
CA LEU C 461 34.11 -11.35 -18.92
C LEU C 461 34.08 -12.71 -19.62
N PRO C 462 34.38 -13.77 -18.83
CA PRO C 462 34.45 -15.19 -19.22
C PRO C 462 33.23 -15.76 -19.96
N GLN C 463 32.03 -15.61 -19.40
CA GLN C 463 30.82 -16.14 -20.05
C GLN C 463 30.08 -15.08 -20.89
N GLY C 464 30.81 -14.05 -21.29
CA GLY C 464 30.29 -12.98 -22.11
C GLY C 464 29.07 -12.31 -21.52
N PHE C 465 28.05 -12.09 -22.34
CA PHE C 465 26.84 -11.42 -21.87
C PHE C 465 26.13 -12.25 -20.84
N ASP C 466 26.24 -13.57 -20.95
CA ASP C 466 25.43 -14.44 -20.11
C ASP C 466 26.08 -14.62 -18.73
N THR C 467 27.15 -13.89 -18.48
CA THR C 467 27.85 -13.93 -17.21
C THR C 467 26.91 -13.60 -16.06
N ILE C 468 27.04 -14.30 -14.93
CA ILE C 468 26.16 -14.02 -13.80
C ILE C 468 26.81 -13.02 -12.86
N VAL C 469 26.22 -11.83 -12.85
CA VAL C 469 26.64 -10.76 -11.98
C VAL C 469 25.79 -10.83 -10.75
N GLY C 470 26.04 -9.94 -9.81
CA GLY C 470 25.24 -9.99 -8.60
C GLY C 470 26.09 -10.39 -7.43
N GLU C 471 25.43 -10.37 -6.26
CA GLU C 471 26.09 -10.72 -5.00
C GLU C 471 26.48 -12.20 -4.98
N ARG C 472 25.53 -13.03 -5.37
CA ARG C 472 25.74 -14.47 -5.49
C ARG C 472 26.14 -14.74 -6.91
N GLY C 473 27.16 -14.02 -7.39
CA GLY C 473 27.65 -14.15 -8.74
C GLY C 473 29.01 -13.48 -8.88
N LEU C 474 29.23 -12.79 -10.01
CA LEU C 474 30.47 -12.01 -10.18
C LEU C 474 30.29 -10.48 -9.93
N MET C 475 31.03 -9.98 -8.95
CA MET C 475 31.06 -8.54 -8.62
C MET C 475 32.03 -7.75 -9.53
N ILE C 476 31.54 -6.62 -10.03
CA ILE C 476 32.33 -5.74 -10.88
C ILE C 476 32.64 -4.44 -10.17
N SER C 477 33.63 -3.73 -10.68
CA SER C 477 34.13 -2.49 -10.08
C SER C 477 33.09 -1.40 -10.06
N GLY C 478 33.25 -0.45 -9.14
CA GLY C 478 32.31 0.65 -9.03
C GLY C 478 32.16 1.33 -10.39
N GLY C 479 33.29 1.59 -11.05
CA GLY C 479 33.29 2.22 -12.36
C GLY C 479 32.46 1.47 -13.38
N GLU C 480 32.58 0.15 -13.42
CA GLU C 480 31.81 -0.63 -14.38
C GLU C 480 30.33 -0.61 -14.05
N LYS C 481 30.02 -0.60 -12.75
CA LYS C 481 28.64 -0.55 -12.27
C LYS C 481 27.99 0.77 -12.67
N GLN C 482 28.65 1.88 -12.39
CA GLN C 482 28.12 3.20 -12.75
C GLN C 482 28.04 3.33 -14.26
N ARG C 483 28.90 2.61 -14.96
CA ARG C 483 28.83 2.53 -16.41
C ARG C 483 27.56 1.79 -16.86
N LEU C 484 27.13 0.82 -16.06
CA LEU C 484 25.92 0.07 -16.38
C LEU C 484 24.67 0.90 -16.06
N ALA C 485 24.74 1.75 -15.04
CA ALA C 485 23.58 2.57 -14.68
C ALA C 485 23.31 3.62 -15.75
N ILE C 486 24.37 4.13 -16.36
CA ILE C 486 24.26 5.09 -17.46
C ILE C 486 23.61 4.38 -18.62
N ALA C 487 23.94 3.10 -18.76
CA ALA C 487 23.39 2.31 -19.84
C ALA C 487 21.87 2.23 -19.74
N ARG C 488 21.39 1.83 -18.56
CA ARG C 488 19.96 1.66 -18.30
C ARG C 488 19.15 2.92 -18.62
N VAL C 489 19.65 4.08 -18.22
CA VAL C 489 18.87 5.29 -18.36
C VAL C 489 18.76 5.69 -19.84
N LEU C 490 19.66 5.15 -20.66
CA LEU C 490 19.60 5.38 -22.10
C LEU C 490 18.46 4.61 -22.71
N LEU C 491 18.29 3.36 -22.28
CA LEU C 491 17.18 2.52 -22.75
C LEU C 491 15.86 3.12 -22.32
N LYS C 492 15.81 3.63 -21.10
CA LYS C 492 14.58 4.24 -20.58
C LYS C 492 14.24 5.50 -21.36
N ASN C 493 15.28 6.23 -21.76
CA ASN C 493 15.13 7.45 -22.55
C ASN C 493 14.21 8.47 -21.89
N ALA C 494 14.48 8.74 -20.62
CA ALA C 494 13.64 9.63 -19.83
C ALA C 494 13.84 11.07 -20.26
N ARG C 495 12.83 11.90 -20.03
CA ARG C 495 12.88 13.32 -20.37
C ARG C 495 13.58 14.19 -19.32
N ILE C 496 13.44 13.83 -18.05
CA ILE C 496 14.16 14.50 -16.97
C ILE C 496 15.26 13.58 -16.49
N MET C 497 16.44 14.10 -16.21
CA MET C 497 17.55 13.23 -15.87
C MET C 497 18.30 13.67 -14.62
N PHE C 498 18.45 12.78 -13.65
CA PHE C 498 19.18 13.08 -12.42
C PHE C 498 20.42 12.26 -12.32
N PHE C 499 21.53 12.89 -11.94
CA PHE C 499 22.76 12.17 -11.68
C PHE C 499 23.07 12.43 -10.21
N ASP C 500 22.55 11.58 -9.33
CA ASP C 500 22.71 11.74 -7.89
C ASP C 500 24.12 11.30 -7.51
N GLU C 501 25.01 12.27 -7.34
CA GLU C 501 26.34 12.01 -6.82
C GLU C 501 27.03 10.89 -7.57
N ALA C 502 26.75 10.79 -8.87
CA ALA C 502 27.08 9.60 -9.65
C ALA C 502 28.51 9.10 -9.50
N THR C 503 29.44 10.04 -9.37
CA THR C 503 30.86 9.68 -9.44
C THR C 503 31.63 9.91 -8.15
N SER C 504 31.13 9.31 -7.06
CA SER C 504 31.93 9.16 -5.84
C SER C 504 32.56 7.76 -5.87
N ALA C 505 32.88 7.36 -7.11
CA ALA C 505 33.66 6.17 -7.41
C ALA C 505 35.00 6.41 -6.80
N LEU C 506 35.22 5.78 -5.64
CA LEU C 506 36.46 5.99 -4.87
C LEU C 506 37.71 5.46 -5.64
N ASP C 507 37.85 6.02 -6.85
CA ASP C 507 38.97 5.83 -7.78
C ASP C 507 38.81 7.01 -8.76
N THR C 508 39.76 7.95 -8.72
CA THR C 508 39.64 9.19 -9.49
C THR C 508 39.79 9.02 -11.00
N HIS C 509 40.81 8.28 -11.45
CA HIS C 509 40.99 8.10 -12.89
C HIS C 509 39.72 7.59 -13.56
N THR C 510 38.97 6.79 -12.81
CA THR C 510 37.73 6.17 -13.25
C THR C 510 36.57 7.18 -13.26
N GLU C 511 36.68 8.18 -12.39
CA GLU C 511 35.71 9.28 -12.39
C GLU C 511 35.82 10.11 -13.64
N GLN C 512 37.04 10.44 -13.98
CA GLN C 512 37.33 11.24 -15.16
C GLN C 512 36.81 10.55 -16.41
N ALA C 513 37.03 9.24 -16.52
CA ALA C 513 36.57 8.49 -17.68
C ALA C 513 35.06 8.49 -17.81
N LEU C 514 34.39 8.44 -16.66
CA LEU C 514 32.95 8.38 -16.62
C LEU C 514 32.32 9.70 -17.04
N LEU C 515 32.84 10.79 -16.49
CA LEU C 515 32.31 12.11 -16.76
C LEU C 515 32.37 12.41 -18.24
N ARG C 516 33.37 11.85 -18.92
CA ARG C 516 33.48 12.02 -20.35
C ARG C 516 32.36 11.24 -20.99
N THR C 517 32.15 10.00 -20.54
CA THR C 517 31.09 9.16 -21.13
C THR C 517 29.71 9.75 -20.88
N ILE C 518 29.56 10.51 -19.80
CA ILE C 518 28.31 11.19 -19.50
C ILE C 518 28.10 12.42 -20.38
N ARG C 519 29.16 13.21 -20.53
CA ARG C 519 29.08 14.48 -21.26
C ARG C 519 28.87 14.29 -22.76
N ASP C 520 29.06 13.05 -23.24
CA ASP C 520 28.84 12.71 -24.65
C ASP C 520 27.41 12.37 -24.98
N ASN C 521 26.77 11.61 -24.10
CA ASN C 521 25.43 11.12 -24.36
C ASN C 521 24.31 12.09 -23.95
N PHE C 522 24.62 13.04 -23.09
CA PHE C 522 23.59 13.86 -22.46
C PHE C 522 23.69 15.36 -22.74
N THR C 523 23.91 15.70 -24.02
CA THR C 523 24.05 17.09 -24.43
C THR C 523 22.73 17.76 -24.84
N SER C 524 22.06 18.33 -23.83
CA SER C 524 20.91 19.25 -23.97
C SER C 524 19.79 18.88 -24.97
N GLY C 525 19.88 17.69 -25.57
CA GLY C 525 18.98 17.21 -26.60
C GLY C 525 17.54 17.22 -26.13
N SER C 526 17.08 18.43 -25.78
CA SER C 526 15.73 18.67 -25.26
C SER C 526 15.51 17.81 -23.99
N ARG C 527 16.61 17.30 -23.43
CA ARG C 527 16.60 16.63 -22.15
C ARG C 527 17.06 17.63 -21.10
N THR C 528 16.33 17.68 -20.00
CA THR C 528 16.67 18.59 -18.92
C THR C 528 17.43 17.80 -17.83
N SER C 529 18.70 18.16 -17.60
CA SER C 529 19.60 17.36 -16.76
C SER C 529 19.88 18.01 -15.42
N VAL C 530 19.58 17.35 -14.31
CA VAL C 530 19.92 17.87 -12.99
C VAL C 530 21.08 17.07 -12.36
N TYR C 531 22.20 17.72 -12.06
CA TYR C 531 23.35 17.01 -11.49
C TYR C 531 23.52 17.38 -10.04
N ILE C 532 23.65 16.42 -9.15
CA ILE C 532 23.83 16.73 -7.74
C ILE C 532 25.22 16.35 -7.30
N ALA C 533 26.13 17.30 -7.29
CA ALA C 533 27.51 16.95 -7.03
C ALA C 533 28.07 17.64 -5.81
N HIS C 534 29.18 17.12 -5.33
CA HIS C 534 29.85 17.74 -4.21
C HIS C 534 31.29 18.06 -4.58
N ARG C 535 31.75 17.57 -5.71
CA ARG C 535 32.97 18.10 -6.30
C ARG C 535 32.57 19.03 -7.43
N LEU C 536 32.59 20.32 -7.15
CA LEU C 536 32.07 21.31 -8.07
C LEU C 536 32.84 21.30 -9.39
N ARG C 537 34.08 20.81 -9.32
CA ARG C 537 34.97 20.70 -10.46
C ARG C 537 34.32 19.92 -11.60
N THR C 538 33.46 18.97 -11.26
CA THR C 538 32.81 18.10 -12.23
C THR C 538 31.55 18.66 -12.87
N ILE C 539 31.14 19.87 -12.50
CA ILE C 539 29.90 20.45 -13.02
C ILE C 539 30.03 21.89 -13.44
N ALA C 540 31.22 22.29 -13.84
CA ALA C 540 31.54 23.68 -14.16
C ALA C 540 30.97 24.13 -15.47
N ASP C 541 30.47 23.19 -16.26
CA ASP C 541 29.92 23.51 -17.57
C ASP C 541 28.40 23.54 -17.55
N ALA C 542 27.84 23.75 -16.37
CA ALA C 542 26.41 23.74 -16.20
C ALA C 542 25.87 25.07 -16.67
N ASP C 543 24.59 25.10 -16.98
CA ASP C 543 23.91 26.31 -17.43
C ASP C 543 23.45 27.15 -16.25
N LYS C 544 23.33 26.49 -15.09
CA LYS C 544 22.90 27.12 -13.85
C LYS C 544 23.44 26.30 -12.71
N ILE C 545 24.04 26.94 -11.74
CA ILE C 545 24.53 26.26 -10.55
C ILE C 545 23.75 26.80 -9.35
N ILE C 546 23.11 25.93 -8.60
CA ILE C 546 22.35 26.36 -7.43
C ILE C 546 23.08 25.91 -6.19
N VAL C 547 23.57 26.85 -5.38
CA VAL C 547 24.30 26.46 -4.19
C VAL C 547 23.45 26.58 -2.92
N LEU C 548 23.32 25.46 -2.19
CA LEU C 548 22.52 25.39 -0.98
C LEU C 548 23.43 25.32 0.26
N ASP C 549 22.92 25.80 1.39
CA ASP C 549 23.63 25.65 2.65
C ASP C 549 22.66 25.59 3.81
N ASN C 550 22.85 24.61 4.70
CA ASN C 550 21.93 24.36 5.79
C ASN C 550 20.47 24.39 5.37
N GLY C 551 20.20 23.97 4.16
CA GLY C 551 18.84 23.74 3.74
C GLY C 551 18.25 24.88 2.97
N ARG C 552 19.00 25.95 2.77
CA ARG C 552 18.44 27.09 2.08
C ARG C 552 19.25 27.50 0.85
N VAL C 553 18.58 28.04 -0.16
CA VAL C 553 19.23 28.39 -1.41
C VAL C 553 20.05 29.65 -1.21
N ARG C 554 21.36 29.53 -1.13
CA ARG C 554 22.17 30.70 -0.83
C ARG C 554 22.53 31.50 -2.11
N GLU C 555 23.37 30.96 -2.99
CA GLU C 555 23.69 31.63 -4.26
C GLU C 555 23.19 30.83 -5.44
N GLU C 556 23.25 31.42 -6.63
CA GLU C 556 22.58 30.85 -7.77
C GLU C 556 23.00 31.53 -9.04
N GLY C 557 23.91 30.93 -9.80
CA GLY C 557 24.34 31.47 -11.07
C GLY C 557 25.19 30.50 -11.88
N LYS C 558 26.00 31.01 -12.80
CA LYS C 558 26.90 30.15 -13.58
C LYS C 558 28.22 29.94 -12.87
N HIS C 559 29.09 29.13 -13.45
CA HIS C 559 30.35 28.80 -12.80
C HIS C 559 31.24 30.00 -12.64
N LEU C 560 31.67 30.54 -13.77
CA LEU C 560 32.63 31.63 -13.76
C LEU C 560 32.07 32.90 -13.08
N GLU C 561 30.77 33.11 -13.19
CA GLU C 561 30.12 34.30 -12.66
C GLU C 561 29.93 34.19 -11.13
N LEU C 562 29.77 32.97 -10.64
CA LEU C 562 29.68 32.73 -9.21
C LEU C 562 31.04 32.84 -8.57
N LEU C 563 32.06 32.39 -9.28
CA LEU C 563 33.42 32.41 -8.74
C LEU C 563 33.87 33.85 -8.57
N ALA C 564 33.45 34.70 -9.51
CA ALA C 564 33.92 36.07 -9.58
C ALA C 564 33.13 36.96 -8.65
N MET C 565 31.90 36.57 -8.37
CA MET C 565 31.07 37.26 -7.40
C MET C 565 31.81 37.30 -6.06
N PRO C 566 32.06 38.53 -5.54
CA PRO C 566 32.73 38.80 -4.27
C PRO C 566 31.95 38.35 -3.05
N GLY C 567 32.66 37.68 -2.15
CA GLY C 567 32.13 37.13 -0.92
C GLY C 567 31.18 35.99 -1.18
N SER C 568 31.39 35.28 -2.28
CA SER C 568 30.48 34.18 -2.64
C SER C 568 30.84 32.95 -1.81
N LEU C 569 29.84 32.08 -1.61
CA LEU C 569 30.05 30.85 -0.89
C LEU C 569 30.68 29.86 -1.82
N TYR C 570 30.33 29.97 -3.09
CA TYR C 570 30.86 29.07 -4.09
C TYR C 570 32.40 29.08 -4.09
N ARG C 571 33.02 30.26 -4.02
CA ARG C 571 34.48 30.35 -4.00
C ARG C 571 35.07 29.69 -2.77
N GLU C 572 34.35 29.76 -1.67
CA GLU C 572 34.76 29.08 -0.45
C GLU C 572 34.71 27.57 -0.58
N LEU C 573 33.62 27.07 -1.15
CA LEU C 573 33.45 25.65 -1.39
C LEU C 573 34.49 25.20 -2.39
N TRP C 574 34.68 26.01 -3.41
CA TRP C 574 35.65 25.70 -4.43
C TRP C 574 37.04 25.52 -3.82
N THR C 575 37.31 26.33 -2.79
CA THR C 575 38.64 26.37 -2.21
C THR C 575 38.90 25.14 -1.35
N ILE C 576 37.97 24.82 -0.47
CA ILE C 576 38.12 23.66 0.41
C ILE C 576 38.22 22.43 -0.46
N GLN C 577 37.32 22.33 -1.44
CA GLN C 577 37.26 21.18 -2.33
C GLN C 577 38.57 21.04 -3.07
N GLU C 578 39.19 22.17 -3.41
CA GLU C 578 40.43 22.18 -4.14
C GLU C 578 41.56 21.63 -3.29
N ASP C 579 41.76 22.23 -2.12
CA ASP C 579 42.80 21.78 -1.20
C ASP C 579 42.61 20.31 -0.84
N LEU C 580 41.38 19.93 -0.56
CA LEU C 580 41.04 18.57 -0.18
C LEU C 580 41.45 17.55 -1.25
N ASP C 581 41.13 17.85 -2.50
CA ASP C 581 41.46 16.97 -3.59
C ASP C 581 42.99 16.91 -3.69
N HIS C 582 43.66 18.03 -3.44
CA HIS C 582 45.12 18.10 -3.57
C HIS C 582 45.81 17.25 -2.51
N LEU C 583 45.19 17.18 -1.33
CA LEU C 583 45.75 16.48 -0.20
C LEU C 583 45.66 14.97 -0.44
N GLU C 584 44.46 14.48 -0.67
CA GLU C 584 44.25 13.04 -0.82
C GLU C 584 44.92 12.49 -2.07
N ASN C 585 45.31 13.40 -2.97
CA ASN C 585 46.14 13.04 -4.10
C ASN C 585 47.60 12.84 -3.68
N GLU C 586 48.03 13.70 -2.75
CA GLU C 586 49.38 13.62 -2.21
C GLU C 586 49.47 12.40 -1.30
N LEU C 587 48.41 12.17 -0.52
CA LEU C 587 48.34 11.05 0.40
C LEU C 587 48.31 9.70 -0.36
N LYS C 588 47.71 9.71 -1.54
CA LYS C 588 47.75 8.54 -2.41
C LYS C 588 49.23 8.31 -2.77
N ASP C 589 49.95 9.39 -3.13
CA ASP C 589 51.36 9.24 -3.53
C ASP C 589 52.26 8.67 -2.41
N GLN C 590 52.04 9.12 -1.17
CA GLN C 590 52.88 8.76 -0.03
C GLN C 590 52.66 7.35 0.54
N GLN C 591 51.41 6.90 0.52
CA GLN C 591 51.08 5.56 0.95
C GLN C 591 51.77 4.50 0.06
N GLU C 592 51.89 4.81 -1.22
CA GLU C 592 52.57 3.92 -2.16
C GLU C 592 54.02 3.64 -1.72
N LEU C 593 54.72 4.66 -1.24
CA LEU C 593 56.12 4.51 -0.81
C LEU C 593 56.23 3.49 0.32
N TRP C 594 55.33 3.57 1.27
CA TRP C 594 55.40 2.67 2.40
C TRP C 594 54.80 1.29 2.04
N SER C 595 54.09 1.24 0.91
CA SER C 595 53.33 0.07 0.48
C SER C 595 54.17 -1.13 0.02
N HIS C 596 55.39 -0.87 -0.41
CA HIS C 596 56.20 -1.94 -0.97
C HIS C 596 57.46 -2.15 -0.11
N PRO C 597 58.00 -3.40 -0.13
CA PRO C 597 59.30 -3.79 0.46
C PRO C 597 60.52 -3.17 -0.26
N GLN C 598 60.28 -2.03 -0.91
CA GLN C 598 61.30 -1.24 -1.60
C GLN C 598 61.66 -1.78 -2.99
N1 GSH D . 2.97 -40.35 17.96
CA1 GSH D . 3.76 -39.44 17.17
C1 GSH D . 4.88 -40.19 16.51
O11 GSH D . 4.89 -40.38 15.26
O12 GSH D . 5.84 -40.62 17.24
CB1 GSH D . 4.25 -38.28 18.00
CG1 GSH D . 3.65 -36.96 17.57
CD1 GSH D . 4.62 -35.85 18.03
OE1 GSH D . 4.18 -34.94 18.77
N2 GSH D . 5.99 -35.93 17.57
CA2 GSH D . 7.04 -34.98 17.90
C2 GSH D . 7.21 -33.76 16.99
O2 GSH D . 8.28 -33.16 16.93
CB2 GSH D . 8.33 -35.67 18.32
SG2 GSH D . 8.60 -35.34 20.03
N3 GSH D . 6.07 -33.31 16.21
CA3 GSH D . 6.14 -32.16 15.33
C3 GSH D . 5.94 -30.90 16.16
O31 GSH D . 6.48 -29.81 15.79
O32 GSH D . 5.22 -30.94 17.19
#